data_7AIC
#
_entry.id   7AIC
#
_cell.length_a   1.00
_cell.length_b   1.00
_cell.length_c   1.00
_cell.angle_alpha   90.00
_cell.angle_beta   90.00
_cell.angle_gamma   90.00
#
_symmetry.space_group_name_H-M   'P 1'
#
loop_
_entity.id
_entity.type
_entity.pdbx_description
1 polymer 'DNA mismatch repair protein MutS'
2 polymer 'DNA mismatch repair protein MutL'
3 polymer 'DNA (30-MER)'
4 polymer 'DNA (30-MER)'
5 non-polymer 'PHOSPHOAMINOPHOSPHONIC ACID-ADENYLATE ESTER'
#
loop_
_entity_poly.entity_id
_entity_poly.type
_entity_poly.pdbx_seq_one_letter_code
_entity_poly.pdbx_strand_id
1 'polypeptide(L)'
;MSAIENFDAHTPMMQQYLRLKAQHPEILLFYRMGDFYELFYDDAKRASQLLDISLTKRGASAGEPIPMAGIPYHAVENYL
AKLVNQGESVAIAEQIGDPATSKGPVERKVVRIVTPGTISDEALLQERQDNLLAAIWQDSKGFGYATLDISSGRFRLSEP
ADRETMAAELQRTNPAELLYAEDFAEMSLIEGRRGLRRRPLWEFEIDTARQQLNLQFGTRDLVGFGVENAPRGLSAAGAL
LQYAKCTQRTTLPHIRSITMEREQDSIIMDAATRRNLEITQNLAGGAENTLASVLDSTVTPMGSRMLKRWLHMPVRDTRV
LLERQQTIGALQDFTAGLQPVLRQVGDLERILARLALRTARPRDLARMRHAFQQLPELRAQLETVDSAPVQALREKMGEF
AELRDLLERAIIDTPPVLVRDGGVIASGYNEELDEWRALADGATDYLERLEVRERERTGLDTLKVGFNAVHGYYIQISRG
QSHLAPINYMRRQTLKNAERYIIPELKEYEDKVLTSKGKALALEKQLYEELFDLLLPHLEALQQSASALAELDVLVNLAE
RAYTLNYTSPTFIDKPGIRITEGRHPVVEQVLNEPFIANPLNLSPQRRMLIITGPNMGGKSTYMRQTALIALMAYIGSYV
PAQKVEIGPIDRIFTRVGAADDLASGRSTFMVEMTETANILHNATEYSLVLMDEIGRGTSTYDGLSLAWAVAENLANKIK
ALTLFATHYFELTQLPEKMEGVANVHLDALEHGDTIAFMHSVQDGAASKSYGLAVAALAGVPKEVIKRARQKLRELESIS
PNAAATQVDGTQMSLLSVPEETSPAVEALENLDPRSLTPRQALEWIYRLKSLV
;
A,B
2 'polypeptide(L)'
;MGSSHHHHHHSSGLVPRGSHMPIQVLPPQLANQIAAGEVVERPASVVKELVENSLDAGATRIDIDIERGGAKLIRIRDNG
SGIKKDELALALARHATSKIASLDDLEAIISLGFRGEALASISSVSRLTLTSRTAEQQEAWQAYAEGRDMCVTVKPAAHP
VGTTLEVLDLFYNTPARRKFLRTEKTEFNHIDEIIRRIALARFDVTINLSHNGKIVRQYRAVPEGGQKERRLGAILGTAF
LEQALAIEWQHGDLTLRGWVADPNHTTPALAEIQYFYVNGRMMRDRLINHAIRQAYEDKLGADQQPAFVLYLEIDPHQVD
VNVHPAKHEVRFHQSRLVHDFIYQGVLSVLQ
;
C
3 'polydeoxyribonucleotide'
;(DA)(DT)(DG)(DC)(DC)(DT)(DA)(DT)(DA)(DG)(DG)(DG)(DC)(DG)(DA)(DA)(DT)(DT)(DG)(DG)
(DG)(DT)(DA)(DC)(DC)(DG)(DC)(DT)(DG)(DA)
;
D
4 'polydeoxyribonucleotide'
;(DT)(DC)(DA)(DG)(DC)(DG)(DG)(DT)(DA)(DC)(DC)(DC)(DA)(DA)(DT)(DT)(DC)(DG)(DC)(DC)
(DC)(DT)(DA)(DT)(DA)(DG)(DG)(DC)(DA)(DT)
;
E
#
loop_
_chem_comp.id
_chem_comp.type
_chem_comp.name
_chem_comp.formula
ANP non-polymer 'PHOSPHOAMINOPHOSPHONIC ACID-ADENYLATE ESTER' 'C10 H17 N6 O12 P3'
DA DNA linking 2'-DEOXYADENOSINE-5'-MONOPHOSPHATE 'C10 H14 N5 O6 P'
DC DNA linking 2'-DEOXYCYTIDINE-5'-MONOPHOSPHATE 'C9 H14 N3 O7 P'
DG DNA linking 2'-DEOXYGUANOSINE-5'-MONOPHOSPHATE 'C10 H14 N5 O7 P'
DT DNA linking THYMIDINE-5'-MONOPHOSPHATE 'C10 H15 N2 O8 P'
#
# COMPACT_ATOMS: atom_id res chain seq x y z
N ARG A 128 -42.35 35.51 -9.83
CA ARG A 128 -42.30 34.05 -9.48
C ARG A 128 -41.06 33.77 -8.63
N GLN A 129 -41.00 34.37 -7.43
CA GLN A 129 -39.88 34.21 -6.46
C GLN A 129 -40.37 33.51 -5.20
N ASP A 130 -39.45 32.92 -4.43
CA ASP A 130 -39.71 32.18 -3.17
C ASP A 130 -39.07 32.93 -1.99
N ASN A 131 -39.55 32.67 -0.78
CA ASN A 131 -39.00 33.20 0.50
C ASN A 131 -37.95 32.20 1.03
N LEU A 132 -36.67 32.46 0.73
CA LEU A 132 -35.53 31.55 1.04
C LEU A 132 -34.71 32.12 2.21
N LEU A 133 -34.34 31.26 3.16
CA LEU A 133 -33.50 31.57 4.34
C LEU A 133 -32.13 30.89 4.15
N ALA A 134 -31.05 31.51 4.62
CA ALA A 134 -29.66 31.04 4.40
C ALA A 134 -28.74 31.49 5.54
N ALA A 135 -27.54 30.90 5.59
CA ALA A 135 -26.45 31.21 6.56
C ALA A 135 -25.10 30.97 5.89
N ILE A 136 -24.07 31.70 6.32
CA ILE A 136 -22.67 31.56 5.81
C ILE A 136 -21.68 31.80 6.97
N TRP A 137 -20.57 31.07 6.94
CA TRP A 137 -19.45 31.13 7.93
C TRP A 137 -18.15 30.74 7.21
N GLN A 138 -17.00 31.20 7.71
CA GLN A 138 -15.67 30.86 7.16
C GLN A 138 -14.69 30.59 8.29
N ASP A 139 -13.69 29.74 8.02
CA ASP A 139 -12.51 29.49 8.89
C ASP A 139 -11.27 29.96 8.12
N SER A 140 -10.07 29.57 8.56
CA SER A 140 -8.78 29.88 7.89
C SER A 140 -8.70 29.19 6.52
N LYS A 141 -9.42 28.07 6.36
CA LYS A 141 -9.36 27.18 5.16
C LYS A 141 -10.19 27.79 4.01
N GLY A 142 -11.50 27.93 4.20
CA GLY A 142 -12.43 28.42 3.17
C GLY A 142 -13.75 28.92 3.75
N PHE A 143 -14.83 28.81 2.97
CA PHE A 143 -16.21 29.23 3.35
C PHE A 143 -17.13 28.01 3.47
N GLY A 144 -18.20 28.16 4.24
CA GLY A 144 -19.28 27.16 4.41
C GLY A 144 -20.65 27.83 4.31
N TYR A 145 -21.60 27.18 3.65
CA TYR A 145 -22.91 27.76 3.25
C TYR A 145 -24.04 26.75 3.51
N ALA A 146 -25.25 27.27 3.78
CA ALA A 146 -26.50 26.50 3.99
C ALA A 146 -27.71 27.38 3.66
N THR A 147 -28.84 26.75 3.31
CA THR A 147 -30.11 27.43 2.92
C THR A 147 -31.31 26.65 3.48
N LEU A 148 -32.51 27.23 3.36
CA LEU A 148 -33.81 26.62 3.76
C LEU A 148 -34.96 27.40 3.12
N ASP A 149 -35.85 26.69 2.40
CA ASP A 149 -37.17 27.21 1.93
C ASP A 149 -38.24 26.71 2.90
N ILE A 150 -38.98 27.62 3.53
CA ILE A 150 -40.00 27.29 4.58
C ILE A 150 -41.30 26.81 3.90
N SER A 151 -41.46 27.10 2.60
CA SER A 151 -42.64 26.69 1.79
C SER A 151 -42.58 25.18 1.48
N SER A 152 -41.40 24.68 1.07
CA SER A 152 -41.17 23.28 0.64
C SER A 152 -40.54 22.46 1.78
N GLY A 153 -39.45 22.99 2.37
CA GLY A 153 -38.67 22.32 3.43
C GLY A 153 -37.36 21.73 2.90
N ARG A 154 -36.93 22.16 1.71
CA ARG A 154 -35.61 21.82 1.11
C ARG A 154 -34.52 22.46 1.97
N PHE A 155 -33.48 21.69 2.31
CA PHE A 155 -32.30 22.13 3.09
C PHE A 155 -31.04 21.66 2.36
N ARG A 156 -30.15 22.60 1.99
CA ARG A 156 -28.91 22.31 1.23
C ARG A 156 -27.69 22.84 1.99
N LEU A 157 -26.51 22.31 1.65
CA LEU A 157 -25.19 22.65 2.24
C LEU A 157 -24.16 22.74 1.11
N SER A 158 -23.11 23.54 1.30
CA SER A 158 -21.97 23.67 0.36
C SER A 158 -20.74 24.28 1.06
N GLU A 159 -19.56 24.09 0.45
CA GLU A 159 -18.28 24.66 0.91
C GLU A 159 -17.56 25.32 -0.27
N PRO A 160 -18.03 26.50 -0.76
CA PRO A 160 -17.28 27.27 -1.74
C PRO A 160 -15.91 27.67 -1.18
N ALA A 161 -14.82 27.18 -1.78
CA ALA A 161 -13.43 27.35 -1.30
C ALA A 161 -12.95 28.78 -1.53
N ASP A 162 -13.27 29.36 -2.70
CA ASP A 162 -12.81 30.72 -3.12
C ASP A 162 -13.96 31.72 -2.98
N ARG A 163 -13.67 33.01 -3.20
CA ARG A 163 -14.58 34.16 -2.93
C ARG A 163 -15.65 34.26 -4.01
N GLU A 164 -15.27 34.20 -5.29
CA GLU A 164 -16.18 34.42 -6.45
C GLU A 164 -17.25 33.32 -6.48
N THR A 165 -16.85 32.07 -6.25
CA THR A 165 -17.76 30.89 -6.09
C THR A 165 -18.80 31.21 -5.01
N MET A 166 -18.34 31.75 -3.88
CA MET A 166 -19.17 32.09 -2.69
C MET A 166 -20.15 33.23 -3.05
N ALA A 167 -19.67 34.23 -3.77
CA ALA A 167 -20.48 35.39 -4.26
C ALA A 167 -21.54 34.90 -5.25
N ALA A 168 -21.17 33.96 -6.12
CA ALA A 168 -22.05 33.35 -7.15
C ALA A 168 -23.16 32.53 -6.49
N GLU A 169 -22.85 31.85 -5.38
CA GLU A 169 -23.78 30.95 -4.64
C GLU A 169 -24.84 31.80 -3.91
N LEU A 170 -24.43 32.89 -3.27
CA LEU A 170 -25.35 33.89 -2.64
C LEU A 170 -26.25 34.48 -3.74
N GLN A 171 -25.65 34.89 -4.86
CA GLN A 171 -26.33 35.47 -6.04
C GLN A 171 -27.32 34.46 -6.63
N ARG A 172 -26.94 33.17 -6.67
CA ARG A 172 -27.76 32.08 -7.26
C ARG A 172 -29.00 31.85 -6.39
N THR A 173 -28.81 31.53 -5.11
CA THR A 173 -29.88 31.21 -4.12
C THR A 173 -30.74 32.46 -3.88
N ASN A 174 -30.10 33.61 -3.63
CA ASN A 174 -30.77 34.92 -3.38
C ASN A 174 -31.71 34.77 -2.19
N PRO A 175 -31.17 34.51 -0.96
CA PRO A 175 -32.02 34.34 0.22
C PRO A 175 -32.67 35.65 0.68
N ALA A 176 -33.96 35.58 1.03
CA ALA A 176 -34.76 36.69 1.59
C ALA A 176 -34.22 37.09 2.97
N GLU A 177 -33.65 36.13 3.70
CA GLU A 177 -33.04 36.32 5.04
C GLU A 177 -31.69 35.57 5.09
N LEU A 178 -30.63 36.27 5.50
CA LEU A 178 -29.22 35.77 5.46
C LEU A 178 -28.57 35.94 6.83
N LEU A 179 -27.89 34.87 7.28
CA LEU A 179 -27.22 34.89 8.60
C LEU A 179 -25.70 35.01 8.44
N TYR A 180 -25.05 35.75 9.33
CA TYR A 180 -23.57 35.92 9.35
C TYR A 180 -23.09 36.04 10.80
N ALA A 181 -21.95 35.42 11.11
CA ALA A 181 -21.30 35.44 12.44
C ALA A 181 -20.67 36.82 12.67
N GLU A 182 -20.77 37.34 13.89
CA GLU A 182 -20.28 38.69 14.31
C GLU A 182 -18.84 38.92 13.83
N ASP A 183 -18.02 37.86 13.75
CA ASP A 183 -16.58 37.93 13.38
C ASP A 183 -16.35 37.48 11.92
N PHE A 184 -17.37 37.53 11.06
CA PHE A 184 -17.24 37.18 9.62
C PHE A 184 -16.24 38.16 8.98
N ALA A 185 -15.13 37.64 8.45
CA ALA A 185 -13.97 38.42 7.97
C ALA A 185 -14.32 39.15 6.67
N GLU A 186 -14.67 38.40 5.62
CA GLU A 186 -14.91 38.93 4.25
C GLU A 186 -16.35 39.45 4.17
N MET A 187 -16.64 40.56 4.88
CA MET A 187 -17.99 41.18 5.01
C MET A 187 -18.47 41.68 3.64
N SER A 188 -17.55 42.07 2.76
CA SER A 188 -17.81 42.66 1.41
C SER A 188 -18.86 41.84 0.64
N LEU A 189 -18.86 40.52 0.81
CA LEU A 189 -19.83 39.58 0.17
C LEU A 189 -21.26 39.93 0.59
N ILE A 190 -21.48 40.19 1.88
CA ILE A 190 -22.83 40.22 2.52
C ILE A 190 -23.31 41.66 2.75
N GLU A 191 -22.45 42.67 2.60
CA GLU A 191 -22.78 44.09 2.88
C GLU A 191 -23.60 44.68 1.73
N GLY A 192 -23.69 43.96 0.59
CA GLY A 192 -24.56 44.30 -0.55
C GLY A 192 -25.73 43.34 -0.70
N ARG A 193 -26.13 42.67 0.39
CA ARG A 193 -27.26 41.69 0.41
C ARG A 193 -28.38 42.19 1.33
N ARG A 194 -29.57 41.60 1.19
CA ARG A 194 -30.84 42.03 1.84
C ARG A 194 -31.21 41.04 2.95
N GLY A 195 -32.00 41.51 3.93
CA GLY A 195 -32.48 40.71 5.07
C GLY A 195 -31.33 40.13 5.88
N LEU A 196 -30.29 40.92 6.11
CA LEU A 196 -29.04 40.50 6.79
C LEU A 196 -29.29 40.35 8.29
N ARG A 197 -28.72 39.31 8.91
CA ARG A 197 -28.85 39.00 10.35
C ARG A 197 -27.47 38.73 10.96
N ARG A 198 -27.05 39.57 11.90
CA ARG A 198 -25.80 39.40 12.68
C ARG A 198 -26.06 38.41 13.82
N ARG A 199 -25.37 37.27 13.80
CA ARG A 199 -25.52 36.17 14.80
C ARG A 199 -24.24 36.05 15.62
N PRO A 200 -24.31 35.55 16.87
CA PRO A 200 -23.12 35.22 17.66
C PRO A 200 -22.29 34.10 17.02
N LEU A 201 -21.04 33.96 17.46
CA LEU A 201 -20.06 32.95 16.96
C LEU A 201 -20.45 31.56 17.45
N TRP A 202 -20.78 31.43 18.74
CA TRP A 202 -21.02 30.15 19.46
C TRP A 202 -22.13 29.33 18.77
N GLU A 203 -23.10 29.99 18.15
CA GLU A 203 -24.23 29.34 17.41
C GLU A 203 -23.69 28.50 16.24
N PHE A 204 -22.54 28.90 15.67
CA PHE A 204 -21.89 28.24 14.50
C PHE A 204 -20.91 27.16 14.95
N GLU A 205 -20.93 26.76 16.24
CA GLU A 205 -20.04 25.70 16.77
C GLU A 205 -20.53 24.33 16.28
N ILE A 206 -19.60 23.51 15.78
CA ILE A 206 -19.89 22.20 15.10
C ILE A 206 -20.46 21.21 16.12
N ASP A 207 -20.03 21.28 17.39
CA ASP A 207 -20.46 20.36 18.47
C ASP A 207 -21.98 20.41 18.64
N THR A 208 -22.52 21.61 18.90
CA THR A 208 -24.00 21.87 19.03
C THR A 208 -24.68 21.55 17.70
N ALA A 209 -24.10 22.02 16.59
CA ALA A 209 -24.60 21.84 15.21
C ALA A 209 -24.90 20.36 14.95
N ARG A 210 -23.89 19.51 15.08
CA ARG A 210 -24.00 18.03 14.90
C ARG A 210 -25.09 17.49 15.83
N GLN A 211 -25.05 17.87 17.10
CA GLN A 211 -25.98 17.40 18.17
C GLN A 211 -27.42 17.78 17.83
N GLN A 212 -27.65 19.07 17.54
CA GLN A 212 -29.00 19.65 17.25
C GLN A 212 -29.57 19.02 15.97
N LEU A 213 -28.76 18.94 14.91
CA LEU A 213 -29.16 18.43 13.57
C LEU A 213 -29.43 16.91 13.64
N ASN A 214 -28.66 16.19 14.45
CA ASN A 214 -28.85 14.73 14.71
C ASN A 214 -30.25 14.49 15.30
N LEU A 215 -30.64 15.30 16.29
CA LEU A 215 -31.94 15.14 17.02
C LEU A 215 -33.09 15.73 16.19
N GLN A 216 -32.80 16.65 15.28
CA GLN A 216 -33.81 17.24 14.34
C GLN A 216 -34.24 16.15 13.35
N PHE A 217 -33.26 15.49 12.70
CA PHE A 217 -33.48 14.41 11.70
C PHE A 217 -33.77 13.09 12.41
N GLY A 218 -33.37 12.96 13.69
CA GLY A 218 -33.59 11.77 14.52
C GLY A 218 -32.53 10.70 14.27
N THR A 219 -31.47 11.05 13.54
CA THR A 219 -30.32 10.14 13.21
C THR A 219 -29.32 10.14 14.38
N ARG A 220 -28.43 9.14 14.40
CA ARG A 220 -27.28 9.07 15.34
C ARG A 220 -26.03 9.66 14.67
N ASP A 221 -26.10 9.96 13.38
CA ASP A 221 -25.01 10.63 12.61
C ASP A 221 -25.59 11.27 11.33
N LEU A 222 -24.85 12.22 10.76
CA LEU A 222 -25.21 12.92 9.49
C LEU A 222 -24.37 12.36 8.33
N VAL A 223 -23.91 11.10 8.45
CA VAL A 223 -23.11 10.40 7.41
C VAL A 223 -24.01 10.07 6.22
N GLY A 224 -25.30 9.78 6.48
CA GLY A 224 -26.30 9.39 5.47
C GLY A 224 -26.90 10.57 4.73
N PHE A 225 -26.36 11.77 4.94
CA PHE A 225 -26.66 12.99 4.14
C PHE A 225 -25.43 13.38 3.31
N GLY A 226 -24.29 12.74 3.57
CA GLY A 226 -22.99 12.99 2.89
C GLY A 226 -22.41 14.35 3.26
N VAL A 227 -22.78 14.88 4.43
CA VAL A 227 -22.34 16.21 4.92
C VAL A 227 -21.47 16.07 6.18
N GLU A 228 -21.36 14.84 6.72
CA GLU A 228 -20.66 14.56 8.01
C GLU A 228 -19.25 15.17 7.97
N ASN A 229 -18.49 14.89 6.90
CA ASN A 229 -17.11 15.40 6.69
C ASN A 229 -17.18 16.69 5.85
N ALA A 230 -17.97 17.67 6.31
CA ALA A 230 -18.05 19.04 5.76
C ALA A 230 -18.35 20.00 6.90
N PRO A 231 -17.43 20.13 7.89
CA PRO A 231 -17.70 20.87 9.12
C PRO A 231 -17.91 22.38 8.89
N ARG A 232 -17.14 22.94 7.95
CA ARG A 232 -17.17 24.37 7.54
C ARG A 232 -18.60 24.76 7.17
N GLY A 233 -19.26 23.95 6.33
CA GLY A 233 -20.65 24.14 5.89
C GLY A 233 -21.65 23.85 6.99
N LEU A 234 -21.35 22.88 7.86
CA LEU A 234 -22.26 22.44 8.96
C LEU A 234 -22.33 23.52 10.06
N SER A 235 -21.31 24.38 10.15
CA SER A 235 -21.30 25.59 11.03
C SER A 235 -22.45 26.51 10.61
N ALA A 236 -22.61 26.72 9.30
CA ALA A 236 -23.71 27.50 8.69
C ALA A 236 -25.05 26.80 8.93
N ALA A 237 -25.12 25.49 8.61
CA ALA A 237 -26.32 24.63 8.76
C ALA A 237 -26.73 24.58 10.24
N GLY A 238 -25.77 24.37 11.14
CA GLY A 238 -25.96 24.33 12.60
C GLY A 238 -26.54 25.62 13.12
N ALA A 239 -26.00 26.76 12.69
CA ALA A 239 -26.44 28.13 13.04
C ALA A 239 -27.81 28.40 12.40
N LEU A 240 -28.04 27.91 11.18
CA LEU A 240 -29.29 28.12 10.41
C LEU A 240 -30.45 27.42 11.12
N LEU A 241 -30.27 26.17 11.53
CA LEU A 241 -31.34 25.34 12.15
C LEU A 241 -31.68 25.89 13.54
N GLN A 242 -30.68 26.17 14.37
CA GLN A 242 -30.85 26.81 15.70
C GLN A 242 -31.66 28.10 15.53
N TYR A 243 -31.42 28.84 14.45
CA TYR A 243 -32.15 30.07 14.05
C TYR A 243 -33.53 29.69 13.48
N ALA A 244 -33.60 28.59 12.71
CA ALA A 244 -34.85 28.03 12.13
C ALA A 244 -35.80 27.58 13.25
N LYS A 245 -35.26 26.92 14.28
CA LYS A 245 -36.02 26.45 15.46
C LYS A 245 -36.43 27.65 16.33
N CYS A 246 -35.81 28.82 16.14
CA CYS A 246 -36.08 30.09 16.88
C CYS A 246 -36.95 31.05 16.04
N THR A 247 -36.75 31.10 14.72
CA THR A 247 -37.56 31.91 13.77
C THR A 247 -38.97 31.33 13.69
N GLN A 248 -39.07 30.00 13.53
CA GLN A 248 -40.35 29.27 13.31
C GLN A 248 -40.97 28.93 14.68
N ARG A 249 -40.25 28.16 15.50
CA ARG A 249 -40.69 27.66 16.84
C ARG A 249 -41.99 26.85 16.71
N THR A 250 -42.16 26.15 15.59
CA THR A 250 -43.22 25.13 15.38
C THR A 250 -42.54 23.82 14.93
N THR A 251 -43.32 22.74 14.79
CA THR A 251 -42.84 21.44 14.25
C THR A 251 -42.48 21.63 12.78
N LEU A 252 -41.28 21.22 12.38
CA LEU A 252 -40.77 21.30 10.98
C LEU A 252 -40.38 19.91 10.50
N PRO A 253 -41.33 18.94 10.46
CA PRO A 253 -41.05 17.62 9.89
C PRO A 253 -40.92 17.66 8.36
N HIS A 254 -41.35 18.75 7.73
CA HIS A 254 -41.17 19.02 6.28
C HIS A 254 -39.68 19.27 5.99
N ILE A 255 -38.89 19.58 7.01
CA ILE A 255 -37.40 19.43 7.02
C ILE A 255 -37.08 18.04 7.58
N ARG A 256 -36.63 17.12 6.71
CA ARG A 256 -36.36 15.70 7.05
C ARG A 256 -34.96 15.27 6.62
N SER A 257 -34.25 16.11 5.83
CA SER A 257 -32.93 15.77 5.24
C SER A 257 -32.14 17.05 4.91
N ILE A 258 -30.81 16.92 4.92
CA ILE A 258 -29.83 17.89 4.34
C ILE A 258 -28.99 17.09 3.32
N THR A 259 -28.31 17.78 2.40
CA THR A 259 -27.43 17.15 1.38
C THR A 259 -26.27 18.12 1.03
N MET A 260 -25.09 17.57 0.80
CA MET A 260 -23.87 18.31 0.35
C MET A 260 -23.84 18.31 -1.19
N GLU A 261 -23.73 19.50 -1.79
CA GLU A 261 -23.74 19.71 -3.26
C GLU A 261 -22.59 20.63 -3.67
N ARG A 262 -21.35 20.12 -3.62
CA ARG A 262 -20.15 20.76 -4.21
C ARG A 262 -20.07 20.34 -5.68
N GLU A 263 -20.91 20.93 -6.53
CA GLU A 263 -21.02 20.59 -7.97
C GLU A 263 -19.86 21.23 -8.73
N GLN A 264 -18.63 20.79 -8.44
CA GLN A 264 -17.40 21.22 -9.15
C GLN A 264 -17.34 20.46 -10.47
N ASP A 265 -16.42 20.84 -11.36
CA ASP A 265 -16.09 20.08 -12.59
C ASP A 265 -15.65 18.67 -12.17
N SER A 266 -15.12 18.55 -10.95
CA SER A 266 -14.75 17.28 -10.28
C SER A 266 -16.02 16.44 -9.99
N ILE A 267 -15.93 15.12 -10.17
CA ILE A 267 -16.99 14.14 -9.80
C ILE A 267 -17.14 14.14 -8.27
N ILE A 268 -18.38 14.03 -7.78
CA ILE A 268 -18.69 13.91 -6.33
C ILE A 268 -18.69 12.43 -5.95
N MET A 269 -17.69 12.02 -5.16
CA MET A 269 -17.46 10.61 -4.75
C MET A 269 -17.28 10.55 -3.23
N ASP A 270 -18.01 9.65 -2.56
CA ASP A 270 -17.81 9.32 -1.13
C ASP A 270 -16.56 8.43 -1.02
N ALA A 271 -15.87 8.50 0.12
CA ALA A 271 -14.61 7.74 0.39
C ALA A 271 -14.89 6.23 0.32
N ALA A 272 -16.16 5.82 0.39
CA ALA A 272 -16.64 4.43 0.20
C ALA A 272 -16.28 3.93 -1.20
N THR A 273 -16.43 4.78 -2.22
CA THR A 273 -16.03 4.52 -3.63
C THR A 273 -14.51 4.34 -3.70
N ARG A 274 -13.77 5.28 -3.13
CA ARG A 274 -12.28 5.39 -3.23
C ARG A 274 -11.61 4.21 -2.50
N ARG A 275 -12.25 3.69 -1.46
CA ARG A 275 -11.75 2.53 -0.68
C ARG A 275 -12.19 1.21 -1.34
N ASN A 276 -13.33 1.21 -2.05
CA ASN A 276 -13.91 0.00 -2.71
C ASN A 276 -13.31 -0.18 -4.11
N LEU A 277 -13.38 0.85 -4.97
CA LEU A 277 -12.78 0.84 -6.33
C LEU A 277 -11.27 0.61 -6.23
N GLU A 278 -10.68 0.95 -5.07
CA GLU A 278 -9.24 0.81 -4.80
C GLU A 278 -8.48 1.67 -5.80
N ILE A 279 -8.86 2.94 -5.91
CA ILE A 279 -8.25 3.94 -6.83
C ILE A 279 -6.77 4.11 -6.44
N THR A 280 -6.51 4.40 -5.16
CA THR A 280 -5.15 4.61 -4.60
C THR A 280 -4.84 3.60 -3.49
N GLN A 281 -5.85 3.05 -2.81
CA GLN A 281 -5.68 2.20 -1.60
C GLN A 281 -6.60 0.98 -1.68
N ASN A 282 -6.02 -0.23 -1.63
CA ASN A 282 -6.76 -1.52 -1.59
C ASN A 282 -7.45 -1.66 -0.23
N LEU A 283 -8.30 -2.68 -0.06
CA LEU A 283 -9.12 -2.90 1.16
C LEU A 283 -8.20 -3.03 2.39
N ALA A 284 -7.04 -3.67 2.24
CA ALA A 284 -6.05 -3.90 3.32
C ALA A 284 -5.45 -2.57 3.79
N GLY A 285 -5.24 -1.62 2.87
CA GLY A 285 -4.60 -0.31 3.13
C GLY A 285 -3.34 -0.13 2.30
N GLY A 286 -2.90 -1.17 1.58
CA GLY A 286 -1.75 -1.11 0.65
C GLY A 286 -2.11 -0.39 -0.64
N ALA A 287 -1.10 -0.02 -1.44
CA ALA A 287 -1.23 0.64 -2.75
C ALA A 287 -0.85 -0.33 -3.87
N GLU A 288 -1.12 -1.63 -3.66
CA GLU A 288 -0.94 -2.71 -4.67
C GLU A 288 -2.31 -3.22 -5.10
N ASN A 289 -2.44 -3.66 -6.36
CA ASN A 289 -3.71 -4.13 -6.98
C ASN A 289 -4.74 -2.98 -6.98
N THR A 290 -4.26 -1.73 -7.07
CA THR A 290 -5.11 -0.51 -7.17
C THR A 290 -5.21 -0.12 -8.64
N LEU A 291 -6.09 0.83 -8.99
CA LEU A 291 -6.10 1.49 -10.31
C LEU A 291 -4.85 2.38 -10.42
N ALA A 292 -4.41 2.95 -9.29
CA ALA A 292 -3.14 3.73 -9.19
C ALA A 292 -1.99 2.85 -9.68
N SER A 293 -1.66 1.78 -8.94
CA SER A 293 -0.53 0.84 -9.21
C SER A 293 -0.44 0.51 -10.71
N VAL A 294 -1.58 0.22 -11.34
CA VAL A 294 -1.70 -0.14 -12.78
C VAL A 294 -1.31 1.08 -13.63
N LEU A 295 -2.06 2.18 -13.51
CA LEU A 295 -1.85 3.43 -14.29
C LEU A 295 -0.56 4.12 -13.83
N ASP A 296 -0.15 3.92 -12.57
CA ASP A 296 1.06 4.55 -11.97
C ASP A 296 2.30 3.76 -12.42
N SER A 297 2.63 3.82 -13.71
CA SER A 297 3.95 3.47 -14.29
C SER A 297 4.68 4.77 -14.64
N THR A 298 4.29 5.87 -14.00
CA THR A 298 4.81 7.24 -14.21
C THR A 298 6.29 7.28 -13.80
N VAL A 299 7.14 7.90 -14.62
CA VAL A 299 8.63 7.88 -14.45
C VAL A 299 9.03 8.85 -13.33
N THR A 300 8.31 9.97 -13.17
CA THR A 300 8.59 11.01 -12.14
C THR A 300 7.52 10.95 -11.04
N PRO A 301 7.89 11.17 -9.76
CA PRO A 301 6.96 11.09 -8.64
C PRO A 301 5.83 12.13 -8.68
N MET A 302 6.13 13.34 -9.17
CA MET A 302 5.14 14.45 -9.31
C MET A 302 4.10 14.10 -10.37
N GLY A 303 4.41 13.17 -11.27
CA GLY A 303 3.46 12.59 -12.23
C GLY A 303 2.52 11.61 -11.55
N SER A 304 3.07 10.74 -10.69
CA SER A 304 2.33 9.75 -9.86
C SER A 304 1.27 10.46 -9.00
N ARG A 305 1.60 11.64 -8.47
CA ARG A 305 0.73 12.43 -7.56
C ARG A 305 -0.38 13.12 -8.37
N MET A 306 -0.04 13.74 -9.51
CA MET A 306 -1.03 14.41 -10.40
C MET A 306 -1.98 13.36 -10.98
N LEU A 307 -1.47 12.15 -11.27
CA LEU A 307 -2.30 10.97 -11.67
C LEU A 307 -3.28 10.63 -10.55
N LYS A 308 -2.81 10.63 -9.30
CA LYS A 308 -3.61 10.25 -8.09
C LYS A 308 -4.70 11.31 -7.83
N ARG A 309 -4.38 12.61 -8.02
CA ARG A 309 -5.33 13.73 -7.83
C ARG A 309 -6.44 13.65 -8.89
N TRP A 310 -6.07 13.41 -10.15
CA TRP A 310 -7.00 13.23 -11.30
C TRP A 310 -8.03 12.14 -10.97
N LEU A 311 -7.58 11.05 -10.36
CA LEU A 311 -8.40 9.84 -10.08
C LEU A 311 -9.31 10.07 -8.87
N HIS A 312 -8.99 11.04 -8.01
CA HIS A 312 -9.83 11.48 -6.87
C HIS A 312 -10.60 12.74 -7.23
N MET A 313 -10.38 13.27 -8.44
CA MET A 313 -11.00 14.54 -8.92
C MET A 313 -11.23 14.42 -10.43
N PRO A 314 -12.04 13.43 -10.90
CA PRO A 314 -12.25 13.23 -12.33
C PRO A 314 -12.87 14.48 -12.98
N VAL A 315 -12.18 15.05 -13.96
CA VAL A 315 -12.62 16.25 -14.73
C VAL A 315 -13.90 15.90 -15.51
N ARG A 316 -14.87 16.81 -15.58
CA ARG A 316 -16.14 16.63 -16.33
C ARG A 316 -16.44 17.84 -17.23
N ASP A 317 -15.44 18.68 -17.53
CA ASP A 317 -15.52 19.65 -18.64
C ASP A 317 -15.22 18.88 -19.93
N THR A 318 -16.26 18.34 -20.56
CA THR A 318 -16.21 17.42 -21.72
C THR A 318 -15.16 17.90 -22.74
N ARG A 319 -15.02 19.22 -22.90
CA ARG A 319 -13.98 19.86 -23.76
C ARG A 319 -12.58 19.46 -23.27
N VAL A 320 -12.31 19.66 -21.97
CA VAL A 320 -10.99 19.38 -21.32
C VAL A 320 -10.70 17.88 -21.39
N LEU A 321 -11.73 17.04 -21.23
CA LEU A 321 -11.64 15.56 -21.33
C LEU A 321 -11.20 15.16 -22.75
N LEU A 322 -11.81 15.78 -23.77
CA LEU A 322 -11.48 15.53 -25.21
C LEU A 322 -10.07 16.07 -25.51
N GLU A 323 -9.66 17.15 -24.84
CA GLU A 323 -8.29 17.74 -24.95
C GLU A 323 -7.26 16.70 -24.49
N ARG A 324 -7.58 15.91 -23.45
CA ARG A 324 -6.73 14.81 -22.94
C ARG A 324 -6.77 13.62 -23.93
N GLN A 325 -7.96 13.30 -24.46
CA GLN A 325 -8.17 12.11 -25.35
C GLN A 325 -7.46 12.31 -26.69
N GLN A 326 -7.41 13.55 -27.21
CA GLN A 326 -6.71 13.90 -28.47
C GLN A 326 -5.19 13.92 -28.21
N THR A 327 -4.77 14.46 -27.07
CA THR A 327 -3.36 14.48 -26.58
C THR A 327 -2.83 13.04 -26.49
N ILE A 328 -3.60 12.16 -25.83
CA ILE A 328 -3.21 10.76 -25.50
C ILE A 328 -3.11 9.93 -26.80
N GLY A 329 -4.02 10.16 -27.76
CA GLY A 329 -4.02 9.50 -29.08
C GLY A 329 -2.78 9.84 -29.88
N ALA A 330 -2.32 11.09 -29.83
CA ALA A 330 -1.17 11.62 -30.59
C ALA A 330 0.16 11.12 -30.00
N LEU A 331 0.20 10.92 -28.67
CA LEU A 331 1.44 10.57 -27.92
C LEU A 331 1.59 9.05 -27.79
N GLN A 332 0.55 8.29 -28.14
CA GLN A 332 0.53 6.80 -28.15
C GLN A 332 1.78 6.27 -28.88
N ASP A 333 2.09 6.86 -30.05
CA ASP A 333 3.25 6.49 -30.91
C ASP A 333 4.55 6.95 -30.26
N PHE A 334 4.61 8.22 -29.84
CA PHE A 334 5.83 8.91 -29.35
C PHE A 334 6.07 8.66 -27.85
N THR A 335 5.19 7.88 -27.19
CA THR A 335 5.18 7.66 -25.72
C THR A 335 6.57 7.18 -25.26
N ALA A 336 7.16 6.22 -25.98
CA ALA A 336 8.41 5.51 -25.60
C ALA A 336 9.60 6.46 -25.61
N GLY A 337 9.64 7.41 -26.55
CA GLY A 337 10.76 8.35 -26.75
C GLY A 337 10.80 9.43 -25.68
N LEU A 338 9.64 9.88 -25.21
CA LEU A 338 9.48 11.01 -24.24
C LEU A 338 9.79 10.53 -22.81
N GLN A 339 9.38 9.30 -22.46
CA GLN A 339 9.39 8.77 -21.06
C GLN A 339 10.81 8.82 -20.47
N PRO A 340 11.87 8.35 -21.17
CA PRO A 340 13.24 8.46 -20.65
C PRO A 340 13.66 9.89 -20.30
N VAL A 341 13.24 10.86 -21.12
CA VAL A 341 13.55 12.31 -20.98
C VAL A 341 12.85 12.85 -19.73
N LEU A 342 11.66 12.34 -19.43
CA LEU A 342 10.80 12.75 -18.27
C LEU A 342 11.38 12.17 -16.98
N ARG A 343 12.05 11.02 -17.05
CA ARG A 343 12.66 10.32 -15.88
C ARG A 343 13.88 11.11 -15.39
N GLN A 344 14.52 11.89 -16.28
CA GLN A 344 15.68 12.75 -15.97
C GLN A 344 15.24 13.92 -15.07
N VAL A 345 14.00 14.40 -15.25
CA VAL A 345 13.45 15.61 -14.57
C VAL A 345 13.47 15.37 -13.05
N GLY A 346 12.93 14.24 -12.58
CA GLY A 346 12.70 13.95 -11.15
C GLY A 346 11.54 14.77 -10.60
N ASP A 347 11.39 14.82 -9.28
CA ASP A 347 10.31 15.61 -8.63
C ASP A 347 10.75 17.08 -8.54
N LEU A 348 10.59 17.82 -9.64
CA LEU A 348 10.89 19.27 -9.76
C LEU A 348 9.90 20.08 -8.92
N GLU A 349 8.67 19.59 -8.78
CA GLU A 349 7.54 20.29 -8.10
C GLU A 349 7.87 20.53 -6.62
N ARG A 350 8.42 19.52 -5.94
CA ARG A 350 8.77 19.56 -4.49
C ARG A 350 10.08 20.33 -4.29
N ILE A 351 10.96 20.34 -5.30
CA ILE A 351 12.21 21.15 -5.34
C ILE A 351 11.83 22.64 -5.39
N LEU A 352 10.81 22.97 -6.19
CA LEU A 352 10.27 24.36 -6.34
C LEU A 352 9.65 24.84 -5.03
N ALA A 353 9.05 23.92 -4.25
CA ALA A 353 8.45 24.19 -2.92
C ALA A 353 9.56 24.57 -1.93
N ARG A 354 10.71 23.90 -2.00
CA ARG A 354 11.90 24.20 -1.17
C ARG A 354 12.60 25.46 -1.69
N LEU A 355 12.57 25.69 -3.01
CA LEU A 355 13.17 26.89 -3.67
C LEU A 355 12.43 28.15 -3.17
N ALA A 356 11.10 28.09 -3.10
CA ALA A 356 10.21 29.19 -2.64
C ALA A 356 10.48 29.50 -1.16
N LEU A 357 10.69 28.46 -0.34
CA LEU A 357 10.98 28.57 1.12
C LEU A 357 12.44 29.03 1.33
N ARG A 358 13.26 29.02 0.27
CA ARG A 358 14.71 29.37 0.29
C ARG A 358 15.46 28.35 1.15
N THR A 359 15.06 27.06 1.06
CA THR A 359 15.62 25.93 1.84
C THR A 359 16.13 24.84 0.89
N ALA A 360 16.26 25.14 -0.40
CA ALA A 360 16.65 24.18 -1.46
C ALA A 360 18.09 23.71 -1.24
N ARG A 361 18.40 22.49 -1.69
CA ARG A 361 19.73 21.84 -1.54
C ARG A 361 20.42 21.80 -2.91
N PRO A 362 21.77 21.74 -2.96
CA PRO A 362 22.50 21.73 -4.23
C PRO A 362 22.07 20.60 -5.17
N ARG A 363 21.86 19.39 -4.63
CA ARG A 363 21.44 18.23 -5.47
C ARG A 363 20.03 18.50 -6.00
N ASP A 364 19.20 19.20 -5.23
CA ASP A 364 17.85 19.62 -5.70
C ASP A 364 18.02 20.52 -6.93
N LEU A 365 18.93 21.49 -6.85
CA LEU A 365 19.23 22.46 -7.95
C LEU A 365 19.87 21.71 -9.13
N ALA A 366 20.62 20.63 -8.87
CA ALA A 366 21.23 19.76 -9.90
C ALA A 366 20.12 19.05 -10.69
N ARG A 367 19.12 18.50 -10.00
CA ARG A 367 17.94 17.83 -10.60
C ARG A 367 17.15 18.86 -11.44
N MET A 368 17.07 20.11 -10.96
CA MET A 368 16.40 21.25 -11.65
C MET A 368 17.15 21.56 -12.95
N ARG A 369 18.49 21.67 -12.87
CA ARG A 369 19.38 21.91 -14.04
C ARG A 369 19.26 20.73 -15.02
N HIS A 370 19.30 19.50 -14.50
CA HIS A 370 19.15 18.24 -15.27
C HIS A 370 17.81 18.25 -16.01
N ALA A 371 16.77 18.77 -15.36
CA ALA A 371 15.40 18.94 -15.92
C ALA A 371 15.38 20.05 -16.97
N PHE A 372 16.07 21.17 -16.70
CA PHE A 372 16.17 22.34 -17.62
C PHE A 372 16.78 21.92 -18.96
N GLN A 373 17.79 21.04 -18.91
CA GLN A 373 18.53 20.52 -20.10
C GLN A 373 17.60 19.68 -20.99
N GLN A 374 16.51 19.14 -20.43
CA GLN A 374 15.56 18.25 -21.13
C GLN A 374 14.50 19.06 -21.89
N LEU A 375 14.26 20.32 -21.49
CA LEU A 375 13.17 21.17 -22.05
C LEU A 375 13.39 21.41 -23.55
N PRO A 376 14.61 21.76 -24.01
CA PRO A 376 14.90 21.81 -25.45
C PRO A 376 14.58 20.50 -26.20
N GLU A 377 14.95 19.35 -25.60
CA GLU A 377 14.74 17.99 -26.17
C GLU A 377 13.23 17.70 -26.26
N LEU A 378 12.48 18.01 -25.21
CA LEU A 378 11.01 17.77 -25.12
C LEU A 378 10.27 18.70 -26.09
N ARG A 379 10.69 19.96 -26.17
CA ARG A 379 10.12 20.98 -27.10
C ARG A 379 10.28 20.50 -28.55
N ALA A 380 11.34 19.76 -28.86
CA ALA A 380 11.64 19.20 -30.20
C ALA A 380 10.73 18.01 -30.49
N GLN A 381 10.61 17.06 -29.54
CA GLN A 381 9.82 15.81 -29.71
C GLN A 381 8.33 16.15 -29.83
N LEU A 382 7.84 17.10 -29.02
CA LEU A 382 6.40 17.47 -28.94
C LEU A 382 6.03 18.41 -30.11
N GLU A 383 7.02 19.01 -30.78
CA GLU A 383 6.83 19.90 -31.96
C GLU A 383 6.30 19.08 -33.15
N THR A 384 6.81 17.86 -33.32
CA THR A 384 6.45 16.92 -34.42
C THR A 384 5.04 16.36 -34.19
N VAL A 385 4.62 16.23 -32.93
CA VAL A 385 3.32 15.60 -32.52
C VAL A 385 2.18 16.53 -32.96
N ASP A 386 1.21 16.00 -33.71
CA ASP A 386 0.05 16.74 -34.26
C ASP A 386 -1.10 16.68 -33.25
N SER A 387 -1.18 17.69 -32.36
CA SER A 387 -2.22 17.85 -31.32
C SER A 387 -2.09 19.25 -30.70
N ALA A 388 -3.09 20.11 -30.94
CA ALA A 388 -3.11 21.53 -30.49
C ALA A 388 -2.99 21.60 -28.96
N PRO A 389 -3.70 20.74 -28.19
CA PRO A 389 -3.48 20.67 -26.74
C PRO A 389 -2.02 20.35 -26.35
N VAL A 390 -1.36 19.45 -27.09
CA VAL A 390 0.09 19.11 -26.90
C VAL A 390 0.93 20.36 -27.18
N GLN A 391 0.65 21.05 -28.30
CA GLN A 391 1.36 22.28 -28.73
C GLN A 391 1.13 23.39 -27.69
N ALA A 392 -0.06 23.44 -27.08
CA ALA A 392 -0.43 24.37 -25.99
C ALA A 392 0.34 24.00 -24.72
N LEU A 393 0.41 22.71 -24.40
CA LEU A 393 1.19 22.15 -23.26
C LEU A 393 2.69 22.41 -23.48
N ARG A 394 3.14 22.33 -24.73
CA ARG A 394 4.56 22.54 -25.14
C ARG A 394 4.96 24.01 -24.93
N GLU A 395 4.02 24.93 -25.12
CA GLU A 395 4.23 26.39 -24.88
C GLU A 395 4.18 26.67 -23.38
N LYS A 396 3.26 26.01 -22.66
CA LYS A 396 3.19 26.17 -21.18
C LYS A 396 4.52 25.69 -20.58
N MET A 397 5.14 24.67 -21.18
CA MET A 397 6.39 24.09 -20.63
C MET A 397 7.53 25.13 -20.64
N GLY A 398 7.73 25.85 -21.75
CA GLY A 398 8.73 26.93 -21.81
C GLY A 398 10.12 26.44 -22.21
N GLU A 399 10.90 27.26 -22.92
CA GLU A 399 12.30 26.88 -23.26
C GLU A 399 13.19 26.88 -22.03
N PHE A 400 13.12 27.94 -21.21
CA PHE A 400 13.92 28.06 -19.96
C PHE A 400 15.42 27.82 -20.20
N ALA A 401 15.92 28.18 -21.38
CA ALA A 401 17.37 28.04 -21.66
C ALA A 401 18.20 28.97 -20.75
N GLU A 402 17.73 30.20 -20.53
CA GLU A 402 18.53 31.19 -19.73
C GLU A 402 18.71 30.70 -18.29
N LEU A 403 17.66 30.13 -17.69
CA LEU A 403 17.78 29.59 -16.31
C LEU A 403 18.72 28.38 -16.33
N ARG A 404 18.63 27.55 -17.37
CA ARG A 404 19.51 26.35 -17.49
C ARG A 404 20.97 26.79 -17.59
N ASP A 405 21.24 27.81 -18.41
CA ASP A 405 22.64 28.28 -18.61
C ASP A 405 23.19 28.81 -17.28
N LEU A 406 22.38 29.58 -16.54
CA LEU A 406 22.86 30.18 -15.27
C LEU A 406 23.23 29.04 -14.31
N LEU A 407 22.38 28.01 -14.21
CA LEU A 407 22.64 26.91 -13.26
C LEU A 407 23.92 26.16 -13.65
N GLU A 408 24.12 25.94 -14.96
CA GLU A 408 25.33 25.22 -15.44
C GLU A 408 26.58 26.02 -15.03
N ARG A 409 26.62 27.31 -15.41
CA ARG A 409 27.79 28.17 -15.10
C ARG A 409 28.05 28.18 -13.59
N ALA A 410 26.99 28.37 -12.79
CA ALA A 410 27.06 28.54 -11.32
C ALA A 410 27.57 27.26 -10.65
N ILE A 411 26.81 26.17 -10.73
CA ILE A 411 26.99 24.95 -9.87
C ILE A 411 27.92 23.97 -10.58
N ILE A 412 28.63 23.15 -9.80
CA ILE A 412 29.42 21.96 -10.26
C ILE A 412 28.42 20.90 -10.75
N ASP A 413 28.81 20.08 -11.73
CA ASP A 413 27.95 19.07 -12.40
C ASP A 413 27.26 18.19 -11.33
N THR A 414 28.02 17.70 -10.36
CA THR A 414 27.52 16.89 -9.21
C THR A 414 28.12 17.43 -7.91
N PRO A 415 27.43 18.39 -7.23
CA PRO A 415 27.92 18.95 -5.97
C PRO A 415 27.57 18.07 -4.78
N PRO A 416 28.13 18.34 -3.57
CA PRO A 416 27.79 17.54 -2.39
C PRO A 416 26.34 17.75 -1.89
N VAL A 417 25.95 17.00 -0.87
CA VAL A 417 24.54 17.02 -0.35
C VAL A 417 24.13 18.43 0.08
N LEU A 418 24.88 19.03 1.01
CA LEU A 418 24.51 20.34 1.60
C LEU A 418 25.44 21.45 1.07
N VAL A 419 24.99 22.70 1.22
CA VAL A 419 25.78 23.93 0.95
C VAL A 419 26.72 24.17 2.14
N ARG A 420 26.33 23.67 3.32
CA ARG A 420 27.12 23.69 4.58
C ARG A 420 28.57 23.25 4.32
N ASP A 421 28.77 22.26 3.45
CA ASP A 421 30.10 21.66 3.14
C ASP A 421 30.84 22.51 2.10
N GLY A 422 30.13 23.35 1.33
CA GLY A 422 30.69 24.08 0.18
C GLY A 422 30.97 23.15 -0.98
N GLY A 423 31.94 23.49 -1.83
CA GLY A 423 32.28 22.73 -3.05
C GLY A 423 31.06 22.57 -3.96
N VAL A 424 30.21 23.60 -4.00
CA VAL A 424 28.90 23.62 -4.72
C VAL A 424 29.09 24.36 -6.05
N ILE A 425 29.40 25.66 -5.97
CA ILE A 425 29.44 26.62 -7.11
C ILE A 425 30.74 26.40 -7.89
N ALA A 426 30.64 26.08 -9.18
CA ALA A 426 31.77 25.79 -10.10
C ALA A 426 32.61 27.06 -10.32
N SER A 427 33.90 26.89 -10.59
CA SER A 427 34.89 27.95 -10.90
C SER A 427 34.53 28.59 -12.26
N GLY A 428 34.55 29.92 -12.33
CA GLY A 428 34.20 30.69 -13.54
C GLY A 428 32.95 31.52 -13.36
N TYR A 429 32.09 31.17 -12.40
CA TYR A 429 30.86 31.93 -12.06
C TYR A 429 31.25 33.22 -11.33
N ASN A 430 31.86 33.09 -10.14
CA ASN A 430 32.32 34.23 -9.31
C ASN A 430 33.85 34.21 -9.26
N GLU A 431 34.47 35.33 -9.63
CA GLU A 431 35.95 35.54 -9.66
C GLU A 431 36.50 35.48 -8.23
N GLU A 432 35.79 36.08 -7.26
CA GLU A 432 36.23 36.23 -5.85
C GLU A 432 36.09 34.90 -5.10
N LEU A 433 35.11 34.08 -5.47
CA LEU A 433 34.98 32.67 -5.00
C LEU A 433 36.27 31.92 -5.34
N ASP A 434 36.74 32.07 -6.58
CA ASP A 434 37.95 31.40 -7.12
C ASP A 434 39.21 31.99 -6.46
N GLU A 435 39.16 33.27 -6.03
CA GLU A 435 40.26 33.95 -5.30
C GLU A 435 40.46 33.28 -3.94
N TRP A 436 39.39 33.19 -3.14
CA TRP A 436 39.41 32.58 -1.78
C TRP A 436 39.68 31.08 -1.88
N ARG A 437 39.27 30.45 -2.99
CA ARG A 437 39.58 29.03 -3.32
C ARG A 437 41.09 28.88 -3.58
N ALA A 438 41.69 29.84 -4.30
CA ALA A 438 43.11 29.84 -4.71
C ALA A 438 44.03 29.75 -3.48
N LEU A 439 43.63 30.35 -2.35
CA LEU A 439 44.34 30.25 -1.05
C LEU A 439 44.31 28.80 -0.55
N ALA A 440 43.14 28.15 -0.62
CA ALA A 440 42.90 26.77 -0.13
C ALA A 440 43.48 25.74 -1.12
N ASP A 441 43.84 26.17 -2.33
CA ASP A 441 44.44 25.31 -3.40
C ASP A 441 45.97 25.39 -3.33
N GLY A 442 46.52 26.46 -2.76
CA GLY A 442 47.97 26.60 -2.50
C GLY A 442 48.34 26.05 -1.14
N ALA A 443 48.30 24.72 -1.00
CA ALA A 443 48.36 24.01 0.30
C ALA A 443 49.37 22.84 0.24
N THR A 444 49.06 21.81 -0.55
CA THR A 444 49.81 20.51 -0.60
C THR A 444 51.27 20.77 -1.02
N ASP A 445 51.48 21.66 -1.98
CA ASP A 445 52.83 22.02 -2.52
C ASP A 445 53.62 22.78 -1.45
N TYR A 446 52.93 23.65 -0.67
CA TYR A 446 53.51 24.46 0.43
C TYR A 446 54.08 23.53 1.50
N LEU A 447 53.29 22.53 1.91
CA LEU A 447 53.64 21.54 2.96
C LEU A 447 54.71 20.58 2.45
N GLU A 448 54.62 20.19 1.16
CA GLU A 448 55.59 19.28 0.49
C GLU A 448 56.98 19.93 0.50
N ARG A 449 57.07 21.23 0.17
CA ARG A 449 58.32 22.03 0.21
C ARG A 449 58.81 22.15 1.66
N LEU A 450 57.90 22.39 2.60
CA LEU A 450 58.20 22.44 4.06
C LEU A 450 58.72 21.07 4.49
N GLU A 451 57.97 20.00 4.22
CA GLU A 451 58.33 18.59 4.53
C GLU A 451 59.73 18.29 3.99
N VAL A 452 59.98 18.67 2.74
CA VAL A 452 61.29 18.45 2.02
C VAL A 452 62.38 19.30 2.70
N ARG A 453 62.15 20.61 2.86
CA ARG A 453 63.13 21.57 3.42
C ARG A 453 63.50 21.15 4.86
N GLU A 454 62.50 20.77 5.66
CA GLU A 454 62.68 20.38 7.09
C GLU A 454 63.32 18.99 7.17
N ARG A 455 63.05 18.11 6.19
CA ARG A 455 63.68 16.76 6.09
C ARG A 455 65.17 16.93 5.75
N GLU A 456 65.49 17.89 4.87
CA GLU A 456 66.89 18.22 4.45
C GLU A 456 67.66 18.86 5.62
N ARG A 457 67.06 19.87 6.25
CA ARG A 457 67.72 20.75 7.25
C ARG A 457 67.99 19.98 8.56
N THR A 458 66.97 19.28 9.08
CA THR A 458 67.05 18.52 10.36
C THR A 458 67.86 17.23 10.16
N GLY A 459 67.69 16.58 9.00
CA GLY A 459 68.33 15.29 8.66
C GLY A 459 67.51 14.10 9.15
N LEU A 460 66.20 14.29 9.29
CA LEU A 460 65.22 13.27 9.76
C LEU A 460 64.31 12.89 8.59
N ASP A 461 64.45 11.65 8.07
CA ASP A 461 63.78 11.19 6.83
C ASP A 461 62.35 10.70 7.15
N THR A 462 62.08 10.34 8.41
CA THR A 462 60.75 9.91 8.90
C THR A 462 59.85 11.14 9.15
N LEU A 463 60.39 12.35 9.00
CA LEU A 463 59.66 13.63 9.10
C LEU A 463 58.59 13.69 8.00
N LYS A 464 57.32 13.75 8.38
CA LYS A 464 56.15 13.79 7.46
C LYS A 464 55.16 14.87 7.93
N VAL A 465 54.78 15.78 7.05
CA VAL A 465 53.79 16.88 7.32
C VAL A 465 52.43 16.42 6.81
N GLY A 466 51.47 16.23 7.73
CA GLY A 466 50.11 15.74 7.43
C GLY A 466 49.05 16.57 8.13
N PHE A 467 47.79 16.49 7.66
CA PHE A 467 46.62 17.18 8.23
C PHE A 467 45.96 16.29 9.28
N ASN A 468 45.39 16.91 10.33
CA ASN A 468 44.56 16.26 11.37
C ASN A 468 43.32 17.13 11.57
N ALA A 469 42.12 16.57 11.37
CA ALA A 469 40.83 17.28 11.47
C ALA A 469 40.63 17.82 12.90
N VAL A 470 41.17 17.13 13.91
CA VAL A 470 41.03 17.47 15.35
C VAL A 470 41.97 18.64 15.69
N HIS A 471 43.26 18.52 15.37
CA HIS A 471 44.35 19.44 15.83
C HIS A 471 44.79 20.40 14.70
N GLY A 472 44.66 20.00 13.44
CA GLY A 472 45.14 20.76 12.26
C GLY A 472 46.35 20.09 11.63
N TYR A 473 47.12 20.86 10.85
CA TYR A 473 48.38 20.37 10.21
C TYR A 473 49.48 20.28 11.28
N TYR A 474 50.34 19.26 11.14
CA TYR A 474 51.41 18.91 12.12
C TYR A 474 52.66 18.45 11.37
N ILE A 475 53.76 18.25 12.10
CA ILE A 475 55.02 17.61 11.59
C ILE A 475 55.34 16.42 12.51
N GLN A 476 55.09 15.20 12.01
CA GLN A 476 55.33 13.92 12.76
C GLN A 476 56.75 13.42 12.46
N ILE A 477 57.50 13.10 13.52
CA ILE A 477 58.85 12.46 13.45
C ILE A 477 58.80 11.18 14.30
N SER A 478 59.45 10.11 13.83
CA SER A 478 59.57 8.80 14.54
C SER A 478 60.26 9.02 15.90
N ARG A 479 59.87 8.24 16.91
CA ARG A 479 60.22 8.45 18.34
C ARG A 479 61.75 8.47 18.53
N GLY A 480 62.48 7.63 17.79
CA GLY A 480 63.95 7.57 17.79
C GLY A 480 64.58 8.86 17.32
N GLN A 481 63.91 9.58 16.42
CA GLN A 481 64.39 10.83 15.77
C GLN A 481 63.59 12.05 16.26
N SER A 482 62.68 11.86 17.22
CA SER A 482 61.75 12.89 17.74
C SER A 482 62.52 13.99 18.49
N HIS A 483 63.44 13.60 19.37
CA HIS A 483 64.20 14.51 20.28
C HIS A 483 65.46 15.05 19.57
N LEU A 484 65.71 14.65 18.32
CA LEU A 484 66.80 15.19 17.47
C LEU A 484 66.30 16.41 16.67
N ALA A 485 65.01 16.74 16.79
CA ALA A 485 64.35 17.89 16.10
C ALA A 485 64.84 19.20 16.71
N PRO A 486 64.83 20.32 15.94
CA PRO A 486 65.36 21.59 16.42
C PRO A 486 64.42 22.35 17.37
N ILE A 487 64.84 23.54 17.81
CA ILE A 487 64.19 24.34 18.90
C ILE A 487 62.97 25.10 18.36
N ASN A 488 62.86 25.27 17.03
CA ASN A 488 61.72 25.95 16.35
C ASN A 488 60.43 25.14 16.55
N TYR A 489 60.55 23.82 16.75
CA TYR A 489 59.43 22.85 16.82
C TYR A 489 58.77 22.91 18.21
N MET A 490 57.51 23.37 18.26
CA MET A 490 56.66 23.39 19.48
C MET A 490 55.80 22.13 19.50
N ARG A 491 55.73 21.45 20.65
CA ARG A 491 54.96 20.18 20.82
C ARG A 491 53.45 20.49 20.69
N ARG A 492 52.76 19.74 19.84
CA ARG A 492 51.30 19.83 19.61
C ARG A 492 50.63 18.53 20.08
N GLN A 493 51.08 17.38 19.55
CA GLN A 493 50.50 16.03 19.80
C GLN A 493 51.61 15.05 20.14
N THR A 494 51.53 14.40 21.30
CA THR A 494 52.40 13.25 21.72
C THR A 494 51.71 11.95 21.34
N LEU A 495 52.36 11.11 20.53
CA LEU A 495 51.84 9.78 20.10
C LEU A 495 52.70 8.67 20.70
N LYS A 496 52.29 7.42 20.48
CA LYS A 496 52.95 6.18 20.97
C LYS A 496 54.23 5.92 20.17
N ASN A 497 54.17 6.06 18.85
CA ASN A 497 55.25 5.67 17.90
C ASN A 497 55.97 6.90 17.33
N ALA A 498 55.62 8.11 17.77
CA ALA A 498 56.08 9.38 17.15
C ALA A 498 55.82 10.57 18.08
N GLU A 499 56.31 11.76 17.68
CA GLU A 499 56.05 13.06 18.34
C GLU A 499 55.68 14.08 17.26
N ARG A 500 54.41 14.52 17.23
CA ARG A 500 53.89 15.55 16.28
C ARG A 500 54.15 16.94 16.87
N TYR A 501 54.49 17.91 16.01
CA TYR A 501 54.87 19.29 16.38
C TYR A 501 54.07 20.31 15.56
N ILE A 502 54.22 21.59 15.93
CA ILE A 502 53.70 22.78 15.18
C ILE A 502 54.79 23.85 15.19
N ILE A 503 54.91 24.62 14.09
CA ILE A 503 55.91 25.71 13.92
C ILE A 503 55.18 26.96 13.40
N PRO A 504 55.74 28.17 13.56
CA PRO A 504 55.04 29.40 13.19
C PRO A 504 54.60 29.46 11.71
N GLU A 505 55.47 29.00 10.80
CA GLU A 505 55.22 29.00 9.33
C GLU A 505 53.95 28.18 9.04
N LEU A 506 53.85 26.97 9.61
CA LEU A 506 52.64 26.09 9.53
C LEU A 506 51.46 26.80 10.17
N LYS A 507 51.61 27.21 11.44
CA LYS A 507 50.57 27.86 12.27
C LYS A 507 50.03 29.10 11.55
N GLU A 508 50.91 29.85 10.88
CA GLU A 508 50.55 31.02 10.02
C GLU A 508 49.78 30.49 8.79
N TYR A 509 50.32 29.48 8.11
CA TYR A 509 49.73 28.83 6.92
C TYR A 509 48.39 28.19 7.28
N GLU A 510 48.27 27.68 8.51
CA GLU A 510 47.04 27.06 9.07
C GLU A 510 45.91 28.10 9.13
N ASP A 511 46.25 29.36 9.43
CA ASP A 511 45.28 30.48 9.55
C ASP A 511 44.75 30.87 8.17
N LYS A 512 45.65 31.10 7.19
CA LYS A 512 45.28 31.55 5.82
C LYS A 512 44.39 30.49 5.15
N VAL A 513 44.60 29.20 5.45
CA VAL A 513 43.76 28.09 4.92
C VAL A 513 42.39 28.13 5.60
N LEU A 514 42.35 27.96 6.94
CA LEU A 514 41.10 27.78 7.72
C LEU A 514 40.14 28.95 7.47
N THR A 515 40.65 30.19 7.40
CA THR A 515 39.87 31.43 7.22
C THR A 515 39.36 31.49 5.77
N SER A 516 40.22 31.24 4.78
CA SER A 516 39.91 31.28 3.32
C SER A 516 38.81 30.27 2.99
N LYS A 517 38.89 29.06 3.57
CA LYS A 517 37.84 28.01 3.45
C LYS A 517 36.50 28.63 3.87
N GLY A 518 36.43 29.18 5.08
CA GLY A 518 35.23 29.78 5.69
C GLY A 518 34.68 30.95 4.89
N LYS A 519 35.55 31.84 4.42
CA LYS A 519 35.16 33.07 3.66
C LYS A 519 34.65 32.68 2.27
N ALA A 520 35.36 31.79 1.57
CA ALA A 520 34.94 31.18 0.27
C ALA A 520 33.62 30.45 0.47
N LEU A 521 33.52 29.69 1.57
CA LEU A 521 32.34 28.88 1.97
C LEU A 521 31.16 29.80 2.29
N ALA A 522 31.42 30.91 3.02
CA ALA A 522 30.42 31.94 3.39
C ALA A 522 29.88 32.61 2.11
N LEU A 523 30.78 32.97 1.19
CA LEU A 523 30.46 33.52 -0.16
C LEU A 523 29.59 32.53 -0.93
N GLU A 524 29.85 31.22 -0.76
CA GLU A 524 29.12 30.12 -1.43
C GLU A 524 27.67 30.10 -0.94
N LYS A 525 27.44 30.24 0.38
CA LYS A 525 26.09 30.30 1.00
C LYS A 525 25.35 31.56 0.52
N GLN A 526 26.05 32.69 0.45
CA GLN A 526 25.48 34.01 0.07
C GLN A 526 25.08 34.00 -1.40
N LEU A 527 25.99 33.56 -2.30
CA LEU A 527 25.71 33.40 -3.75
C LEU A 527 24.52 32.45 -3.94
N TYR A 528 24.53 31.32 -3.21
CA TYR A 528 23.49 30.26 -3.27
C TYR A 528 22.12 30.83 -2.89
N GLU A 529 22.08 31.74 -1.91
CA GLU A 529 20.87 32.50 -1.49
C GLU A 529 20.53 33.53 -2.57
N GLU A 530 21.54 34.14 -3.18
CA GLU A 530 21.41 35.12 -4.29
C GLU A 530 20.80 34.44 -5.52
N LEU A 531 21.07 33.13 -5.70
CA LEU A 531 20.52 32.31 -6.81
C LEU A 531 18.99 32.19 -6.66
N PHE A 532 18.46 32.27 -5.44
CA PHE A 532 17.00 32.29 -5.17
C PHE A 532 16.39 33.60 -5.70
N ASP A 533 17.11 34.73 -5.54
CA ASP A 533 16.68 36.07 -6.03
C ASP A 533 16.61 36.07 -7.56
N LEU A 534 17.42 35.23 -8.23
CA LEU A 534 17.48 35.12 -9.71
C LEU A 534 16.42 34.14 -10.23
N LEU A 535 16.00 33.16 -9.42
CA LEU A 535 15.08 32.06 -9.83
C LEU A 535 13.62 32.41 -9.48
N LEU A 536 13.38 33.05 -8.34
CA LEU A 536 11.99 33.39 -7.88
C LEU A 536 11.23 34.24 -8.92
N PRO A 537 11.82 35.21 -9.67
CA PRO A 537 11.08 35.89 -10.72
C PRO A 537 10.29 34.94 -11.66
N HIS A 538 10.86 33.78 -11.98
CA HIS A 538 10.25 32.73 -12.85
C HIS A 538 9.51 31.70 -12.00
N LEU A 539 9.67 31.72 -10.67
CA LEU A 539 9.06 30.68 -9.79
C LEU A 539 7.63 30.34 -10.27
N GLU A 540 6.78 31.34 -10.44
CA GLU A 540 5.38 31.14 -10.92
C GLU A 540 5.40 30.33 -12.22
N ALA A 541 6.22 30.74 -13.18
CA ALA A 541 6.34 30.13 -14.53
C ALA A 541 6.93 28.72 -14.43
N LEU A 542 7.80 28.48 -13.44
CA LEU A 542 8.44 27.16 -13.19
C LEU A 542 7.42 26.19 -12.59
N GLN A 543 6.56 26.66 -11.70
CA GLN A 543 5.43 25.88 -11.10
C GLN A 543 4.48 25.43 -12.21
N GLN A 544 4.07 26.39 -13.06
CA GLN A 544 3.23 26.17 -14.27
C GLN A 544 3.89 25.10 -15.15
N SER A 545 5.18 25.28 -15.43
CA SER A 545 6.03 24.36 -16.22
C SER A 545 6.11 22.99 -15.53
N ALA A 546 6.33 22.97 -14.22
CA ALA A 546 6.42 21.75 -13.38
C ALA A 546 5.10 20.98 -13.43
N SER A 547 3.98 21.69 -13.24
CA SER A 547 2.60 21.16 -13.34
C SER A 547 2.36 20.59 -14.74
N ALA A 548 2.82 21.32 -15.77
CA ALA A 548 2.74 20.92 -17.20
C ALA A 548 3.62 19.70 -17.46
N LEU A 549 4.84 19.68 -16.90
CA LEU A 549 5.79 18.54 -17.00
C LEU A 549 5.21 17.32 -16.27
N ALA A 550 4.65 17.53 -15.08
CA ALA A 550 3.96 16.50 -14.27
C ALA A 550 2.75 15.98 -15.06
N GLU A 551 1.98 16.89 -15.67
CA GLU A 551 0.79 16.57 -16.51
C GLU A 551 1.23 15.78 -17.74
N LEU A 552 2.35 16.16 -18.36
CA LEU A 552 2.95 15.45 -19.53
C LEU A 552 3.27 14.00 -19.14
N ASP A 553 3.97 13.81 -18.00
CA ASP A 553 4.35 12.46 -17.49
C ASP A 553 3.10 11.60 -17.36
N VAL A 554 2.06 12.13 -16.69
CA VAL A 554 0.73 11.46 -16.52
C VAL A 554 0.21 11.06 -17.90
N LEU A 555 0.00 12.05 -18.77
CA LEU A 555 -0.58 11.91 -20.13
C LEU A 555 0.22 10.86 -20.93
N VAL A 556 1.54 11.00 -20.97
CA VAL A 556 2.47 10.10 -21.71
C VAL A 556 2.40 8.70 -21.08
N ASN A 557 2.30 8.62 -19.75
CA ASN A 557 2.13 7.34 -19.00
C ASN A 557 0.79 6.70 -19.39
N LEU A 558 -0.30 7.48 -19.37
CA LEU A 558 -1.67 7.02 -19.72
C LEU A 558 -1.70 6.59 -21.20
N ALA A 559 -1.00 7.32 -22.08
CA ALA A 559 -0.84 7.00 -23.51
C ALA A 559 -0.06 5.69 -23.66
N GLU A 560 0.95 5.46 -22.82
CA GLU A 560 1.76 4.22 -22.79
C GLU A 560 0.89 3.04 -22.33
N ARG A 561 0.09 3.23 -21.27
CA ARG A 561 -0.81 2.18 -20.71
C ARG A 561 -1.89 1.84 -21.73
N ALA A 562 -2.48 2.84 -22.39
CA ALA A 562 -3.51 2.69 -23.45
C ALA A 562 -2.91 1.92 -24.65
N TYR A 563 -1.67 2.26 -25.02
CA TYR A 563 -0.88 1.59 -26.08
C TYR A 563 -0.59 0.14 -25.65
N THR A 564 -0.16 -0.05 -24.41
CA THR A 564 0.24 -1.36 -23.81
C THR A 564 -1.00 -2.26 -23.67
N LEU A 565 -2.06 -1.75 -23.05
CA LEU A 565 -3.23 -2.54 -22.59
C LEU A 565 -4.40 -2.43 -23.59
N ASN A 566 -4.16 -1.87 -24.78
CA ASN A 566 -5.13 -1.82 -25.90
C ASN A 566 -6.43 -1.17 -25.38
N TYR A 567 -6.33 0.03 -24.82
CA TYR A 567 -7.48 0.84 -24.32
C TYR A 567 -8.05 1.67 -25.47
N THR A 568 -9.35 1.98 -25.40
CA THR A 568 -10.13 2.74 -26.42
C THR A 568 -10.49 4.11 -25.84
N SER A 569 -10.75 5.09 -26.72
CA SER A 569 -11.22 6.47 -26.37
C SER A 569 -12.74 6.47 -26.26
N PRO A 570 -13.32 6.60 -25.03
CA PRO A 570 -14.78 6.74 -24.90
C PRO A 570 -15.23 8.15 -25.27
N THR A 571 -16.29 8.26 -26.08
CA THR A 571 -16.88 9.55 -26.55
C THR A 571 -18.13 9.85 -25.72
N PHE A 572 -18.24 11.09 -25.22
CA PHE A 572 -19.29 11.53 -24.25
C PHE A 572 -20.53 11.98 -25.03
N ILE A 573 -21.71 11.53 -24.59
CA ILE A 573 -23.04 11.90 -25.17
C ILE A 573 -23.75 12.85 -24.21
N ASP A 574 -24.96 13.29 -24.54
CA ASP A 574 -25.72 14.36 -23.83
C ASP A 574 -26.52 13.77 -22.67
N LYS A 575 -27.13 12.60 -22.85
CA LYS A 575 -28.01 11.95 -21.83
C LYS A 575 -27.22 10.90 -21.04
N PRO A 576 -27.55 10.67 -19.75
CA PRO A 576 -26.77 9.77 -18.91
C PRO A 576 -26.89 8.30 -19.33
N GLY A 577 -25.76 7.62 -19.52
CA GLY A 577 -25.70 6.21 -19.94
C GLY A 577 -24.34 5.81 -20.46
N ILE A 578 -23.93 4.58 -20.20
CA ILE A 578 -22.61 3.98 -20.60
C ILE A 578 -22.90 2.78 -21.51
N ARG A 579 -22.43 2.81 -22.75
CA ARG A 579 -22.51 1.68 -23.72
C ARG A 579 -21.11 1.10 -23.94
N ILE A 580 -20.75 0.10 -23.14
CA ILE A 580 -19.44 -0.63 -23.21
C ILE A 580 -19.59 -1.79 -24.19
N THR A 581 -18.62 -1.95 -25.09
CA THR A 581 -18.52 -3.07 -26.07
C THR A 581 -17.33 -3.96 -25.70
N GLU A 582 -17.59 -5.15 -25.17
CA GLU A 582 -16.56 -6.13 -24.72
C GLU A 582 -15.55 -5.43 -23.80
N GLY A 583 -16.06 -4.74 -22.77
CA GLY A 583 -15.23 -4.03 -21.77
C GLY A 583 -14.76 -4.95 -20.67
N ARG A 584 -13.75 -4.52 -19.91
CA ARG A 584 -13.05 -5.37 -18.89
C ARG A 584 -12.66 -4.51 -17.69
N HIS A 585 -12.43 -5.17 -16.55
CA HIS A 585 -11.95 -4.56 -15.28
C HIS A 585 -10.49 -4.19 -15.44
N PRO A 586 -10.15 -2.88 -15.47
CA PRO A 586 -8.80 -2.43 -15.84
C PRO A 586 -7.68 -2.94 -14.91
N VAL A 587 -8.01 -3.24 -13.66
CA VAL A 587 -7.06 -3.67 -12.59
C VAL A 587 -7.07 -5.20 -12.52
N VAL A 588 -8.26 -5.79 -12.37
CA VAL A 588 -8.48 -7.25 -12.16
C VAL A 588 -7.88 -8.03 -13.35
N GLU A 589 -8.00 -7.49 -14.58
CA GLU A 589 -7.46 -8.12 -15.81
C GLU A 589 -5.93 -8.19 -15.74
N GLN A 590 -5.29 -7.20 -15.11
CA GLN A 590 -3.80 -7.03 -15.10
C GLN A 590 -3.16 -8.08 -14.17
N VAL A 591 -3.67 -8.23 -12.95
CA VAL A 591 -3.05 -9.05 -11.86
C VAL A 591 -3.55 -10.51 -11.96
N LEU A 592 -4.73 -10.73 -12.55
CA LEU A 592 -5.30 -12.09 -12.74
C LEU A 592 -4.46 -12.86 -13.77
N ASN A 593 -4.11 -14.12 -13.45
CA ASN A 593 -3.29 -15.02 -14.31
C ASN A 593 -4.06 -15.34 -15.59
N GLU A 594 -5.35 -15.66 -15.47
CA GLU A 594 -6.27 -15.97 -16.61
C GLU A 594 -6.73 -14.67 -17.25
N PRO A 595 -7.17 -14.66 -18.54
CA PRO A 595 -7.66 -13.44 -19.18
C PRO A 595 -9.03 -13.04 -18.65
N PHE A 596 -9.28 -11.74 -18.54
CA PHE A 596 -10.62 -11.28 -18.12
C PHE A 596 -11.62 -11.65 -19.22
N ILE A 597 -12.80 -12.16 -18.84
CA ILE A 597 -13.83 -12.43 -19.88
C ILE A 597 -14.47 -11.07 -20.22
N ALA A 598 -14.44 -10.67 -21.48
CA ALA A 598 -14.92 -9.32 -21.85
C ALA A 598 -16.42 -9.19 -21.52
N ASN A 599 -16.82 -8.05 -20.96
CA ASN A 599 -18.23 -7.86 -20.52
C ASN A 599 -18.88 -6.65 -21.23
N PRO A 600 -20.04 -6.77 -21.92
CA PRO A 600 -20.70 -5.61 -22.50
C PRO A 600 -21.65 -4.96 -21.48
N LEU A 601 -21.87 -3.65 -21.60
CA LEU A 601 -22.87 -2.90 -20.79
C LEU A 601 -23.62 -1.93 -21.71
N ASN A 602 -24.95 -1.85 -21.55
CA ASN A 602 -25.82 -0.88 -22.25
C ASN A 602 -26.67 -0.16 -21.20
N LEU A 603 -26.11 0.89 -20.58
CA LEU A 603 -26.83 1.81 -19.68
C LEU A 603 -27.30 3.03 -20.48
N SER A 604 -28.54 3.45 -20.24
CA SER A 604 -29.21 4.63 -20.84
C SER A 604 -30.34 5.06 -19.89
N PRO A 605 -31.02 6.20 -20.10
CA PRO A 605 -32.15 6.57 -19.26
C PRO A 605 -33.39 5.69 -19.53
N GLN A 606 -33.31 4.78 -20.51
CA GLN A 606 -34.33 3.74 -20.81
C GLN A 606 -33.98 2.46 -20.05
N ARG A 607 -32.75 1.95 -20.22
CA ARG A 607 -32.16 0.85 -19.40
C ARG A 607 -31.26 1.49 -18.33
N ARG A 608 -31.87 2.03 -17.28
CA ARG A 608 -31.20 2.88 -16.25
C ARG A 608 -31.01 2.09 -14.94
N MET A 609 -31.19 0.76 -14.99
CA MET A 609 -30.87 -0.15 -13.86
C MET A 609 -30.73 -1.58 -14.37
N LEU A 610 -29.76 -2.33 -13.82
CA LEU A 610 -29.49 -3.75 -14.13
C LEU A 610 -29.44 -4.55 -12.82
N ILE A 611 -30.40 -5.46 -12.62
CA ILE A 611 -30.38 -6.45 -11.50
C ILE A 611 -29.39 -7.54 -11.86
N ILE A 612 -28.19 -7.52 -11.25
CA ILE A 612 -27.11 -8.50 -11.51
C ILE A 612 -27.11 -9.54 -10.38
N THR A 613 -27.73 -10.70 -10.64
CA THR A 613 -27.71 -11.90 -9.75
C THR A 613 -26.70 -12.91 -10.30
N GLY A 614 -26.48 -14.00 -9.57
CA GLY A 614 -25.59 -15.11 -9.97
C GLY A 614 -24.79 -15.65 -8.78
N PRO A 615 -23.68 -16.38 -9.03
CA PRO A 615 -22.86 -16.94 -7.95
C PRO A 615 -21.84 -15.94 -7.38
N ASN A 616 -21.14 -16.37 -6.32
CA ASN A 616 -19.89 -15.75 -5.82
C ASN A 616 -18.73 -16.28 -6.68
N MET A 617 -17.87 -15.39 -7.16
CA MET A 617 -16.98 -15.59 -8.34
C MET A 617 -17.83 -15.78 -9.60
N GLY A 618 -19.05 -15.26 -9.61
CA GLY A 618 -19.87 -15.08 -10.82
C GLY A 618 -19.35 -13.92 -11.65
N GLY A 619 -18.90 -12.86 -10.96
CA GLY A 619 -18.42 -11.61 -11.57
C GLY A 619 -19.41 -10.46 -11.34
N LYS A 620 -20.32 -10.60 -10.37
CA LYS A 620 -21.30 -9.56 -9.98
C LYS A 620 -20.54 -8.26 -9.66
N SER A 621 -19.67 -8.33 -8.65
CA SER A 621 -18.90 -7.18 -8.09
C SER A 621 -17.86 -6.69 -9.10
N THR A 622 -17.31 -7.58 -9.92
CA THR A 622 -16.28 -7.25 -10.95
C THR A 622 -16.93 -6.38 -12.03
N TYR A 623 -18.01 -6.89 -12.66
CA TYR A 623 -18.78 -6.19 -13.73
C TYR A 623 -19.36 -4.87 -13.17
N MET A 624 -19.67 -4.82 -11.87
CA MET A 624 -20.18 -3.57 -11.21
C MET A 624 -19.00 -2.61 -10.99
N ARG A 625 -17.84 -3.07 -10.49
CA ARG A 625 -16.68 -2.20 -10.18
C ARG A 625 -15.92 -1.87 -11.47
N GLN A 626 -15.96 -2.77 -12.47
CA GLN A 626 -15.33 -2.53 -13.81
C GLN A 626 -16.05 -1.35 -14.47
N THR A 627 -17.38 -1.27 -14.33
CA THR A 627 -18.24 -0.18 -14.88
C THR A 627 -17.85 1.14 -14.21
N ALA A 628 -17.62 1.12 -12.89
CA ALA A 628 -17.29 2.30 -12.06
C ALA A 628 -15.93 2.88 -12.47
N LEU A 629 -14.92 2.02 -12.64
CA LEU A 629 -13.54 2.41 -13.06
C LEU A 629 -13.60 2.99 -14.48
N ILE A 630 -14.31 2.32 -15.38
CA ILE A 630 -14.51 2.72 -16.81
C ILE A 630 -15.01 4.16 -16.87
N ALA A 631 -16.04 4.50 -16.08
CA ALA A 631 -16.60 5.86 -15.94
C ALA A 631 -15.50 6.81 -15.44
N LEU A 632 -14.80 6.41 -14.38
CA LEU A 632 -13.75 7.23 -13.71
C LEU A 632 -12.56 7.40 -14.65
N MET A 633 -12.15 6.33 -15.34
CA MET A 633 -11.03 6.34 -16.32
C MET A 633 -11.41 7.15 -17.56
N ALA A 634 -12.69 7.13 -17.95
CA ALA A 634 -13.24 7.96 -19.04
C ALA A 634 -13.18 9.45 -18.63
N TYR A 635 -13.39 9.73 -17.34
CA TYR A 635 -13.49 11.10 -16.77
C TYR A 635 -12.14 11.55 -16.19
N ILE A 636 -11.04 10.93 -16.61
CA ILE A 636 -9.66 11.49 -16.50
C ILE A 636 -9.11 11.73 -17.91
N GLY A 637 -9.99 11.69 -18.93
CA GLY A 637 -9.63 11.89 -20.34
C GLY A 637 -8.72 10.80 -20.87
N SER A 638 -8.51 9.73 -20.09
CA SER A 638 -7.63 8.58 -20.41
C SER A 638 -8.42 7.55 -21.23
N TYR A 639 -7.73 6.79 -22.08
CA TYR A 639 -8.32 5.70 -22.88
C TYR A 639 -8.77 4.59 -21.93
N VAL A 640 -9.99 4.08 -22.16
CA VAL A 640 -10.76 3.25 -21.19
C VAL A 640 -10.53 1.77 -21.47
N PRO A 641 -10.53 0.91 -20.43
CA PRO A 641 -10.42 -0.54 -20.60
C PRO A 641 -11.66 -1.18 -21.24
N ALA A 642 -11.77 -1.09 -22.57
CA ALA A 642 -12.84 -1.72 -23.37
C ALA A 642 -12.45 -1.69 -24.85
N GLN A 643 -13.21 -2.40 -25.69
CA GLN A 643 -13.07 -2.40 -27.18
C GLN A 643 -13.67 -1.10 -27.72
N LYS A 644 -14.74 -0.61 -27.08
CA LYS A 644 -15.48 0.61 -27.47
C LYS A 644 -16.44 1.01 -26.34
N VAL A 645 -16.47 2.30 -25.96
CA VAL A 645 -17.41 2.87 -24.95
C VAL A 645 -17.99 4.17 -25.49
N GLU A 646 -19.29 4.40 -25.25
CA GLU A 646 -20.00 5.68 -25.49
C GLU A 646 -20.77 6.02 -24.19
N ILE A 647 -20.30 7.04 -23.46
CA ILE A 647 -20.72 7.33 -22.06
C ILE A 647 -21.40 8.70 -22.01
N GLY A 648 -22.34 8.88 -21.07
CA GLY A 648 -23.10 10.13 -20.86
C GLY A 648 -22.74 10.78 -19.53
N PRO A 649 -23.28 11.98 -19.21
CA PRO A 649 -22.91 12.71 -18.00
C PRO A 649 -23.16 11.90 -16.71
N ILE A 650 -22.09 11.61 -15.98
CA ILE A 650 -22.10 10.99 -14.62
C ILE A 650 -21.45 11.97 -13.65
N ASP A 651 -22.25 12.62 -12.81
CA ASP A 651 -21.83 13.74 -11.92
C ASP A 651 -21.37 13.19 -10.56
N ARG A 652 -22.06 12.17 -10.05
CA ARG A 652 -21.72 11.60 -8.72
C ARG A 652 -21.52 10.08 -8.81
N ILE A 653 -20.33 9.58 -8.49
CA ILE A 653 -20.11 8.10 -8.47
C ILE A 653 -20.21 7.65 -7.01
N PHE A 654 -21.16 6.77 -6.69
CA PHE A 654 -21.37 6.36 -5.28
C PHE A 654 -21.34 4.83 -5.16
N THR A 655 -20.62 4.27 -4.18
CA THR A 655 -20.46 2.79 -4.07
C THR A 655 -20.79 2.34 -2.65
N ARG A 656 -21.18 1.07 -2.47
CA ARG A 656 -21.56 0.51 -1.14
C ARG A 656 -20.76 -0.78 -0.92
N VAL A 657 -20.15 -1.00 0.26
CA VAL A 657 -19.44 -2.26 0.63
C VAL A 657 -19.42 -2.39 2.16
N GLY A 658 -19.48 -3.61 2.68
CA GLY A 658 -19.47 -3.91 4.12
C GLY A 658 -18.14 -3.54 4.77
N ALA A 659 -18.18 -3.11 6.04
CA ALA A 659 -16.99 -2.82 6.87
C ALA A 659 -16.22 -4.12 7.14
N VAL A 672 -23.66 1.00 9.65
CA VAL A 672 -22.64 1.32 8.60
C VAL A 672 -23.30 1.23 7.22
N GLU A 673 -24.09 0.18 6.97
CA GLU A 673 -24.71 -0.13 5.66
C GLU A 673 -25.76 0.93 5.31
N MET A 674 -26.87 0.97 6.06
CA MET A 674 -28.02 1.89 5.84
C MET A 674 -27.50 3.33 5.71
N THR A 675 -26.48 3.66 6.51
CA THR A 675 -25.83 4.99 6.58
C THR A 675 -25.41 5.45 5.17
N GLU A 676 -24.69 4.60 4.44
CA GLU A 676 -24.10 4.96 3.11
C GLU A 676 -25.19 4.95 2.03
N THR A 677 -26.11 3.96 2.06
CA THR A 677 -27.20 3.80 1.08
C THR A 677 -28.09 5.05 1.08
N ALA A 678 -28.39 5.59 2.26
CA ALA A 678 -29.21 6.81 2.47
C ALA A 678 -28.54 8.02 1.81
N ASN A 679 -27.23 8.20 2.03
CA ASN A 679 -26.42 9.27 1.39
C ASN A 679 -26.58 9.18 -0.13
N ILE A 680 -26.68 7.96 -0.67
CA ILE A 680 -26.72 7.73 -2.16
C ILE A 680 -28.13 8.06 -2.60
N LEU A 681 -29.12 7.64 -1.87
CA LEU A 681 -30.54 7.96 -2.18
C LEU A 681 -30.75 9.48 -2.19
N HIS A 682 -30.29 10.17 -1.15
CA HIS A 682 -30.48 11.63 -0.93
C HIS A 682 -29.72 12.44 -1.99
N ASN A 683 -28.47 12.05 -2.30
CA ASN A 683 -27.53 12.82 -3.15
C ASN A 683 -27.73 12.47 -4.64
N ALA A 684 -27.99 11.20 -4.97
CA ALA A 684 -28.02 10.68 -6.36
C ALA A 684 -29.13 11.37 -7.16
N THR A 685 -28.82 11.72 -8.42
CA THR A 685 -29.69 12.44 -9.39
C THR A 685 -29.98 11.52 -10.57
N GLU A 686 -30.65 12.04 -11.61
CA GLU A 686 -30.91 11.34 -12.91
C GLU A 686 -29.57 10.94 -13.55
N TYR A 687 -28.51 11.72 -13.31
CA TYR A 687 -27.21 11.64 -14.01
C TYR A 687 -26.19 10.82 -13.19
N SER A 688 -26.38 10.71 -11.87
CA SER A 688 -25.43 10.07 -10.92
C SER A 688 -25.32 8.57 -11.20
N LEU A 689 -24.11 8.02 -11.10
CA LEU A 689 -23.81 6.57 -11.22
C LEU A 689 -23.91 5.94 -9.82
N VAL A 690 -24.86 5.01 -9.63
CA VAL A 690 -25.09 4.30 -8.34
C VAL A 690 -24.56 2.86 -8.47
N LEU A 691 -23.75 2.44 -7.51
CA LEU A 691 -23.08 1.11 -7.47
C LEU A 691 -23.45 0.40 -6.17
N MET A 692 -24.69 -0.06 -6.06
CA MET A 692 -25.24 -0.79 -4.87
C MET A 692 -24.72 -2.23 -4.89
N ASP A 693 -23.98 -2.63 -3.86
CA ASP A 693 -23.42 -4.01 -3.79
C ASP A 693 -24.05 -4.74 -2.59
N GLU A 694 -25.03 -5.64 -2.83
CA GLU A 694 -25.68 -6.48 -1.80
C GLU A 694 -26.39 -5.60 -0.78
N ILE A 695 -27.40 -4.83 -1.22
CA ILE A 695 -28.25 -4.09 -0.25
C ILE A 695 -29.09 -5.20 0.37
N GLY A 696 -29.27 -5.17 1.69
CA GLY A 696 -30.05 -6.19 2.40
C GLY A 696 -29.23 -7.18 3.19
N ARG A 697 -28.00 -6.81 3.58
CA ARG A 697 -27.18 -7.59 4.54
C ARG A 697 -27.67 -7.14 5.92
N GLY A 698 -28.91 -7.48 6.27
CA GLY A 698 -29.49 -6.93 7.51
C GLY A 698 -29.77 -7.92 8.63
N THR A 699 -31.03 -8.27 8.88
CA THR A 699 -31.43 -9.07 10.06
C THR A 699 -32.52 -10.08 9.69
N SER A 700 -32.86 -10.23 8.41
CA SER A 700 -33.88 -11.20 7.93
C SER A 700 -33.78 -11.43 6.42
N THR A 701 -34.66 -12.31 5.92
CA THR A 701 -34.91 -12.60 4.49
C THR A 701 -35.59 -11.39 3.84
N TYR A 702 -36.46 -10.70 4.58
CA TYR A 702 -37.48 -9.75 4.05
C TYR A 702 -37.07 -8.29 4.29
N ASP A 703 -36.46 -7.97 5.43
CA ASP A 703 -36.01 -6.58 5.75
C ASP A 703 -35.11 -6.07 4.62
N GLY A 704 -34.15 -6.91 4.18
CA GLY A 704 -33.18 -6.59 3.12
C GLY A 704 -33.83 -6.57 1.75
N LEU A 705 -34.70 -7.56 1.47
CA LEU A 705 -35.42 -7.73 0.18
C LEU A 705 -36.40 -6.57 -0.02
N SER A 706 -37.20 -6.26 1.01
CA SER A 706 -38.22 -5.17 1.01
C SER A 706 -37.54 -3.82 0.75
N LEU A 707 -36.42 -3.55 1.44
CA LEU A 707 -35.63 -2.29 1.30
C LEU A 707 -35.05 -2.22 -0.12
N ALA A 708 -34.34 -3.26 -0.56
CA ALA A 708 -33.75 -3.39 -1.91
C ALA A 708 -34.83 -3.14 -2.97
N TRP A 709 -36.03 -3.70 -2.77
CA TRP A 709 -37.20 -3.55 -3.66
C TRP A 709 -37.65 -2.09 -3.71
N ALA A 710 -37.69 -1.42 -2.55
CA ALA A 710 -38.10 0.00 -2.41
C ALA A 710 -37.04 0.93 -3.02
N VAL A 711 -35.75 0.62 -2.79
CA VAL A 711 -34.59 1.41 -3.27
C VAL A 711 -34.50 1.31 -4.80
N ALA A 712 -34.64 0.10 -5.36
CA ALA A 712 -34.62 -0.17 -6.81
C ALA A 712 -35.84 0.48 -7.47
N GLU A 713 -37.01 0.41 -6.83
CA GLU A 713 -38.25 1.11 -7.28
C GLU A 713 -37.98 2.62 -7.29
N ASN A 714 -37.49 3.17 -6.17
CA ASN A 714 -37.22 4.63 -6.00
C ASN A 714 -36.35 5.14 -7.15
N LEU A 715 -35.26 4.43 -7.45
CA LEU A 715 -34.20 4.83 -8.42
C LEU A 715 -34.64 4.50 -9.87
N ALA A 716 -35.76 3.79 -10.04
CA ALA A 716 -36.40 3.49 -11.34
C ALA A 716 -37.70 4.29 -11.49
N ASN A 717 -38.42 4.51 -10.39
CA ASN A 717 -39.75 5.17 -10.35
C ASN A 717 -39.56 6.68 -10.24
N LYS A 718 -38.80 7.14 -9.24
CA LYS A 718 -38.72 8.57 -8.83
C LYS A 718 -37.46 9.22 -9.42
N ILE A 719 -36.27 8.77 -8.97
CA ILE A 719 -34.96 9.44 -9.24
C ILE A 719 -34.50 9.10 -10.67
N LYS A 720 -34.67 7.84 -11.10
CA LYS A 720 -34.30 7.34 -12.46
C LYS A 720 -32.79 7.57 -12.67
N ALA A 721 -32.00 7.36 -11.62
CA ALA A 721 -30.52 7.45 -11.62
C ALA A 721 -29.92 6.26 -12.38
N LEU A 722 -28.74 6.42 -12.97
CA LEU A 722 -27.92 5.30 -13.50
C LEU A 722 -27.52 4.42 -12.31
N THR A 723 -28.18 3.27 -12.16
CA THR A 723 -28.07 2.40 -10.96
C THR A 723 -27.60 1.01 -11.38
N LEU A 724 -26.60 0.47 -10.67
CA LEU A 724 -26.20 -0.96 -10.73
C LEU A 724 -26.43 -1.56 -9.33
N PHE A 725 -27.29 -2.57 -9.26
CA PHE A 725 -27.79 -3.19 -8.01
C PHE A 725 -27.39 -4.67 -7.99
N ALA A 726 -26.09 -4.97 -7.94
CA ALA A 726 -25.55 -6.34 -7.82
C ALA A 726 -25.86 -6.87 -6.43
N THR A 727 -26.67 -7.93 -6.38
CA THR A 727 -27.25 -8.50 -5.14
C THR A 727 -27.49 -9.99 -5.35
N HIS A 728 -27.73 -10.74 -4.27
CA HIS A 728 -28.03 -12.20 -4.27
C HIS A 728 -29.55 -12.42 -4.32
N TYR A 729 -30.35 -11.35 -4.18
CA TYR A 729 -31.82 -11.41 -4.10
C TYR A 729 -32.39 -11.70 -5.49
N PHE A 730 -32.56 -12.99 -5.78
CA PHE A 730 -33.26 -13.54 -6.98
C PHE A 730 -34.74 -13.12 -6.97
N GLU A 731 -35.27 -12.76 -5.80
CA GLU A 731 -36.67 -12.28 -5.62
C GLU A 731 -36.82 -10.93 -6.32
N LEU A 732 -35.76 -10.12 -6.37
CA LEU A 732 -35.72 -8.79 -7.04
C LEU A 732 -35.85 -8.95 -8.56
N THR A 733 -35.61 -10.15 -9.10
CA THR A 733 -35.68 -10.46 -10.56
C THR A 733 -37.13 -10.38 -11.05
N GLN A 734 -38.07 -10.03 -10.17
CA GLN A 734 -39.50 -9.77 -10.48
C GLN A 734 -39.73 -8.26 -10.61
N LEU A 735 -38.66 -7.46 -10.67
CA LEU A 735 -38.68 -5.98 -10.82
C LEU A 735 -38.80 -5.58 -12.29
N PRO A 736 -38.07 -6.21 -13.25
CA PRO A 736 -38.16 -5.81 -14.66
C PRO A 736 -39.60 -5.86 -15.21
N GLU A 737 -40.42 -6.78 -14.69
CA GLU A 737 -41.86 -6.92 -15.03
C GLU A 737 -42.70 -5.92 -14.22
N LYS A 738 -42.24 -5.57 -13.02
CA LYS A 738 -42.92 -4.60 -12.11
C LYS A 738 -42.61 -3.17 -12.57
N MET A 739 -41.33 -2.87 -12.83
CA MET A 739 -40.79 -1.51 -13.06
C MET A 739 -40.54 -1.28 -14.56
N GLU A 740 -40.45 -0.01 -14.97
CA GLU A 740 -39.97 0.45 -16.30
C GLU A 740 -38.60 1.10 -16.12
N GLY A 741 -37.59 0.61 -16.86
CA GLY A 741 -36.20 1.07 -16.77
C GLY A 741 -35.27 -0.01 -16.26
N VAL A 742 -35.80 -0.94 -15.45
CA VAL A 742 -35.07 -2.08 -14.83
C VAL A 742 -34.96 -3.20 -15.87
N ALA A 743 -33.82 -3.92 -15.88
CA ALA A 743 -33.53 -5.04 -16.81
C ALA A 743 -32.83 -6.17 -16.04
N ASN A 744 -33.31 -7.40 -16.22
CA ASN A 744 -32.75 -8.63 -15.60
C ASN A 744 -31.47 -9.02 -16.36
N VAL A 745 -30.35 -9.10 -15.64
CA VAL A 745 -29.05 -9.68 -16.14
C VAL A 745 -28.50 -10.62 -15.06
N HIS A 746 -27.60 -11.52 -15.44
CA HIS A 746 -26.94 -12.46 -14.50
C HIS A 746 -25.63 -12.98 -15.11
N LEU A 747 -24.70 -13.40 -14.24
CA LEU A 747 -23.41 -14.02 -14.61
C LEU A 747 -23.60 -15.55 -14.64
N ASP A 748 -23.92 -16.09 -15.81
CA ASP A 748 -24.25 -17.53 -16.01
C ASP A 748 -23.08 -18.38 -15.51
N ALA A 749 -23.37 -19.37 -14.66
CA ALA A 749 -22.40 -20.37 -14.14
C ALA A 749 -22.95 -21.78 -14.34
N LEU A 750 -22.20 -22.63 -15.02
CA LEU A 750 -22.59 -24.03 -15.38
C LEU A 750 -21.74 -25.00 -14.56
N GLU A 751 -22.40 -25.79 -13.70
CA GLU A 751 -21.76 -26.73 -12.75
C GLU A 751 -21.70 -28.13 -13.38
N HIS A 752 -20.47 -28.62 -13.59
CA HIS A 752 -20.24 -29.97 -14.19
C HIS A 752 -19.49 -30.83 -13.16
N GLY A 753 -20.00 -32.02 -12.87
CA GLY A 753 -19.48 -32.92 -11.81
C GLY A 753 -19.72 -32.32 -10.43
N ASP A 754 -18.69 -32.35 -9.57
CA ASP A 754 -18.70 -31.72 -8.23
C ASP A 754 -18.23 -30.26 -8.35
N THR A 755 -17.30 -30.00 -9.28
CA THR A 755 -16.72 -28.65 -9.54
C THR A 755 -17.70 -27.84 -10.41
N ILE A 756 -17.39 -26.55 -10.61
CA ILE A 756 -18.28 -25.56 -11.31
C ILE A 756 -17.43 -24.69 -12.23
N ALA A 757 -18.02 -24.19 -13.32
CA ALA A 757 -17.45 -23.16 -14.23
C ALA A 757 -18.36 -21.93 -14.23
N PHE A 758 -17.76 -20.75 -13.97
CA PHE A 758 -18.41 -19.42 -14.04
C PHE A 758 -18.07 -18.80 -15.39
N MET A 759 -19.06 -18.61 -16.27
CA MET A 759 -18.85 -18.06 -17.63
C MET A 759 -18.22 -16.67 -17.53
N HIS A 760 -18.43 -15.96 -16.40
CA HIS A 760 -17.94 -14.58 -16.13
C HIS A 760 -18.45 -13.65 -17.24
N SER A 761 -19.51 -14.05 -17.93
CA SER A 761 -20.12 -13.37 -19.09
C SER A 761 -21.55 -12.96 -18.74
N VAL A 762 -21.89 -11.67 -18.91
CA VAL A 762 -23.21 -11.11 -18.52
C VAL A 762 -24.24 -11.57 -19.56
N GLN A 763 -25.27 -12.28 -19.10
CA GLN A 763 -26.37 -12.85 -19.91
C GLN A 763 -27.70 -12.25 -19.44
N ASP A 764 -28.64 -12.03 -20.36
CA ASP A 764 -29.97 -11.41 -20.08
C ASP A 764 -30.85 -12.46 -19.40
N GLY A 765 -31.08 -12.31 -18.08
CA GLY A 765 -31.87 -13.26 -17.27
C GLY A 765 -31.61 -13.10 -15.78
N ALA A 766 -31.65 -14.20 -15.03
CA ALA A 766 -31.53 -14.25 -13.55
C ALA A 766 -30.68 -15.46 -13.13
N ALA A 767 -30.22 -15.44 -11.87
CA ALA A 767 -29.44 -16.54 -11.24
C ALA A 767 -30.30 -17.80 -11.18
N SER A 768 -29.73 -18.94 -11.58
CA SER A 768 -30.43 -20.26 -11.66
C SER A 768 -30.68 -20.81 -10.25
N LYS A 769 -29.68 -20.75 -9.37
CA LYS A 769 -29.73 -21.44 -8.05
C LYS A 769 -28.72 -20.84 -7.07
N SER A 770 -28.57 -21.46 -5.90
CA SER A 770 -27.56 -21.17 -4.85
C SER A 770 -26.19 -21.75 -5.26
N TYR A 771 -25.09 -21.11 -4.85
CA TYR A 771 -23.75 -21.58 -5.29
C TYR A 771 -22.76 -21.60 -4.11
N GLY A 772 -23.13 -21.10 -2.95
CA GLY A 772 -22.27 -21.15 -1.74
C GLY A 772 -21.71 -22.54 -1.51
N LEU A 773 -22.50 -23.57 -1.84
CA LEU A 773 -22.12 -25.01 -1.72
C LEU A 773 -20.97 -25.33 -2.67
N ALA A 774 -21.06 -24.86 -3.92
CA ALA A 774 -20.04 -25.03 -4.98
C ALA A 774 -18.77 -24.24 -4.61
N VAL A 775 -18.93 -23.03 -4.06
CA VAL A 775 -17.83 -22.14 -3.64
C VAL A 775 -17.15 -22.73 -2.39
N ALA A 776 -17.94 -23.23 -1.44
CA ALA A 776 -17.47 -23.74 -0.13
C ALA A 776 -16.26 -24.67 -0.34
N ALA A 777 -16.38 -25.64 -1.25
CA ALA A 777 -15.29 -26.58 -1.64
C ALA A 777 -14.09 -25.79 -2.17
N LEU A 778 -14.35 -24.80 -3.04
CA LEU A 778 -13.32 -23.97 -3.71
C LEU A 778 -12.64 -23.05 -2.69
N ALA A 779 -13.25 -22.84 -1.51
CA ALA A 779 -12.68 -22.08 -0.38
C ALA A 779 -11.82 -23.01 0.50
N GLY A 780 -12.01 -24.34 0.40
CA GLY A 780 -11.17 -25.31 1.13
C GLY A 780 -11.96 -26.20 2.07
N VAL A 781 -13.20 -25.83 2.43
CA VAL A 781 -14.07 -26.55 3.40
C VAL A 781 -14.05 -28.04 3.08
N PRO A 782 -14.01 -28.94 4.08
CA PRO A 782 -14.04 -30.38 3.83
C PRO A 782 -15.36 -30.78 3.13
N LYS A 783 -15.29 -31.68 2.14
CA LYS A 783 -16.48 -32.07 1.34
C LYS A 783 -17.46 -32.78 2.26
N GLU A 784 -16.98 -33.41 3.34
CA GLU A 784 -17.86 -34.17 4.26
C GLU A 784 -18.93 -33.24 4.86
N VAL A 785 -18.53 -32.02 5.27
CA VAL A 785 -19.54 -31.05 5.78
C VAL A 785 -20.48 -30.63 4.65
N ILE A 786 -19.98 -30.47 3.42
CA ILE A 786 -20.88 -30.16 2.26
C ILE A 786 -21.83 -31.34 2.05
N LYS A 787 -21.40 -32.59 2.21
CA LYS A 787 -22.35 -33.69 1.94
C LYS A 787 -23.53 -33.53 2.90
N ARG A 788 -23.26 -33.14 4.16
CA ARG A 788 -24.37 -32.86 5.10
C ARG A 788 -25.11 -31.59 4.65
N ALA A 789 -24.39 -30.54 4.27
CA ALA A 789 -25.03 -29.26 3.89
C ALA A 789 -25.92 -29.43 2.66
N ARG A 790 -25.49 -30.19 1.66
CA ARG A 790 -26.30 -30.46 0.45
C ARG A 790 -27.55 -31.25 0.86
N GLN A 791 -27.41 -32.21 1.77
CA GLN A 791 -28.57 -32.98 2.28
C GLN A 791 -29.52 -32.02 3.00
N LYS A 792 -28.98 -31.09 3.79
CA LYS A 792 -29.82 -30.08 4.49
C LYS A 792 -30.53 -29.22 3.44
N LEU A 793 -29.81 -28.83 2.39
CA LEU A 793 -30.40 -28.00 1.30
C LEU A 793 -31.52 -28.79 0.62
N ARG A 794 -31.34 -30.10 0.43
CA ARG A 794 -32.37 -30.95 -0.23
C ARG A 794 -33.66 -30.95 0.61
N GLU A 795 -33.55 -31.02 1.94
CA GLU A 795 -34.75 -30.94 2.81
C GLU A 795 -35.40 -29.56 2.64
N LEU A 796 -34.58 -28.51 2.60
CA LEU A 796 -35.10 -27.12 2.41
C LEU A 796 -35.74 -26.98 1.02
N GLU A 797 -35.16 -27.62 0.00
CA GLU A 797 -35.70 -27.55 -1.38
C GLU A 797 -37.11 -28.16 -1.42
N SER A 798 -37.34 -29.22 -0.66
CA SER A 798 -38.67 -29.89 -0.63
C SER A 798 -39.71 -28.87 -0.15
N ILE A 799 -39.37 -28.05 0.84
CA ILE A 799 -40.30 -26.97 1.30
C ILE A 799 -40.37 -25.90 0.20
N SER A 800 -39.22 -25.37 -0.21
CA SER A 800 -39.18 -24.28 -1.23
C SER A 800 -37.93 -24.44 -2.12
N ARG B 128 2.86 -47.61 18.60
CA ARG B 128 4.31 -47.81 18.95
C ARG B 128 5.19 -47.37 17.77
N GLN B 129 5.09 -48.10 16.65
CA GLN B 129 5.78 -47.78 15.36
C GLN B 129 4.73 -47.31 14.35
N ASP B 130 4.98 -46.15 13.71
CA ASP B 130 4.12 -45.57 12.64
C ASP B 130 4.88 -45.59 11.31
N ASN B 131 4.18 -45.85 10.21
CA ASN B 131 4.69 -45.65 8.83
C ASN B 131 4.36 -44.21 8.41
N LEU B 132 5.27 -43.28 8.72
CA LEU B 132 5.11 -41.82 8.48
C LEU B 132 6.02 -41.38 7.34
N LEU B 133 5.46 -40.68 6.35
CA LEU B 133 6.23 -40.00 5.26
C LEU B 133 6.41 -38.53 5.65
N ALA B 134 7.60 -37.98 5.39
CA ALA B 134 7.96 -36.58 5.77
C ALA B 134 8.95 -36.00 4.75
N ALA B 135 9.12 -34.67 4.79
CA ALA B 135 10.04 -33.89 3.94
C ALA B 135 10.52 -32.66 4.71
N ILE B 136 11.74 -32.19 4.42
CA ILE B 136 12.34 -30.98 5.03
C ILE B 136 13.13 -30.21 3.97
N TRP B 137 13.15 -28.89 4.09
CA TRP B 137 13.84 -27.93 3.18
C TRP B 137 14.17 -26.66 3.99
N GLN B 138 15.20 -25.92 3.59
CA GLN B 138 15.59 -24.64 4.23
C GLN B 138 15.95 -23.61 3.15
N ASP B 139 15.75 -22.33 3.48
CA ASP B 139 16.22 -21.16 2.69
C ASP B 139 17.23 -20.40 3.55
N SER B 140 17.56 -19.15 3.18
CA SER B 140 18.46 -18.25 3.95
C SER B 140 17.82 -17.87 5.29
N LYS B 141 16.48 -17.90 5.37
CA LYS B 141 15.69 -17.41 6.53
C LYS B 141 15.66 -18.48 7.64
N GLY B 142 15.13 -19.67 7.35
CA GLY B 142 14.98 -20.75 8.34
C GLY B 142 14.75 -22.11 7.68
N PHE B 143 14.04 -23.01 8.38
CA PHE B 143 13.70 -24.37 7.91
C PHE B 143 12.18 -24.49 7.69
N GLY B 144 11.79 -25.45 6.84
CA GLY B 144 10.40 -25.83 6.55
C GLY B 144 10.23 -27.34 6.59
N TYR B 145 9.13 -27.83 7.17
CA TYR B 145 8.90 -29.27 7.47
C TYR B 145 7.45 -29.65 7.15
N ALA B 146 7.25 -30.90 6.70
CA ALA B 146 5.93 -31.49 6.40
C ALA B 146 5.97 -33.01 6.65
N THR B 147 4.81 -33.61 6.94
CA THR B 147 4.63 -35.07 7.20
C THR B 147 3.34 -35.55 6.54
N LEU B 148 3.15 -36.88 6.49
CA LEU B 148 1.89 -37.53 6.03
C LEU B 148 1.87 -38.99 6.54
N ASP B 149 0.84 -39.35 7.31
CA ASP B 149 0.57 -40.75 7.74
C ASP B 149 -0.44 -41.37 6.77
N ILE B 150 -0.07 -42.49 6.13
CA ILE B 150 -0.89 -43.16 5.09
C ILE B 150 -1.95 -44.04 5.77
N SER B 151 -1.77 -44.34 7.06
CA SER B 151 -2.73 -45.14 7.88
C SER B 151 -3.97 -44.31 8.21
N SER B 152 -3.78 -43.06 8.66
CA SER B 152 -4.85 -42.14 9.11
C SER B 152 -5.22 -41.15 8.01
N GLY B 153 -4.24 -40.44 7.45
CA GLY B 153 -4.42 -39.37 6.45
C GLY B 153 -4.22 -37.99 7.03
N ARG B 154 -3.61 -37.90 8.21
CA ARG B 154 -3.16 -36.63 8.85
C ARG B 154 -2.00 -36.06 8.03
N PHE B 155 -2.08 -34.78 7.65
CA PHE B 155 -1.11 -34.06 6.79
C PHE B 155 -0.76 -32.72 7.44
N ARG B 156 0.44 -32.62 8.03
CA ARG B 156 0.85 -31.47 8.87
C ARG B 156 2.02 -30.73 8.22
N LEU B 157 2.24 -29.50 8.73
CA LEU B 157 3.30 -28.61 8.20
C LEU B 157 3.85 -27.78 9.37
N SER B 158 5.09 -27.30 9.28
CA SER B 158 5.75 -26.46 10.32
C SER B 158 6.95 -25.72 9.72
N GLU B 159 7.42 -24.68 10.43
CA GLU B 159 8.63 -23.87 10.09
C GLU B 159 9.50 -23.72 11.34
N PRO B 160 10.18 -24.79 11.80
CA PRO B 160 11.18 -24.65 12.86
C PRO B 160 12.26 -23.64 12.47
N ALA B 161 12.37 -22.54 13.22
CA ALA B 161 13.25 -21.38 12.91
C ALA B 161 14.71 -21.75 13.16
N ASP B 162 15.01 -22.42 14.27
CA ASP B 162 16.40 -22.77 14.70
C ASP B 162 16.67 -24.26 14.42
N ARG B 163 17.91 -24.69 14.66
CA ARG B 163 18.45 -26.02 14.27
C ARG B 163 17.94 -27.11 15.22
N GLU B 164 18.03 -26.89 16.54
CA GLU B 164 17.71 -27.89 17.59
C GLU B 164 16.22 -28.22 17.55
N THR B 165 15.36 -27.20 17.35
CA THR B 165 13.90 -27.34 17.14
C THR B 165 13.67 -28.29 15.95
N MET B 166 14.42 -28.09 14.86
CA MET B 166 14.30 -28.88 13.60
C MET B 166 14.74 -30.32 13.85
N ALA B 167 15.84 -30.53 14.58
CA ALA B 167 16.36 -31.85 14.99
C ALA B 167 15.31 -32.56 15.85
N ALA B 168 14.71 -31.84 16.80
CA ALA B 168 13.71 -32.33 17.76
C ALA B 168 12.44 -32.77 17.03
N GLU B 169 12.04 -32.03 15.98
CA GLU B 169 10.80 -32.28 15.19
C GLU B 169 10.94 -33.57 14.38
N LEU B 170 12.09 -33.77 13.73
CA LEU B 170 12.45 -35.04 13.02
C LEU B 170 12.43 -36.20 14.02
N GLN B 171 13.08 -35.99 15.17
CA GLN B 171 13.18 -36.97 16.29
C GLN B 171 11.78 -37.28 16.84
N ARG B 172 10.93 -36.25 16.96
CA ARG B 172 9.57 -36.33 17.54
C ARG B 172 8.67 -37.18 16.62
N THR B 173 8.52 -36.75 15.36
CA THR B 173 7.66 -37.40 14.33
C THR B 173 8.19 -38.81 14.03
N ASN B 174 9.52 -38.93 13.79
CA ASN B 174 10.21 -40.21 13.48
C ASN B 174 9.59 -40.81 12.22
N PRO B 175 9.71 -40.15 11.04
CA PRO B 175 9.13 -40.66 9.80
C PRO B 175 9.84 -41.93 9.29
N ALA B 176 9.05 -42.90 8.82
CA ALA B 176 9.52 -44.17 8.22
C ALA B 176 10.21 -43.89 6.88
N GLU B 177 9.83 -42.80 6.22
CA GLU B 177 10.46 -42.31 4.96
C GLU B 177 10.60 -40.78 5.03
N LEU B 178 11.79 -40.26 4.78
CA LEU B 178 12.15 -38.82 4.96
C LEU B 178 12.78 -38.29 3.66
N LEU B 179 12.28 -37.16 3.15
CA LEU B 179 12.79 -36.47 1.93
C LEU B 179 13.76 -35.36 2.35
N TYR B 180 14.80 -35.14 1.54
CA TYR B 180 15.76 -34.01 1.68
C TYR B 180 16.24 -33.58 0.29
N ALA B 181 16.38 -32.27 0.09
CA ALA B 181 16.87 -31.64 -1.16
C ALA B 181 18.37 -31.91 -1.31
N GLU B 182 18.83 -32.20 -2.54
CA GLU B 182 20.25 -32.52 -2.88
C GLU B 182 21.19 -31.45 -2.29
N ASP B 183 20.74 -30.20 -2.20
CA ASP B 183 21.56 -29.04 -1.72
C ASP B 183 21.17 -28.65 -0.30
N PHE B 184 20.54 -29.55 0.48
CA PHE B 184 20.19 -29.29 1.90
C PHE B 184 21.49 -29.04 2.68
N ALA B 185 21.65 -27.83 3.22
CA ALA B 185 22.92 -27.32 3.80
C ALA B 185 23.26 -28.07 5.09
N GLU B 186 22.39 -28.00 6.11
CA GLU B 186 22.62 -28.56 7.46
C GLU B 186 22.27 -30.05 7.45
N MET B 187 23.08 -30.87 6.77
CA MET B 187 22.88 -32.33 6.56
C MET B 187 22.93 -33.08 7.90
N SER B 188 23.69 -32.56 8.87
CA SER B 188 23.93 -33.19 10.21
C SER B 188 22.61 -33.59 10.87
N LEU B 189 21.53 -32.83 10.64
CA LEU B 189 20.17 -33.12 11.16
C LEU B 189 19.67 -34.47 10.67
N ILE B 190 19.81 -34.73 9.35
CA ILE B 190 19.13 -35.85 8.62
C ILE B 190 20.10 -37.03 8.44
N GLU B 191 21.38 -36.88 8.80
CA GLU B 191 22.38 -37.97 8.77
C GLU B 191 22.07 -39.00 9.87
N GLY B 192 21.24 -38.63 10.85
CA GLY B 192 20.76 -39.51 11.93
C GLY B 192 19.29 -39.91 11.94
N ARG B 193 18.64 -39.93 10.75
CA ARG B 193 17.21 -40.34 10.58
C ARG B 193 17.18 -41.53 9.61
N ARG B 194 16.07 -42.29 9.52
CA ARG B 194 15.95 -43.55 8.73
C ARG B 194 15.21 -43.36 7.40
N GLY B 195 15.23 -44.35 6.48
CA GLY B 195 14.41 -44.30 5.26
C GLY B 195 14.62 -43.01 4.50
N LEU B 196 15.88 -42.54 4.44
CA LEU B 196 16.28 -41.22 3.88
C LEU B 196 16.16 -41.27 2.36
N ARG B 197 15.70 -40.17 1.75
CA ARG B 197 15.52 -40.03 0.28
C ARG B 197 16.09 -38.69 -0.19
N ARG B 198 17.08 -38.74 -1.09
CA ARG B 198 17.70 -37.56 -1.75
C ARG B 198 16.83 -37.13 -2.94
N ARG B 199 16.25 -35.94 -2.87
CA ARG B 199 15.32 -35.39 -3.90
C ARG B 199 15.97 -34.20 -4.59
N PRO B 200 15.62 -33.93 -5.88
CA PRO B 200 16.05 -32.71 -6.56
C PRO B 200 15.48 -31.43 -5.92
N LEU B 201 16.06 -30.28 -6.24
CA LEU B 201 15.69 -28.93 -5.71
C LEU B 201 14.34 -28.50 -6.28
N TRP B 202 14.17 -28.64 -7.60
CA TRP B 202 13.02 -28.11 -8.39
C TRP B 202 11.69 -28.64 -7.86
N GLU B 203 11.66 -29.86 -7.30
CA GLU B 203 10.45 -30.50 -6.70
C GLU B 203 9.93 -29.65 -5.54
N PHE B 204 10.81 -28.94 -4.84
CA PHE B 204 10.50 -28.10 -3.65
C PHE B 204 10.11 -26.67 -4.08
N GLU B 205 9.81 -26.44 -5.37
CA GLU B 205 9.39 -25.11 -5.88
C GLU B 205 7.95 -24.85 -5.43
N ILE B 206 7.69 -23.64 -4.91
CA ILE B 206 6.40 -23.23 -4.30
C ILE B 206 5.31 -23.15 -5.38
N ASP B 207 5.68 -22.75 -6.61
CA ASP B 207 4.76 -22.58 -7.77
C ASP B 207 4.02 -23.91 -8.03
N THR B 208 4.77 -24.99 -8.26
CA THR B 208 4.23 -26.36 -8.47
C THR B 208 3.50 -26.83 -7.21
N ALA B 209 4.10 -26.62 -6.04
CA ALA B 209 3.58 -27.00 -4.70
C ALA B 209 2.14 -26.46 -4.56
N ARG B 210 1.97 -25.15 -4.67
CA ARG B 210 0.65 -24.46 -4.58
C ARG B 210 -0.31 -25.07 -5.61
N GLN B 211 0.15 -25.23 -6.87
CA GLN B 211 -0.65 -25.75 -8.01
C GLN B 211 -1.11 -27.18 -7.71
N GLN B 212 -0.15 -28.06 -7.35
CA GLN B 212 -0.40 -29.51 -7.10
C GLN B 212 -1.35 -29.69 -5.91
N LEU B 213 -1.10 -28.97 -4.81
CA LEU B 213 -1.87 -29.07 -3.54
C LEU B 213 -3.29 -28.52 -3.75
N ASN B 214 -3.44 -27.46 -4.56
CA ASN B 214 -4.76 -26.87 -4.94
C ASN B 214 -5.60 -27.93 -5.66
N LEU B 215 -4.98 -28.64 -6.61
CA LEU B 215 -5.60 -29.69 -7.45
C LEU B 215 -5.92 -30.93 -6.59
N GLN B 216 -5.03 -31.27 -5.65
CA GLN B 216 -5.17 -32.43 -4.73
C GLN B 216 -6.43 -32.26 -3.88
N PHE B 217 -6.56 -31.12 -3.20
CA PHE B 217 -7.67 -30.81 -2.25
C PHE B 217 -8.89 -30.28 -3.01
N GLY B 218 -8.69 -29.78 -4.23
CA GLY B 218 -9.75 -29.18 -5.07
C GLY B 218 -10.05 -27.75 -4.66
N THR B 219 -9.11 -27.10 -3.98
CA THR B 219 -9.26 -25.69 -3.55
C THR B 219 -8.67 -24.77 -4.60
N ARG B 220 -9.07 -23.51 -4.63
CA ARG B 220 -8.53 -22.47 -5.54
C ARG B 220 -7.40 -21.71 -4.84
N ASP B 221 -7.18 -21.98 -3.54
CA ASP B 221 -6.06 -21.39 -2.74
C ASP B 221 -5.85 -22.24 -1.48
N LEU B 222 -4.66 -22.13 -0.87
CA LEU B 222 -4.30 -22.83 0.39
C LEU B 222 -4.41 -21.84 1.58
N VAL B 223 -5.18 -20.77 1.40
CA VAL B 223 -5.50 -19.76 2.47
C VAL B 223 -6.43 -20.43 3.49
N GLY B 224 -7.30 -21.32 3.02
CA GLY B 224 -8.33 -22.02 3.83
C GLY B 224 -7.76 -23.20 4.60
N PHE B 225 -6.44 -23.36 4.64
CA PHE B 225 -5.71 -24.30 5.53
C PHE B 225 -4.89 -23.51 6.56
N GLY B 226 -4.77 -22.19 6.36
CA GLY B 226 -3.98 -21.28 7.21
C GLY B 226 -2.49 -21.50 7.06
N VAL B 227 -2.07 -22.08 5.91
CA VAL B 227 -0.65 -22.43 5.60
C VAL B 227 -0.16 -21.63 4.39
N GLU B 228 -1.04 -20.90 3.70
CA GLU B 228 -0.73 -20.13 2.47
C GLU B 228 0.51 -19.26 2.71
N ASN B 229 0.54 -18.56 3.85
CA ASN B 229 1.66 -17.65 4.26
C ASN B 229 2.64 -18.43 5.13
N ALA B 230 3.09 -19.59 4.65
CA ALA B 230 4.19 -20.41 5.21
C ALA B 230 4.91 -21.11 4.07
N PRO B 231 5.55 -20.35 3.15
CA PRO B 231 6.09 -20.91 1.90
C PRO B 231 7.27 -21.87 2.12
N ARG B 232 8.11 -21.55 3.12
CA ARG B 232 9.30 -22.35 3.54
C ARG B 232 8.87 -23.80 3.78
N GLY B 233 7.80 -24.01 4.55
CA GLY B 233 7.32 -25.37 4.80
C GLY B 233 6.60 -25.94 3.59
N LEU B 234 5.85 -25.11 2.86
CA LEU B 234 5.07 -25.59 1.69
C LEU B 234 6.01 -26.11 0.59
N SER B 235 7.27 -25.71 0.60
CA SER B 235 8.35 -26.31 -0.23
C SER B 235 8.49 -27.79 0.12
N ALA B 236 8.51 -28.11 1.42
CA ALA B 236 8.54 -29.49 1.97
C ALA B 236 7.24 -30.22 1.61
N ALA B 237 6.09 -29.60 1.89
CA ALA B 237 4.73 -30.13 1.61
C ALA B 237 4.57 -30.38 0.11
N GLY B 238 5.01 -29.41 -0.72
CA GLY B 238 4.97 -29.49 -2.19
C GLY B 238 5.76 -30.67 -2.72
N ALA B 239 7.00 -30.83 -2.24
CA ALA B 239 7.92 -31.94 -2.58
C ALA B 239 7.35 -33.26 -2.04
N LEU B 240 6.75 -33.22 -0.85
CA LEU B 240 6.18 -34.42 -0.16
C LEU B 240 5.02 -34.98 -0.97
N LEU B 241 4.06 -34.14 -1.37
CA LEU B 241 2.81 -34.57 -2.05
C LEU B 241 3.13 -35.12 -3.45
N GLN B 242 3.92 -34.38 -4.25
CA GLN B 242 4.43 -34.83 -5.57
C GLN B 242 5.02 -36.23 -5.42
N TYR B 243 5.76 -36.47 -4.33
CA TYR B 243 6.35 -37.77 -3.94
C TYR B 243 5.26 -38.70 -3.41
N ALA B 244 4.34 -38.17 -2.59
CA ALA B 244 3.25 -38.93 -1.91
C ALA B 244 2.30 -39.55 -2.94
N LYS B 245 1.78 -38.74 -3.87
CA LYS B 245 0.93 -39.18 -5.00
C LYS B 245 1.63 -40.32 -5.77
N CYS B 246 2.97 -40.41 -5.66
CA CYS B 246 3.84 -41.33 -6.43
C CYS B 246 4.35 -42.51 -5.57
N THR B 247 4.55 -42.33 -4.26
CA THR B 247 5.03 -43.41 -3.35
C THR B 247 3.93 -44.46 -3.18
N GLN B 248 2.73 -44.05 -2.77
CA GLN B 248 1.63 -45.01 -2.52
C GLN B 248 0.85 -45.26 -3.82
N ARG B 249 0.73 -44.24 -4.67
CA ARG B 249 0.02 -44.35 -5.97
C ARG B 249 -1.40 -44.89 -5.73
N THR B 250 -2.04 -44.43 -4.64
CA THR B 250 -3.42 -44.79 -4.24
C THR B 250 -4.28 -43.52 -4.17
N THR B 251 -5.59 -43.68 -4.11
CA THR B 251 -6.58 -42.58 -3.91
C THR B 251 -6.38 -42.00 -2.50
N LEU B 252 -6.43 -40.67 -2.37
CA LEU B 252 -6.14 -39.93 -1.11
C LEU B 252 -7.34 -39.08 -0.71
N PRO B 253 -8.58 -39.63 -0.64
CA PRO B 253 -9.74 -38.85 -0.18
C PRO B 253 -9.68 -38.56 1.32
N HIS B 254 -9.09 -39.47 2.10
CA HIS B 254 -8.84 -39.33 3.56
C HIS B 254 -7.86 -38.18 3.83
N ILE B 255 -6.98 -37.88 2.88
CA ILE B 255 -6.06 -36.70 2.92
C ILE B 255 -6.72 -35.55 2.16
N ARG B 256 -7.69 -34.88 2.79
CA ARG B 256 -8.52 -33.82 2.13
C ARG B 256 -8.18 -32.44 2.72
N SER B 257 -7.17 -32.34 3.58
CA SER B 257 -6.74 -31.05 4.19
C SER B 257 -5.29 -31.14 4.68
N ILE B 258 -4.56 -30.03 4.56
CA ILE B 258 -3.26 -29.78 5.25
C ILE B 258 -3.52 -28.73 6.33
N THR B 259 -2.67 -28.69 7.36
CA THR B 259 -2.79 -27.77 8.52
C THR B 259 -1.39 -27.42 9.04
N MET B 260 -1.18 -26.19 9.49
CA MET B 260 0.08 -25.73 10.14
C MET B 260 -0.02 -25.99 11.65
N GLU B 261 0.96 -26.69 12.20
CA GLU B 261 1.23 -26.80 13.65
C GLU B 261 2.41 -25.87 13.97
N ARG B 262 2.11 -24.70 14.55
CA ARG B 262 3.16 -23.70 14.87
C ARG B 262 4.18 -24.26 15.86
N GLU B 263 5.47 -24.14 15.53
CA GLU B 263 6.57 -24.58 16.44
C GLU B 263 6.44 -23.83 17.78
N GLN B 264 6.03 -22.56 17.74
CA GLN B 264 5.68 -21.75 18.93
C GLN B 264 4.25 -22.13 19.36
N ASP B 265 4.11 -22.71 20.56
CA ASP B 265 2.81 -23.17 21.11
C ASP B 265 2.39 -22.27 22.28
N SER B 266 2.96 -21.07 22.39
CA SER B 266 2.54 -20.03 23.35
C SER B 266 1.18 -19.48 22.93
N ILE B 267 1.10 -18.81 21.78
CA ILE B 267 -0.18 -18.28 21.20
C ILE B 267 -0.20 -18.46 19.69
N ILE B 268 -1.42 -18.39 19.13
CA ILE B 268 -1.66 -18.46 17.65
C ILE B 268 -2.67 -17.35 17.32
N MET B 269 -2.27 -16.32 16.59
CA MET B 269 -3.06 -15.11 16.22
C MET B 269 -2.99 -14.93 14.70
N ASP B 270 -4.13 -15.06 14.01
CA ASP B 270 -4.16 -14.84 12.54
C ASP B 270 -4.41 -13.35 12.27
N ALA B 271 -4.23 -12.91 11.02
CA ALA B 271 -4.40 -11.48 10.68
C ALA B 271 -5.86 -11.07 10.93
N ALA B 272 -6.81 -11.94 10.58
CA ALA B 272 -8.24 -11.65 10.80
C ALA B 272 -8.46 -11.19 12.24
N THR B 273 -7.87 -11.87 13.22
CA THR B 273 -8.06 -11.56 14.66
C THR B 273 -7.58 -10.13 14.94
N ARG B 274 -6.34 -9.79 14.54
CA ARG B 274 -5.77 -8.45 14.84
C ARG B 274 -6.64 -7.36 14.20
N ARG B 275 -7.11 -7.60 12.97
CA ARG B 275 -7.90 -6.59 12.22
C ARG B 275 -9.35 -6.56 12.73
N ASN B 276 -9.87 -7.69 13.25
CA ASN B 276 -11.30 -7.83 13.67
C ASN B 276 -11.47 -7.48 15.15
N LEU B 277 -10.73 -8.11 16.08
CA LEU B 277 -10.77 -7.76 17.54
C LEU B 277 -10.29 -6.33 17.71
N GLU B 278 -9.52 -5.81 16.74
CA GLU B 278 -9.03 -4.40 16.75
C GLU B 278 -8.07 -4.23 17.92
N ILE B 279 -7.05 -5.08 18.03
CA ILE B 279 -6.06 -4.99 19.15
C ILE B 279 -5.18 -3.77 18.94
N THR B 280 -4.62 -3.60 17.74
CA THR B 280 -3.74 -2.46 17.37
C THR B 280 -4.28 -1.72 16.13
N GLN B 281 -5.17 -2.35 15.35
CA GLN B 281 -5.69 -1.79 14.06
C GLN B 281 -7.19 -2.06 13.96
N ASN B 282 -8.00 -1.00 13.88
CA ASN B 282 -9.48 -1.06 13.71
C ASN B 282 -9.79 -1.61 12.31
N LEU B 283 -11.07 -1.87 12.02
CA LEU B 283 -11.55 -2.48 10.75
C LEU B 283 -11.12 -1.60 9.56
N ALA B 284 -11.16 -0.28 9.72
CA ALA B 284 -10.81 0.72 8.68
C ALA B 284 -9.31 0.64 8.34
N GLY B 285 -8.47 0.39 9.35
CA GLY B 285 -7.00 0.36 9.23
C GLY B 285 -6.32 1.36 10.16
N GLY B 286 -7.10 2.23 10.82
CA GLY B 286 -6.62 3.20 11.81
C GLY B 286 -6.26 2.54 13.13
N ALA B 287 -5.54 3.25 14.00
CA ALA B 287 -5.12 2.79 15.35
C ALA B 287 -5.92 3.53 16.43
N GLU B 288 -7.18 3.85 16.14
CA GLU B 288 -8.11 4.58 17.05
C GLU B 288 -9.26 3.66 17.44
N ASN B 289 -9.70 3.72 18.70
CA ASN B 289 -10.74 2.85 19.30
C ASN B 289 -10.30 1.38 19.14
N THR B 290 -9.00 1.12 19.35
CA THR B 290 -8.38 -0.23 19.41
C THR B 290 -8.26 -0.62 20.89
N LEU B 291 -7.83 -1.86 21.17
CA LEU B 291 -7.42 -2.27 22.53
C LEU B 291 -6.10 -1.55 22.88
N ALA B 292 -5.25 -1.30 21.88
CA ALA B 292 -4.00 -0.52 21.99
C ALA B 292 -4.33 0.86 22.57
N SER B 293 -5.06 1.69 21.81
CA SER B 293 -5.45 3.08 22.15
C SER B 293 -5.91 3.18 23.61
N VAL B 294 -6.75 2.22 24.05
CA VAL B 294 -7.31 2.15 25.43
C VAL B 294 -6.18 1.91 26.42
N LEU B 295 -5.51 0.76 26.31
CA LEU B 295 -4.40 0.34 27.21
C LEU B 295 -3.20 1.27 27.02
N ASP B 296 -3.01 1.82 25.83
CA ASP B 296 -1.88 2.72 25.47
C ASP B 296 -2.17 4.13 26.01
N SER B 297 -2.15 4.28 27.33
CA SER B 297 -2.04 5.57 28.06
C SER B 297 -0.63 5.66 28.65
N THR B 298 0.33 4.97 28.03
CA THR B 298 1.75 4.85 28.47
C THR B 298 2.43 6.21 28.35
N VAL B 299 3.17 6.63 29.37
CA VAL B 299 3.79 7.99 29.46
C VAL B 299 4.98 8.06 28.50
N THR B 300 5.74 6.96 28.36
CA THR B 300 6.97 6.91 27.53
C THR B 300 6.68 6.14 26.24
N PRO B 301 7.24 6.57 25.08
CA PRO B 301 6.91 5.97 23.78
C PRO B 301 7.38 4.52 23.65
N MET B 302 8.51 4.18 24.28
CA MET B 302 9.11 2.82 24.30
C MET B 302 8.22 1.86 25.09
N GLY B 303 7.37 2.38 25.98
CA GLY B 303 6.34 1.62 26.70
C GLY B 303 5.18 1.26 25.77
N SER B 304 4.74 2.23 24.96
CA SER B 304 3.66 2.08 23.94
C SER B 304 4.00 0.94 22.97
N ARG B 305 5.28 0.83 22.58
CA ARG B 305 5.77 -0.19 21.61
C ARG B 305 5.83 -1.57 22.28
N MET B 306 6.35 -1.65 23.51
CA MET B 306 6.43 -2.92 24.29
C MET B 306 5.01 -3.43 24.58
N LEU B 307 4.07 -2.51 24.82
CA LEU B 307 2.62 -2.82 24.98
C LEU B 307 2.09 -3.41 23.68
N LYS B 308 2.45 -2.82 22.53
CA LYS B 308 2.00 -3.25 21.18
C LYS B 308 2.53 -4.65 20.85
N ARG B 309 3.80 -4.93 21.19
CA ARG B 309 4.46 -6.24 20.95
C ARG B 309 3.78 -7.33 21.79
N TRP B 310 3.51 -7.04 23.06
CA TRP B 310 2.79 -7.93 24.02
C TRP B 310 1.43 -8.32 23.44
N LEU B 311 0.71 -7.36 22.84
CA LEU B 311 -0.65 -7.64 22.30
C LEU B 311 -0.54 -8.55 21.08
N HIS B 312 0.52 -8.38 20.28
CA HIS B 312 0.74 -9.20 19.06
C HIS B 312 1.42 -10.52 19.43
N MET B 313 1.89 -10.66 20.67
CA MET B 313 2.53 -11.89 21.20
C MET B 313 2.08 -12.11 22.64
N PRO B 314 0.79 -12.45 22.87
CA PRO B 314 0.29 -12.75 24.22
C PRO B 314 1.07 -13.94 24.80
N VAL B 315 1.69 -13.73 25.97
CA VAL B 315 2.47 -14.78 26.70
C VAL B 315 1.46 -15.81 27.24
N ARG B 316 1.81 -17.11 27.19
CA ARG B 316 0.98 -18.20 27.78
C ARG B 316 1.85 -19.13 28.64
N ASP B 317 2.99 -18.63 29.13
CA ASP B 317 3.72 -19.22 30.29
C ASP B 317 3.02 -18.72 31.56
N THR B 318 2.07 -19.51 32.08
CA THR B 318 1.19 -19.18 33.24
C THR B 318 2.03 -18.55 34.36
N ARG B 319 3.25 -19.03 34.57
CA ARG B 319 4.22 -18.48 35.56
C ARG B 319 4.50 -17.00 35.24
N VAL B 320 4.91 -16.70 34.01
CA VAL B 320 5.29 -15.34 33.53
C VAL B 320 4.06 -14.43 33.58
N LEU B 321 2.89 -14.96 33.22
CA LEU B 321 1.58 -14.25 33.26
C LEU B 321 1.28 -13.83 34.70
N LEU B 322 1.47 -14.75 35.67
CA LEU B 322 1.25 -14.49 37.12
C LEU B 322 2.30 -13.50 37.64
N GLU B 323 3.52 -13.52 37.08
CA GLU B 323 4.61 -12.56 37.41
C GLU B 323 4.15 -11.15 37.06
N ARG B 324 3.41 -10.99 35.96
CA ARG B 324 2.81 -9.69 35.52
C ARG B 324 1.64 -9.33 36.45
N GLN B 325 0.78 -10.31 36.79
CA GLN B 325 -0.46 -10.11 37.58
C GLN B 325 -0.11 -9.71 39.02
N GLN B 326 0.96 -10.25 39.59
CA GLN B 326 1.45 -9.91 40.96
C GLN B 326 2.10 -8.52 40.93
N THR B 327 2.91 -8.21 39.90
CA THR B 327 3.54 -6.87 39.70
C THR B 327 2.45 -5.81 39.57
N ILE B 328 1.44 -6.05 38.72
CA ILE B 328 0.34 -5.08 38.42
C ILE B 328 -0.45 -4.80 39.71
N GLY B 329 -0.74 -5.84 40.51
CA GLY B 329 -1.48 -5.73 41.78
C GLY B 329 -0.76 -4.86 42.79
N ALA B 330 0.58 -4.96 42.86
CA ALA B 330 1.44 -4.23 43.80
C ALA B 330 1.57 -2.75 43.41
N LEU B 331 1.54 -2.46 42.10
CA LEU B 331 1.80 -1.09 41.56
C LEU B 331 0.49 -0.30 41.44
N GLN B 332 -0.68 -0.95 41.38
CA GLN B 332 -1.97 -0.23 41.35
C GLN B 332 -1.90 0.89 42.39
N ASP B 333 -1.45 0.57 43.61
CA ASP B 333 -1.34 1.55 44.73
C ASP B 333 -0.26 2.62 44.46
N PHE B 334 0.91 2.25 43.92
CA PHE B 334 2.08 3.16 43.72
C PHE B 334 2.11 3.74 42.30
N THR B 335 1.10 3.46 41.47
CA THR B 335 1.09 3.89 40.05
C THR B 335 1.15 5.41 39.96
N ALA B 336 0.40 6.14 40.79
CA ALA B 336 0.33 7.62 40.69
C ALA B 336 1.70 8.24 40.90
N GLY B 337 2.48 7.75 41.87
CA GLY B 337 3.83 8.28 42.17
C GLY B 337 4.84 8.03 41.06
N LEU B 338 4.83 6.85 40.43
CA LEU B 338 5.87 6.46 39.43
C LEU B 338 5.66 7.11 38.06
N GLN B 339 4.43 7.26 37.54
CA GLN B 339 4.12 7.70 36.15
C GLN B 339 4.85 9.00 35.80
N PRO B 340 4.73 10.09 36.60
CA PRO B 340 5.43 11.35 36.31
C PRO B 340 6.94 11.18 36.12
N VAL B 341 7.56 10.33 36.94
CA VAL B 341 9.03 10.04 36.94
C VAL B 341 9.39 9.33 35.62
N LEU B 342 8.50 8.46 35.13
CA LEU B 342 8.67 7.66 33.90
C LEU B 342 8.53 8.55 32.67
N ARG B 343 7.70 9.60 32.76
CA ARG B 343 7.44 10.57 31.65
C ARG B 343 8.69 11.44 31.41
N GLN B 344 9.51 11.64 32.45
CA GLN B 344 10.79 12.40 32.37
C GLN B 344 11.80 11.63 31.50
N VAL B 345 11.78 10.29 31.58
CA VAL B 345 12.75 9.39 30.90
C VAL B 345 12.67 9.62 29.38
N GLY B 346 11.46 9.62 28.82
CA GLY B 346 11.23 9.67 27.36
C GLY B 346 11.61 8.36 26.70
N ASP B 347 11.68 8.32 25.37
CA ASP B 347 12.10 7.12 24.59
C ASP B 347 13.61 6.99 24.68
N LEU B 348 14.11 6.43 25.79
CA LEU B 348 15.55 6.15 26.05
C LEU B 348 16.02 5.03 25.11
N GLU B 349 15.13 4.09 24.75
CA GLU B 349 15.45 2.88 23.95
C GLU B 349 15.91 3.29 22.54
N ARG B 350 15.23 4.26 21.91
CA ARG B 350 15.54 4.76 20.55
C ARG B 350 16.80 5.64 20.60
N ILE B 351 17.03 6.33 21.72
CA ILE B 351 18.26 7.13 21.98
C ILE B 351 19.46 6.18 22.05
N LEU B 352 19.28 5.02 22.70
CA LEU B 352 20.31 3.96 22.84
C LEU B 352 20.63 3.35 21.46
N ALA B 353 19.63 3.24 20.58
CA ALA B 353 19.76 2.74 19.20
C ALA B 353 20.67 3.68 18.40
N ARG B 354 20.49 5.00 18.57
CA ARG B 354 21.33 6.06 17.94
C ARG B 354 22.70 6.09 18.62
N LEU B 355 22.77 5.84 19.93
CA LEU B 355 24.07 5.82 20.66
C LEU B 355 24.93 4.68 20.13
N ALA B 356 24.33 3.50 19.94
CA ALA B 356 25.02 2.29 19.43
C ALA B 356 25.57 2.56 18.02
N LEU B 357 24.79 3.25 17.19
CA LEU B 357 25.17 3.62 15.79
C LEU B 357 26.18 4.77 15.81
N ARG B 358 26.39 5.40 16.96
CA ARG B 358 27.28 6.58 17.17
C ARG B 358 26.74 7.77 16.36
N THR B 359 25.41 7.93 16.34
CA THR B 359 24.68 8.98 15.58
C THR B 359 23.77 9.79 16.50
N ALA B 360 23.96 9.68 17.82
CA ALA B 360 23.10 10.30 18.87
C ALA B 360 23.25 11.82 18.82
N ARG B 361 22.21 12.54 19.27
CA ARG B 361 22.16 14.03 19.30
C ARG B 361 22.28 14.51 20.75
N PRO B 362 22.80 15.73 20.99
CA PRO B 362 22.99 16.25 22.35
C PRO B 362 21.70 16.24 23.18
N ARG B 363 20.58 16.62 22.56
CA ARG B 363 19.24 16.70 23.20
C ARG B 363 18.70 15.28 23.46
N ASP B 364 19.22 14.28 22.75
CA ASP B 364 18.99 12.84 23.04
C ASP B 364 19.77 12.46 24.31
N LEU B 365 21.03 12.89 24.41
CA LEU B 365 21.92 12.63 25.58
C LEU B 365 21.39 13.39 26.81
N ALA B 366 20.75 14.54 26.61
CA ALA B 366 20.12 15.35 27.68
C ALA B 366 18.93 14.58 28.27
N ARG B 367 18.10 13.99 27.41
CA ARG B 367 16.97 13.10 27.81
C ARG B 367 17.52 11.90 28.59
N MET B 368 18.66 11.34 28.15
CA MET B 368 19.30 10.20 28.85
C MET B 368 19.77 10.66 30.23
N ARG B 369 20.46 11.81 30.29
CA ARG B 369 20.92 12.41 31.57
C ARG B 369 19.71 12.68 32.47
N HIS B 370 18.63 13.22 31.89
CA HIS B 370 17.34 13.49 32.59
C HIS B 370 16.76 12.18 33.11
N ALA B 371 16.87 11.10 32.33
CA ALA B 371 16.41 9.73 32.67
C ALA B 371 17.31 9.14 33.77
N PHE B 372 18.62 9.34 33.69
CA PHE B 372 19.62 8.84 34.66
C PHE B 372 19.35 9.43 36.06
N GLN B 373 18.95 10.70 36.11
CA GLN B 373 18.61 11.44 37.37
C GLN B 373 17.35 10.84 38.02
N GLN B 374 16.49 10.17 37.24
CA GLN B 374 15.23 9.56 37.70
C GLN B 374 15.48 8.17 38.31
N LEU B 375 16.56 7.50 37.92
CA LEU B 375 16.83 6.08 38.31
C LEU B 375 16.93 5.95 39.83
N PRO B 376 17.66 6.83 40.55
CA PRO B 376 17.60 6.86 42.02
C PRO B 376 16.18 7.02 42.57
N GLU B 377 15.38 7.90 41.95
CA GLU B 377 13.98 8.20 42.34
C GLU B 377 13.09 6.96 42.11
N LEU B 378 13.27 6.29 40.97
CA LEU B 378 12.52 5.06 40.59
C LEU B 378 12.94 3.91 41.51
N ARG B 379 14.24 3.77 41.78
CA ARG B 379 14.83 2.74 42.69
C ARG B 379 14.25 2.92 44.10
N ALA B 380 13.97 4.17 44.51
CA ALA B 380 13.40 4.52 45.83
C ALA B 380 11.92 4.12 45.89
N GLN B 381 11.15 4.46 44.85
CA GLN B 381 9.67 4.26 44.81
C GLN B 381 9.34 2.77 44.62
N LEU B 382 10.17 2.03 43.86
CA LEU B 382 9.97 0.59 43.59
C LEU B 382 10.51 -0.26 44.77
N GLU B 383 11.38 0.32 45.61
CA GLU B 383 11.91 -0.33 46.83
C GLU B 383 10.76 -0.54 47.84
N THR B 384 9.87 0.44 47.96
CA THR B 384 8.72 0.45 48.91
C THR B 384 7.67 -0.56 48.46
N VAL B 385 7.55 -0.80 47.15
CA VAL B 385 6.57 -1.75 46.53
C VAL B 385 6.97 -3.18 46.92
N ASP B 386 6.04 -3.95 47.47
CA ASP B 386 6.25 -5.38 47.86
C ASP B 386 5.83 -6.29 46.71
N SER B 387 6.77 -6.62 45.83
CA SER B 387 6.60 -7.55 44.68
C SER B 387 7.98 -7.99 44.19
N ALA B 388 8.32 -9.27 44.35
CA ALA B 388 9.65 -9.85 44.02
C ALA B 388 9.98 -9.62 42.55
N PRO B 389 9.03 -9.81 41.60
CA PRO B 389 9.25 -9.43 40.21
C PRO B 389 9.61 -7.95 40.02
N VAL B 390 8.97 -7.06 40.77
CA VAL B 390 9.25 -5.58 40.78
C VAL B 390 10.68 -5.37 41.29
N GLN B 391 11.03 -6.02 42.41
CA GLN B 391 12.37 -5.93 43.05
C GLN B 391 13.43 -6.50 42.11
N ALA B 392 13.09 -7.53 41.33
CA ALA B 392 13.95 -8.14 40.28
C ALA B 392 14.11 -7.15 39.12
N LEU B 393 13.01 -6.52 38.70
CA LEU B 393 12.99 -5.46 37.65
C LEU B 393 13.78 -4.24 38.12
N ARG B 394 13.70 -3.93 39.42
CA ARG B 394 14.39 -2.77 40.07
C ARG B 394 15.91 -2.98 40.04
N GLU B 395 16.36 -4.24 40.18
CA GLU B 395 17.80 -4.62 40.11
C GLU B 395 18.25 -4.61 38.65
N LYS B 396 17.41 -5.13 37.75
CA LYS B 396 17.62 -5.12 36.27
C LYS B 396 17.67 -3.67 35.78
N MET B 397 16.91 -2.77 36.41
CA MET B 397 16.83 -1.32 36.09
C MET B 397 18.23 -0.69 36.18
N GLY B 398 19.00 -1.03 37.22
CA GLY B 398 20.35 -0.47 37.46
C GLY B 398 20.28 0.98 37.89
N GLU B 399 21.39 1.71 37.81
CA GLU B 399 21.51 3.13 38.24
C GLU B 399 22.37 3.92 37.25
N PHE B 400 23.57 3.42 36.93
CA PHE B 400 24.53 4.04 35.97
C PHE B 400 24.75 5.51 36.36
N ALA B 401 24.79 5.80 37.67
CA ALA B 401 24.99 7.15 38.25
C ALA B 401 26.38 7.68 37.87
N GLU B 402 27.31 6.77 37.56
CA GLU B 402 28.63 7.08 36.96
C GLU B 402 28.42 7.75 35.60
N LEU B 403 27.54 7.19 34.77
CA LEU B 403 27.20 7.69 33.42
C LEU B 403 26.39 8.98 33.54
N ARG B 404 25.60 9.12 34.62
CA ARG B 404 24.87 10.37 34.98
C ARG B 404 25.90 11.47 35.27
N ASP B 405 26.88 11.16 36.14
CA ASP B 405 27.97 12.08 36.56
C ASP B 405 28.74 12.53 35.31
N LEU B 406 29.10 11.58 34.43
CA LEU B 406 29.81 11.81 33.15
C LEU B 406 29.09 12.89 32.33
N LEU B 407 27.79 12.71 32.08
CA LEU B 407 26.97 13.57 31.19
C LEU B 407 26.72 14.93 31.85
N GLU B 408 26.49 14.96 33.16
CA GLU B 408 26.29 16.20 33.97
C GLU B 408 27.54 17.08 33.86
N ARG B 409 28.73 16.49 34.02
CA ARG B 409 30.04 17.17 33.91
C ARG B 409 30.31 17.55 32.44
N ALA B 410 30.10 16.60 31.52
CA ALA B 410 30.42 16.73 30.08
C ALA B 410 29.56 17.83 29.45
N ILE B 411 28.24 17.60 29.35
CA ILE B 411 27.30 18.39 28.49
C ILE B 411 26.80 19.61 29.26
N ILE B 412 26.46 20.69 28.53
CA ILE B 412 25.72 21.88 29.04
C ILE B 412 24.30 21.45 29.40
N ASP B 413 23.70 22.06 30.42
CA ASP B 413 22.37 21.67 30.99
C ASP B 413 21.33 21.59 29.87
N THR B 414 21.32 22.56 28.95
CA THR B 414 20.41 22.63 27.77
C THR B 414 21.23 22.96 26.52
N PRO B 415 21.80 21.94 25.83
CA PRO B 415 22.66 22.18 24.68
C PRO B 415 21.88 22.40 23.38
N PRO B 416 22.54 22.82 22.28
CA PRO B 416 21.86 23.00 21.00
C PRO B 416 21.38 21.68 20.38
N VAL B 417 20.60 21.78 19.29
CA VAL B 417 19.94 20.63 18.60
C VAL B 417 20.99 19.62 18.15
N LEU B 418 22.01 20.08 17.41
CA LEU B 418 23.01 19.18 16.83
C LEU B 418 24.41 19.44 17.37
N VAL B 419 25.29 18.43 17.26
CA VAL B 419 26.72 18.50 17.67
C VAL B 419 27.46 19.31 16.59
N ARG B 420 27.01 19.24 15.33
CA ARG B 420 27.59 20.01 14.20
C ARG B 420 27.77 21.49 14.63
N ASP B 421 26.85 22.06 15.41
CA ASP B 421 26.93 23.47 15.87
C ASP B 421 28.06 23.63 16.90
N GLY B 422 28.40 22.56 17.65
CA GLY B 422 29.23 22.66 18.86
C GLY B 422 28.45 23.33 19.98
N GLY B 423 29.14 23.96 20.94
CA GLY B 423 28.53 24.56 22.13
C GLY B 423 27.71 23.55 22.91
N VAL B 424 28.18 22.29 22.93
CA VAL B 424 27.49 21.10 23.51
C VAL B 424 28.09 20.82 24.89
N ILE B 425 29.38 20.51 24.91
CA ILE B 425 30.13 20.01 26.10
C ILE B 425 30.50 21.21 26.99
N ALA B 426 30.01 21.20 28.24
CA ALA B 426 30.23 22.24 29.26
C ALA B 426 31.72 22.35 29.59
N SER B 427 32.19 23.56 29.89
CA SER B 427 33.60 23.87 30.27
C SER B 427 33.91 23.25 31.63
N GLY B 428 35.08 22.60 31.75
CA GLY B 428 35.52 21.89 32.97
C GLY B 428 35.67 20.40 32.75
N TYR B 429 35.03 19.85 31.70
CA TYR B 429 35.12 18.41 31.31
C TYR B 429 36.51 18.14 30.72
N ASN B 430 36.81 18.74 29.55
CA ASN B 430 38.10 18.62 28.84
C ASN B 430 38.80 19.99 28.85
N GLU B 431 40.06 20.04 29.30
CA GLU B 431 40.85 21.30 29.40
C GLU B 431 41.25 21.76 27.99
N GLU B 432 41.65 20.80 27.14
CA GLU B 432 42.08 21.07 25.73
C GLU B 432 40.86 21.60 24.98
N LEU B 433 39.65 21.12 25.31
CA LEU B 433 38.44 21.72 24.70
C LEU B 433 38.46 23.17 25.18
N ASP B 434 38.75 23.43 26.45
CA ASP B 434 38.87 24.80 27.03
C ASP B 434 40.05 25.57 26.40
N GLU B 435 41.15 24.92 26.03
CA GLU B 435 42.31 25.56 25.32
C GLU B 435 41.85 26.02 23.94
N TRP B 436 41.16 25.15 23.19
CA TRP B 436 40.58 25.51 21.86
C TRP B 436 39.44 26.48 22.13
N ARG B 437 38.74 26.34 23.27
CA ARG B 437 37.61 27.22 23.67
C ARG B 437 38.17 28.36 24.54
N ALA B 438 39.48 28.56 24.63
CA ALA B 438 40.05 29.74 25.32
C ALA B 438 39.59 30.94 24.49
N LEU B 439 39.68 30.81 23.16
CA LEU B 439 39.16 31.85 22.24
C LEU B 439 37.64 31.89 22.45
N ALA B 440 36.99 30.72 22.53
CA ALA B 440 35.53 30.59 22.71
C ALA B 440 35.08 31.17 24.07
N ASP B 441 35.89 31.04 25.12
CA ASP B 441 35.59 31.60 26.47
C ASP B 441 35.58 33.11 26.34
N GLY B 442 36.58 33.67 25.66
CA GLY B 442 36.61 35.12 25.36
C GLY B 442 35.45 35.42 24.45
N ALA B 443 35.13 34.51 23.52
CA ALA B 443 34.01 34.63 22.55
C ALA B 443 32.65 34.58 23.25
N THR B 444 32.50 33.82 24.34
CA THR B 444 31.22 33.62 25.05
C THR B 444 30.74 34.96 25.64
N ASP B 445 31.62 35.71 26.30
CA ASP B 445 31.27 37.02 26.92
C ASP B 445 31.46 38.12 25.86
N TYR B 446 31.94 37.78 24.65
CA TYR B 446 31.94 38.70 23.49
C TYR B 446 30.50 38.69 23.00
N LEU B 447 29.88 37.51 22.91
CA LEU B 447 28.44 37.40 22.55
C LEU B 447 27.62 38.03 23.67
N GLU B 448 28.04 37.94 24.94
CA GLU B 448 27.34 38.67 26.02
C GLU B 448 27.49 40.17 25.74
N ARG B 449 28.68 40.63 25.36
CA ARG B 449 28.97 42.07 25.11
C ARG B 449 28.28 42.58 23.84
N LEU B 450 28.09 41.74 22.81
CA LEU B 450 27.46 42.15 21.51
C LEU B 450 25.94 42.14 21.68
N GLU B 451 25.33 41.14 22.29
CA GLU B 451 23.88 40.99 22.59
C GLU B 451 23.40 42.18 23.43
N VAL B 452 24.18 42.58 24.44
CA VAL B 452 23.87 43.70 25.37
C VAL B 452 23.98 45.03 24.61
N ARG B 453 25.11 45.26 23.91
CA ARG B 453 25.39 46.51 23.15
C ARG B 453 24.29 46.71 22.09
N GLU B 454 23.91 45.65 21.39
CA GLU B 454 22.91 45.67 20.29
C GLU B 454 21.50 45.76 20.88
N ARG B 455 21.28 45.21 22.09
CA ARG B 455 19.99 45.31 22.83
C ARG B 455 19.81 46.76 23.31
N GLU B 456 20.89 47.41 23.74
CA GLU B 456 20.90 48.84 24.18
C GLU B 456 20.64 49.77 22.98
N ARG B 457 21.39 49.56 21.89
CA ARG B 457 21.43 50.47 20.71
C ARG B 457 20.10 50.42 19.95
N THR B 458 19.61 49.22 19.64
CA THR B 458 18.36 48.98 18.86
C THR B 458 17.13 49.24 19.73
N GLY B 459 17.19 48.83 21.00
CA GLY B 459 16.07 48.93 21.97
C GLY B 459 15.18 47.71 21.94
N LEU B 460 15.71 46.56 21.50
CA LEU B 460 14.98 45.28 21.33
C LEU B 460 15.53 44.25 22.32
N ASP B 461 14.70 43.82 23.28
CA ASP B 461 15.12 42.97 24.44
C ASP B 461 15.05 41.49 24.07
N THR B 462 14.24 41.13 23.06
CA THR B 462 14.08 39.74 22.54
C THR B 462 15.27 39.39 21.63
N LEU B 463 16.18 40.34 21.39
CA LEU B 463 17.45 40.17 20.64
C LEU B 463 18.32 39.11 21.34
N LYS B 464 18.60 37.99 20.67
CA LYS B 464 19.41 36.86 21.19
C LYS B 464 20.42 36.43 20.12
N VAL B 465 21.69 36.36 20.54
CA VAL B 465 22.80 35.95 19.62
C VAL B 465 23.07 34.46 19.80
N GLY B 466 22.95 33.68 18.74
CA GLY B 466 23.16 32.21 18.73
C GLY B 466 23.93 31.76 17.50
N PHE B 467 24.39 30.50 17.49
CA PHE B 467 25.26 29.92 16.44
C PHE B 467 24.44 29.08 15.46
N ASN B 468 24.91 29.02 14.21
CA ASN B 468 24.36 28.20 13.10
C ASN B 468 25.54 27.70 12.25
N ALA B 469 25.64 26.38 12.02
CA ALA B 469 26.76 25.74 11.31
C ALA B 469 26.83 26.24 9.86
N VAL B 470 25.67 26.39 9.21
CA VAL B 470 25.54 26.82 7.79
C VAL B 470 25.98 28.28 7.65
N HIS B 471 25.40 29.19 8.45
CA HIS B 471 25.54 30.67 8.29
C HIS B 471 26.60 31.23 9.25
N GLY B 472 26.85 30.57 10.38
CA GLY B 472 27.66 31.08 11.50
C GLY B 472 26.79 31.66 12.59
N TYR B 473 27.31 32.62 13.37
CA TYR B 473 26.56 33.33 14.43
C TYR B 473 25.62 34.36 13.78
N TYR B 474 24.45 34.54 14.40
CA TYR B 474 23.35 35.42 13.92
C TYR B 474 22.78 36.22 15.09
N ILE B 475 21.87 37.16 14.80
CA ILE B 475 21.12 37.97 15.80
C ILE B 475 19.61 37.80 15.53
N GLN B 476 18.96 36.93 16.30
CA GLN B 476 17.51 36.62 16.18
C GLN B 476 16.70 37.61 17.01
N ILE B 477 15.69 38.25 16.40
CA ILE B 477 14.75 39.22 17.04
C ILE B 477 13.32 38.74 16.77
N SER B 478 12.43 38.85 17.76
CA SER B 478 10.99 38.48 17.68
C SER B 478 10.32 39.29 16.56
N ARG B 479 9.33 38.70 15.87
CA ARG B 479 8.74 39.22 14.61
C ARG B 479 8.14 40.61 14.83
N GLY B 480 7.55 40.85 16.01
CA GLY B 480 7.00 42.17 16.40
C GLY B 480 8.07 43.25 16.44
N GLN B 481 9.31 42.87 16.76
CA GLN B 481 10.47 43.79 16.94
C GLN B 481 11.50 43.58 15.82
N SER B 482 11.19 42.74 14.82
CA SER B 482 12.10 42.38 13.69
C SER B 482 12.32 43.61 12.80
N HIS B 483 11.25 44.35 12.47
CA HIS B 483 11.27 45.50 11.52
C HIS B 483 11.64 46.80 12.25
N LEU B 484 11.89 46.75 13.57
CA LEU B 484 12.39 47.90 14.38
C LEU B 484 13.93 47.89 14.42
N ALA B 485 14.56 46.88 13.80
CA ALA B 485 16.04 46.74 13.72
C ALA B 485 16.61 47.77 12.75
N PRO B 486 17.88 48.18 12.91
CA PRO B 486 18.47 49.23 12.07
C PRO B 486 18.91 48.70 10.68
N ILE B 487 19.43 49.59 9.84
CA ILE B 487 19.80 49.30 8.41
C ILE B 487 21.19 48.65 8.36
N ASN B 488 21.98 48.75 9.44
CA ASN B 488 23.31 48.09 9.56
C ASN B 488 23.13 46.56 9.55
N TYR B 489 21.98 46.08 10.06
CA TYR B 489 21.60 44.65 10.12
C TYR B 489 21.26 44.15 8.70
N MET B 490 22.04 43.19 8.20
CA MET B 490 21.82 42.50 6.90
C MET B 490 21.05 41.19 7.16
N ARG B 491 19.99 40.93 6.39
CA ARG B 491 19.15 39.71 6.52
C ARG B 491 20.01 38.48 6.21
N ARG B 492 19.96 37.48 7.09
CA ARG B 492 20.73 36.21 6.99
C ARG B 492 19.75 35.03 6.88
N GLN B 493 18.83 34.91 7.85
CA GLN B 493 17.80 33.83 7.93
C GLN B 493 16.44 34.45 8.27
N THR B 494 15.41 34.14 7.48
CA THR B 494 13.98 34.47 7.75
C THR B 494 13.32 33.24 8.40
N LEU B 495 12.75 33.41 9.60
CA LEU B 495 12.07 32.34 10.38
C LEU B 495 10.61 32.73 10.59
N LYS B 496 9.86 31.86 11.28
CA LYS B 496 8.45 32.10 11.71
C LYS B 496 8.47 32.69 13.11
N ASN B 497 7.89 33.89 13.28
CA ASN B 497 7.86 34.68 14.54
C ASN B 497 9.30 35.02 14.98
N ALA B 498 10.20 35.24 14.02
CA ALA B 498 11.60 35.68 14.24
C ALA B 498 12.25 36.06 12.91
N GLU B 499 13.22 36.99 12.94
CA GLU B 499 14.08 37.38 11.79
C GLU B 499 15.53 37.43 12.24
N ARG B 500 16.37 36.51 11.75
CA ARG B 500 17.83 36.43 12.06
C ARG B 500 18.59 37.35 11.10
N TYR B 501 19.65 38.00 11.59
CA TYR B 501 20.47 39.01 10.85
C TYR B 501 21.97 38.70 10.99
N ILE B 502 22.80 39.48 10.30
CA ILE B 502 24.29 39.44 10.39
C ILE B 502 24.84 40.86 10.19
N ILE B 503 25.95 41.19 10.87
CA ILE B 503 26.71 42.46 10.73
C ILE B 503 28.20 42.13 10.56
N PRO B 504 29.03 43.04 10.00
CA PRO B 504 30.43 42.73 9.70
C PRO B 504 31.26 42.32 10.93
N GLU B 505 31.10 43.02 12.05
CA GLU B 505 31.82 42.77 13.32
C GLU B 505 31.60 41.32 13.76
N LEU B 506 30.34 40.87 13.73
CA LEU B 506 29.94 39.47 14.05
C LEU B 506 30.51 38.52 12.98
N LYS B 507 30.34 38.85 11.70
CA LYS B 507 30.79 38.02 10.55
C LYS B 507 32.31 37.85 10.59
N GLU B 508 33.05 38.91 10.99
CA GLU B 508 34.51 38.86 11.23
C GLU B 508 34.80 37.94 12.43
N TYR B 509 34.12 38.19 13.55
CA TYR B 509 34.24 37.42 14.81
C TYR B 509 33.85 35.95 14.57
N GLU B 510 32.85 35.73 13.70
CA GLU B 510 32.32 34.39 13.32
C GLU B 510 33.45 33.54 12.72
N ASP B 511 34.33 34.15 11.92
CA ASP B 511 35.42 33.47 11.17
C ASP B 511 36.48 32.96 12.16
N LYS B 512 37.03 33.84 13.01
CA LYS B 512 38.11 33.51 13.98
C LYS B 512 37.60 32.45 14.97
N VAL B 513 36.30 32.48 15.29
CA VAL B 513 35.65 31.53 16.23
C VAL B 513 35.43 30.20 15.50
N LEU B 514 34.77 30.21 14.33
CA LEU B 514 34.48 28.99 13.50
C LEU B 514 35.72 28.08 13.43
N THR B 515 36.93 28.67 13.30
CA THR B 515 38.19 27.92 13.05
C THR B 515 38.76 27.32 14.35
N SER B 516 39.15 28.13 15.33
CA SER B 516 39.67 27.64 16.64
C SER B 516 38.56 26.90 17.39
N LYS B 517 37.35 27.46 17.43
CA LYS B 517 36.19 26.78 18.04
C LYS B 517 35.89 25.59 17.14
N GLY B 518 36.25 25.63 15.85
CA GLY B 518 36.15 24.48 14.92
C GLY B 518 37.04 23.35 15.37
N LYS B 519 38.26 23.66 15.85
CA LYS B 519 39.25 22.67 16.38
C LYS B 519 38.76 22.27 17.77
N ALA B 520 38.01 23.14 18.48
CA ALA B 520 37.31 22.79 19.73
C ALA B 520 36.12 21.93 19.36
N LEU B 521 35.39 22.27 18.29
CA LEU B 521 34.17 21.54 17.81
C LEU B 521 34.59 20.17 17.29
N ALA B 522 35.72 20.07 16.58
CA ALA B 522 36.25 18.78 16.10
C ALA B 522 36.60 17.96 17.33
N LEU B 523 37.25 18.58 18.32
CA LEU B 523 37.56 17.92 19.62
C LEU B 523 36.25 17.67 20.37
N GLU B 524 35.28 18.59 20.30
CA GLU B 524 33.97 18.48 21.00
C GLU B 524 33.25 17.30 20.38
N LYS B 525 33.33 17.11 19.06
CA LYS B 525 32.75 15.94 18.35
C LYS B 525 33.57 14.70 18.70
N GLN B 526 34.90 14.83 18.83
CA GLN B 526 35.81 13.72 19.20
C GLN B 526 35.54 13.29 20.64
N LEU B 527 35.22 14.23 21.54
CA LEU B 527 34.92 13.94 22.98
C LEU B 527 33.52 13.34 23.02
N TYR B 528 32.57 13.76 22.19
CA TYR B 528 31.18 13.29 22.04
C TYR B 528 31.15 11.83 21.59
N GLU B 529 32.12 11.42 20.75
CA GLU B 529 32.36 10.01 20.36
C GLU B 529 32.94 9.25 21.56
N GLU B 530 33.83 9.89 22.33
CA GLU B 530 34.46 9.34 23.55
C GLU B 530 33.39 9.11 24.63
N LEU B 531 32.31 9.89 24.61
CA LEU B 531 31.13 9.72 25.50
C LEU B 531 30.45 8.37 25.20
N PHE B 532 30.43 7.94 23.93
CA PHE B 532 29.95 6.59 23.51
C PHE B 532 30.88 5.53 24.09
N ASP B 533 32.20 5.76 24.03
CA ASP B 533 33.26 4.84 24.53
C ASP B 533 33.12 4.66 26.06
N LEU B 534 32.54 5.64 26.75
CA LEU B 534 32.29 5.61 28.22
C LEU B 534 30.91 5.02 28.51
N LEU B 535 30.00 5.03 27.53
CA LEU B 535 28.61 4.50 27.66
C LEU B 535 28.50 3.08 27.09
N LEU B 536 29.32 2.73 26.07
CA LEU B 536 29.28 1.42 25.35
C LEU B 536 29.60 0.24 26.26
N PRO B 537 30.46 0.35 27.30
CA PRO B 537 30.63 -0.71 28.28
C PRO B 537 29.32 -1.14 28.95
N HIS B 538 28.43 -0.17 29.24
CA HIS B 538 27.09 -0.38 29.85
C HIS B 538 26.01 -0.49 28.78
N LEU B 539 26.33 -0.19 27.50
CA LEU B 539 25.28 -0.17 26.44
C LEU B 539 24.34 -1.37 26.60
N GLU B 540 24.90 -2.58 26.69
CA GLU B 540 24.10 -3.82 26.87
C GLU B 540 23.19 -3.66 28.11
N ALA B 541 23.75 -3.20 29.23
CA ALA B 541 23.05 -3.01 30.52
C ALA B 541 22.01 -1.88 30.42
N LEU B 542 22.28 -0.87 29.59
CA LEU B 542 21.36 0.29 29.36
C LEU B 542 20.14 -0.18 28.55
N GLN B 543 20.35 -1.04 27.56
CA GLN B 543 19.29 -1.67 26.72
C GLN B 543 18.39 -2.53 27.61
N GLN B 544 19.01 -3.37 28.45
CA GLN B 544 18.32 -4.21 29.47
C GLN B 544 17.49 -3.30 30.39
N SER B 545 18.14 -2.25 30.90
CA SER B 545 17.52 -1.20 31.78
C SER B 545 16.37 -0.51 31.03
N ALA B 546 16.60 -0.12 29.77
CA ALA B 546 15.60 0.55 28.90
C ALA B 546 14.39 -0.36 28.69
N SER B 547 14.63 -1.62 28.36
CA SER B 547 13.60 -2.68 28.19
C SER B 547 12.83 -2.86 29.52
N ALA B 548 13.55 -2.86 30.64
CA ALA B 548 13.00 -2.98 32.01
C ALA B 548 12.18 -1.72 32.35
N LEU B 549 12.70 -0.54 32.02
CA LEU B 549 12.01 0.77 32.19
C LEU B 549 10.75 0.81 31.31
N ALA B 550 10.88 0.36 30.06
CA ALA B 550 9.78 0.25 29.08
C ALA B 550 8.72 -0.73 29.61
N GLU B 551 9.16 -1.87 30.17
CA GLU B 551 8.29 -2.90 30.78
C GLU B 551 7.59 -2.31 32.01
N LEU B 552 8.31 -1.54 32.83
CA LEU B 552 7.77 -0.86 34.03
C LEU B 552 6.64 0.09 33.60
N ASP B 553 6.88 0.92 32.58
CA ASP B 553 5.87 1.88 32.05
C ASP B 553 4.61 1.11 31.65
N VAL B 554 4.75 0.04 30.86
CA VAL B 554 3.64 -0.86 30.44
C VAL B 554 2.91 -1.33 31.69
N LEU B 555 3.59 -2.00 32.64
CA LEU B 555 2.94 -2.64 33.83
C LEU B 555 2.41 -1.57 34.81
N VAL B 556 3.01 -0.38 34.92
CA VAL B 556 2.46 0.78 35.69
C VAL B 556 1.24 1.32 34.92
N ASN B 557 1.35 1.45 33.59
CA ASN B 557 0.25 1.90 32.70
C ASN B 557 -0.95 0.96 32.87
N LEU B 558 -0.73 -0.35 32.78
CA LEU B 558 -1.79 -1.39 32.95
C LEU B 558 -2.36 -1.31 34.38
N ALA B 559 -1.48 -1.10 35.37
CA ALA B 559 -1.84 -0.95 36.80
C ALA B 559 -2.70 0.31 37.00
N GLU B 560 -2.47 1.35 36.19
CA GLU B 560 -3.30 2.58 36.14
C GLU B 560 -4.67 2.23 35.55
N ARG B 561 -4.68 1.55 34.40
CA ARG B 561 -5.91 1.20 33.63
C ARG B 561 -6.79 0.29 34.48
N ALA B 562 -6.21 -0.74 35.09
CA ALA B 562 -6.90 -1.73 35.95
C ALA B 562 -7.47 -1.03 37.19
N TYR B 563 -6.71 -0.12 37.80
CA TYR B 563 -7.12 0.71 38.97
C TYR B 563 -8.27 1.64 38.57
N THR B 564 -8.13 2.30 37.41
CA THR B 564 -9.11 3.29 36.87
C THR B 564 -10.42 2.58 36.51
N LEU B 565 -10.34 1.46 35.79
CA LEU B 565 -11.49 0.73 35.20
C LEU B 565 -11.89 -0.46 36.09
N ASN B 566 -11.24 -0.62 37.25
CA ASN B 566 -11.53 -1.69 38.25
C ASN B 566 -11.51 -3.06 37.55
N TYR B 567 -10.49 -3.31 36.72
CA TYR B 567 -10.24 -4.62 36.07
C TYR B 567 -9.84 -5.64 37.16
N THR B 568 -10.12 -6.91 36.91
CA THR B 568 -9.85 -8.06 37.82
C THR B 568 -8.69 -8.89 37.26
N SER B 569 -8.00 -9.64 38.12
CA SER B 569 -6.92 -10.60 37.75
C SER B 569 -7.54 -11.96 37.46
N PRO B 570 -7.59 -12.41 36.18
CA PRO B 570 -8.07 -13.76 35.87
C PRO B 570 -7.01 -14.82 36.22
N THR B 571 -7.44 -15.90 36.90
CA THR B 571 -6.56 -17.02 37.33
C THR B 571 -6.71 -18.18 36.34
N PHE B 572 -5.58 -18.73 35.89
CA PHE B 572 -5.49 -19.75 34.80
C PHE B 572 -5.66 -21.15 35.40
N ILE B 573 -6.49 -21.98 34.77
CA ILE B 573 -6.71 -23.41 35.15
C ILE B 573 -6.10 -24.29 34.04
N ASP B 574 -6.10 -25.62 34.25
CA ASP B 574 -5.43 -26.61 33.37
C ASP B 574 -6.36 -27.02 32.22
N LYS B 575 -7.67 -27.05 32.45
CA LYS B 575 -8.70 -27.52 31.48
C LYS B 575 -9.25 -26.34 30.68
N PRO B 576 -9.64 -26.55 29.40
CA PRO B 576 -10.10 -25.45 28.54
C PRO B 576 -11.47 -24.90 28.96
N GLY B 577 -11.57 -23.57 29.12
CA GLY B 577 -12.84 -22.88 29.46
C GLY B 577 -12.60 -21.56 30.17
N ILE B 578 -13.48 -20.59 29.92
CA ILE B 578 -13.47 -19.23 30.54
C ILE B 578 -14.76 -19.08 31.37
N ARG B 579 -14.64 -18.79 32.66
CA ARG B 579 -15.78 -18.50 33.57
C ARG B 579 -15.75 -17.02 33.96
N ILE B 580 -16.39 -16.18 33.15
CA ILE B 580 -16.48 -14.70 33.35
C ILE B 580 -17.68 -14.40 34.24
N THR B 581 -17.51 -13.53 35.24
CA THR B 581 -18.57 -13.00 36.12
C THR B 581 -18.79 -11.52 35.76
N GLU B 582 -19.94 -11.20 35.13
CA GLU B 582 -20.35 -9.83 34.76
C GLU B 582 -19.19 -9.13 34.03
N GLY B 583 -18.71 -9.73 32.94
CA GLY B 583 -17.61 -9.19 32.10
C GLY B 583 -18.12 -8.20 31.08
N ARG B 584 -17.22 -7.37 30.53
CA ARG B 584 -17.57 -6.27 29.60
C ARG B 584 -16.51 -6.16 28.50
N HIS B 585 -16.87 -5.52 27.38
CA HIS B 585 -16.00 -5.25 26.21
C HIS B 585 -15.03 -4.13 26.59
N PRO B 586 -13.72 -4.42 26.72
CA PRO B 586 -12.76 -3.46 27.29
C PRO B 586 -12.62 -2.14 26.50
N VAL B 587 -12.89 -2.20 25.19
CA VAL B 587 -12.74 -1.06 24.24
C VAL B 587 -14.08 -0.37 24.05
N VAL B 588 -15.12 -1.15 23.74
CA VAL B 588 -16.50 -0.67 23.43
C VAL B 588 -17.04 0.10 24.63
N GLU B 589 -16.77 -0.35 25.87
CA GLU B 589 -17.22 0.32 27.12
C GLU B 589 -16.59 1.71 27.23
N GLN B 590 -15.36 1.88 26.73
CA GLN B 590 -14.59 3.16 26.82
C GLN B 590 -15.12 4.15 25.78
N VAL B 591 -15.41 3.67 24.55
CA VAL B 591 -15.91 4.50 23.42
C VAL B 591 -17.42 4.77 23.47
N LEU B 592 -18.15 3.94 24.21
CA LEU B 592 -19.60 4.12 24.29
C LEU B 592 -19.95 5.27 25.20
N ASN B 593 -21.09 5.89 24.95
CA ASN B 593 -21.64 6.98 25.81
C ASN B 593 -22.54 6.45 26.93
N GLU B 594 -22.68 5.12 27.02
CA GLU B 594 -23.54 4.40 28.01
C GLU B 594 -22.69 3.32 28.69
N PRO B 595 -22.77 3.14 30.03
CA PRO B 595 -21.98 2.10 30.70
C PRO B 595 -22.37 0.73 30.16
N PHE B 596 -21.39 -0.03 29.66
CA PHE B 596 -21.67 -1.37 29.09
C PHE B 596 -22.52 -2.20 30.04
N ILE B 597 -23.44 -3.00 29.50
CA ILE B 597 -24.27 -3.90 30.36
C ILE B 597 -23.42 -5.15 30.61
N ALA B 598 -22.54 -5.12 31.59
CA ALA B 598 -21.62 -6.26 31.87
C ALA B 598 -22.39 -7.57 31.90
N ASN B 599 -21.94 -8.59 31.16
CA ASN B 599 -22.61 -9.92 31.19
C ASN B 599 -21.57 -11.02 31.37
N PRO B 600 -21.95 -12.13 32.05
CA PRO B 600 -21.03 -13.22 32.33
C PRO B 600 -20.91 -14.19 31.14
N LEU B 601 -19.99 -15.15 31.27
CA LEU B 601 -19.79 -16.26 30.31
C LEU B 601 -19.31 -17.49 31.09
N ASN B 602 -19.85 -18.66 30.76
CA ASN B 602 -19.52 -19.95 31.43
C ASN B 602 -19.10 -20.96 30.35
N LEU B 603 -17.84 -20.88 29.90
CA LEU B 603 -17.25 -21.83 28.92
C LEU B 603 -16.45 -22.89 29.67
N SER B 604 -16.64 -24.15 29.25
CA SER B 604 -16.00 -25.38 29.78
C SER B 604 -16.09 -26.44 28.69
N PRO B 605 -15.42 -27.61 28.79
CA PRO B 605 -15.56 -28.65 27.78
C PRO B 605 -16.93 -29.36 27.84
N GLN B 606 -17.78 -28.97 28.79
CA GLN B 606 -19.22 -29.39 28.89
C GLN B 606 -20.08 -28.38 28.13
N ARG B 607 -20.01 -27.11 28.53
CA ARG B 607 -20.64 -25.94 27.83
C ARG B 607 -19.57 -25.31 26.93
N ARG B 608 -19.32 -25.92 25.77
CA ARG B 608 -18.14 -25.66 24.91
C ARG B 608 -18.57 -24.99 23.60
N MET B 609 -19.81 -24.47 23.54
CA MET B 609 -20.34 -23.81 22.33
C MET B 609 -21.54 -22.93 22.69
N LEU B 610 -21.65 -21.74 22.10
CA LEU B 610 -22.82 -20.81 22.23
C LEU B 610 -23.26 -20.37 20.84
N ILE B 611 -24.49 -20.71 20.45
CA ILE B 611 -25.14 -20.12 19.24
C ILE B 611 -25.80 -18.80 19.66
N ILE B 612 -25.20 -17.69 19.24
CA ILE B 612 -25.59 -16.29 19.57
C ILE B 612 -26.42 -15.74 18.41
N THR B 613 -27.75 -15.70 18.57
CA THR B 613 -28.67 -15.02 17.63
C THR B 613 -28.96 -13.61 18.18
N GLY B 614 -29.52 -12.69 17.36
CA GLY B 614 -29.78 -11.29 17.77
C GLY B 614 -30.16 -10.36 16.61
N PRO B 615 -30.37 -9.04 16.82
CA PRO B 615 -30.65 -8.05 15.73
C PRO B 615 -29.46 -7.48 14.92
N ASN B 616 -29.70 -6.79 13.79
CA ASN B 616 -28.64 -6.10 12.98
C ASN B 616 -28.24 -4.86 13.77
N MET B 617 -26.94 -4.53 13.91
CA MET B 617 -26.55 -3.41 14.82
C MET B 617 -27.24 -3.61 16.18
N GLY B 618 -27.49 -4.87 16.55
CA GLY B 618 -28.08 -5.26 17.85
C GLY B 618 -27.02 -5.29 18.94
N GLY B 619 -25.78 -5.67 18.61
CA GLY B 619 -24.68 -5.80 19.60
C GLY B 619 -24.52 -7.28 19.93
N LYS B 620 -24.90 -8.20 19.03
CA LYS B 620 -24.65 -9.66 19.21
C LYS B 620 -23.17 -9.92 19.01
N SER B 621 -22.46 -9.01 18.31
CA SER B 621 -21.01 -9.16 18.01
C SER B 621 -20.14 -8.61 19.14
N THR B 622 -20.67 -7.95 20.16
CA THR B 622 -19.97 -7.39 21.34
C THR B 622 -19.58 -8.51 22.30
N TYR B 623 -20.57 -9.21 22.87
CA TYR B 623 -20.40 -10.36 23.80
C TYR B 623 -19.46 -11.39 23.18
N MET B 624 -19.53 -11.54 21.85
CA MET B 624 -18.65 -12.38 21.02
C MET B 624 -17.21 -11.86 21.09
N ARG B 625 -17.00 -10.59 20.73
CA ARG B 625 -15.67 -9.92 20.63
C ARG B 625 -15.11 -9.66 22.03
N GLN B 626 -15.98 -9.34 23.01
CA GLN B 626 -15.58 -9.05 24.41
C GLN B 626 -14.92 -10.29 25.01
N THR B 627 -15.44 -11.48 24.67
CA THR B 627 -14.91 -12.80 25.11
C THR B 627 -13.49 -12.99 24.58
N ALA B 628 -13.24 -12.59 23.32
CA ALA B 628 -11.95 -12.74 22.60
C ALA B 628 -10.89 -11.85 23.25
N LEU B 629 -11.23 -10.58 23.52
CA LEU B 629 -10.33 -9.59 24.17
C LEU B 629 -9.97 -10.04 25.58
N ILE B 630 -10.98 -10.50 26.34
CA ILE B 630 -10.84 -10.99 27.74
C ILE B 630 -9.74 -12.06 27.80
N ALA B 631 -9.79 -13.04 26.89
CA ALA B 631 -8.77 -14.10 26.73
C ALA B 631 -7.41 -13.46 26.44
N LEU B 632 -7.37 -12.55 25.45
CA LEU B 632 -6.12 -11.88 24.98
C LEU B 632 -5.57 -10.97 26.08
N MET B 633 -6.44 -10.21 26.76
CA MET B 633 -6.07 -9.30 27.89
C MET B 633 -5.58 -10.13 29.08
N ALA B 634 -6.15 -11.31 29.30
CA ALA B 634 -5.74 -12.27 30.36
C ALA B 634 -4.33 -12.80 30.04
N TYR B 635 -4.02 -12.97 28.75
CA TYR B 635 -2.76 -13.59 28.25
C TYR B 635 -1.73 -12.52 27.88
N ILE B 636 -1.87 -11.30 28.43
CA ILE B 636 -0.77 -10.29 28.53
C ILE B 636 -0.46 -10.04 30.01
N GLY B 637 -0.96 -10.91 30.90
CA GLY B 637 -0.76 -10.83 32.36
C GLY B 637 -1.42 -9.59 32.95
N SER B 638 -2.22 -8.87 32.16
CA SER B 638 -2.91 -7.62 32.55
C SER B 638 -4.26 -7.98 33.19
N TYR B 639 -4.73 -7.15 34.12
CA TYR B 639 -6.05 -7.29 34.78
C TYR B 639 -7.13 -7.11 33.70
N VAL B 640 -8.11 -8.01 33.70
CA VAL B 640 -9.08 -8.23 32.57
C VAL B 640 -10.35 -7.41 32.82
N PRO B 641 -11.02 -6.92 31.75
CA PRO B 641 -12.32 -6.25 31.88
C PRO B 641 -13.47 -7.19 32.30
N ALA B 642 -13.58 -7.45 33.61
CA ALA B 642 -14.68 -8.22 34.23
C ALA B 642 -14.65 -8.06 35.75
N GLN B 643 -15.71 -8.50 36.43
CA GLN B 643 -15.80 -8.55 37.92
C GLN B 643 -14.90 -9.69 38.41
N LYS B 644 -14.87 -10.82 37.68
CA LYS B 644 -14.10 -12.04 38.04
C LYS B 644 -14.06 -12.98 36.83
N VAL B 645 -12.88 -13.53 36.53
CA VAL B 645 -12.67 -14.51 35.42
C VAL B 645 -11.77 -15.66 35.94
N GLU B 646 -12.10 -16.90 35.54
CA GLU B 646 -11.24 -18.10 35.70
C GLU B 646 -11.14 -18.78 34.34
N ILE B 647 -9.95 -18.75 33.73
CA ILE B 647 -9.73 -19.08 32.28
C ILE B 647 -8.81 -20.29 32.17
N GLY B 648 -9.00 -21.09 31.11
CA GLY B 648 -8.18 -22.29 30.80
C GLY B 648 -7.34 -22.07 29.55
N PRO B 649 -6.52 -23.06 29.12
CA PRO B 649 -5.64 -22.89 27.96
C PRO B 649 -6.40 -22.54 26.67
N ILE B 650 -6.11 -21.35 26.12
CA ILE B 650 -6.58 -20.90 24.77
C ILE B 650 -5.34 -20.58 23.94
N ASP B 651 -4.92 -21.52 23.09
CA ASP B 651 -3.67 -21.32 22.32
C ASP B 651 -3.97 -20.67 20.97
N ARG B 652 -5.15 -20.93 20.39
CA ARG B 652 -5.41 -20.39 19.02
C ARG B 652 -6.64 -19.48 19.03
N ILE B 653 -6.53 -18.30 18.40
CA ILE B 653 -7.73 -17.42 18.26
C ILE B 653 -8.05 -17.35 16.77
N PHE B 654 -9.23 -17.81 16.37
CA PHE B 654 -9.61 -17.82 14.94
C PHE B 654 -10.86 -16.96 14.78
N THR B 655 -10.87 -16.04 13.81
CA THR B 655 -12.01 -15.10 13.73
C THR B 655 -12.72 -14.97 12.39
N ARG B 656 -14.03 -14.70 12.38
CA ARG B 656 -14.74 -14.47 11.10
C ARG B 656 -15.47 -13.12 11.08
N VAL B 657 -15.27 -12.33 10.03
CA VAL B 657 -15.93 -11.01 9.76
C VAL B 657 -16.05 -10.72 8.26
N GLY B 658 -17.21 -10.21 7.84
CA GLY B 658 -17.64 -10.15 6.42
C GLY B 658 -16.69 -9.35 5.54
N ALA B 659 -16.39 -9.88 4.35
CA ALA B 659 -15.56 -9.27 3.29
C ALA B 659 -14.31 -8.63 3.90
N PHE B 670 -18.10 -14.24 0.29
CA PHE B 670 -17.92 -15.70 0.10
C PHE B 670 -16.59 -16.14 -0.52
N MET B 671 -16.04 -15.38 -1.49
CA MET B 671 -14.68 -15.65 -2.08
C MET B 671 -13.63 -15.16 -1.08
N VAL B 672 -14.00 -14.36 -0.07
CA VAL B 672 -13.15 -13.90 1.08
C VAL B 672 -13.74 -14.49 2.37
N GLU B 673 -15.06 -14.50 2.55
CA GLU B 673 -15.72 -14.91 3.83
C GLU B 673 -15.53 -16.41 4.11
N MET B 674 -16.01 -17.30 3.22
CA MET B 674 -15.95 -18.78 3.34
C MET B 674 -14.50 -19.26 3.28
N THR B 675 -13.59 -18.45 2.74
CA THR B 675 -12.16 -18.86 2.73
C THR B 675 -11.63 -18.88 4.17
N GLU B 676 -12.04 -17.89 4.99
CA GLU B 676 -11.67 -17.83 6.43
C GLU B 676 -12.40 -18.95 7.17
N THR B 677 -13.69 -19.18 6.88
CA THR B 677 -14.50 -20.21 7.59
C THR B 677 -13.87 -21.58 7.31
N ALA B 678 -13.36 -21.83 6.11
CA ALA B 678 -12.64 -23.09 5.77
C ALA B 678 -11.38 -23.23 6.63
N ASN B 679 -10.65 -22.11 6.84
CA ASN B 679 -9.39 -22.06 7.64
C ASN B 679 -9.69 -22.26 9.12
N ILE B 680 -10.82 -21.79 9.64
CA ILE B 680 -11.13 -21.83 11.10
C ILE B 680 -11.59 -23.27 11.38
N LEU B 681 -12.33 -23.93 10.52
CA LEU B 681 -12.80 -25.35 10.59
C LEU B 681 -11.60 -26.29 10.70
N HIS B 682 -10.65 -26.26 9.79
CA HIS B 682 -9.58 -27.28 9.85
C HIS B 682 -8.59 -26.98 10.95
N ASN B 683 -8.23 -25.74 11.14
CA ASN B 683 -7.15 -25.40 12.11
C ASN B 683 -7.67 -25.52 13.55
N ALA B 684 -8.91 -25.09 13.82
CA ALA B 684 -9.46 -24.94 15.19
C ALA B 684 -9.43 -26.29 15.92
N THR B 685 -9.04 -26.25 17.20
CA THR B 685 -8.92 -27.40 18.13
C THR B 685 -9.99 -27.29 19.22
N GLU B 686 -9.97 -28.20 20.20
CA GLU B 686 -10.87 -28.17 21.39
C GLU B 686 -10.65 -26.88 22.19
N TYR B 687 -9.43 -26.32 22.10
CA TYR B 687 -8.93 -25.20 22.93
C TYR B 687 -9.09 -23.86 22.21
N SER B 688 -9.22 -23.89 20.88
CA SER B 688 -9.27 -22.68 20.01
C SER B 688 -10.58 -21.92 20.23
N LEU B 689 -10.50 -20.56 20.25
CA LEU B 689 -11.67 -19.66 20.45
C LEU B 689 -12.16 -19.17 19.07
N VAL B 690 -13.32 -19.62 18.59
CA VAL B 690 -13.90 -19.37 17.24
C VAL B 690 -14.91 -18.22 17.35
N LEU B 691 -14.76 -17.19 16.51
CA LEU B 691 -15.66 -16.02 16.56
C LEU B 691 -16.24 -15.77 15.16
N MET B 692 -17.31 -16.47 14.81
CA MET B 692 -17.88 -16.33 13.45
C MET B 692 -18.97 -15.26 13.46
N ASP B 693 -18.86 -14.26 12.59
CA ASP B 693 -19.83 -13.13 12.57
C ASP B 693 -20.50 -13.06 11.20
N GLU B 694 -21.83 -12.99 11.14
CA GLU B 694 -22.57 -12.86 9.86
C GLU B 694 -22.12 -13.91 8.86
N ILE B 695 -21.92 -15.15 9.30
CA ILE B 695 -21.54 -16.28 8.40
C ILE B 695 -22.76 -16.69 7.59
N GLY B 696 -22.55 -17.22 6.38
CA GLY B 696 -23.66 -17.60 5.50
C GLY B 696 -24.29 -16.39 4.85
N ARG B 697 -23.62 -15.23 4.81
CA ARG B 697 -24.11 -14.06 4.02
C ARG B 697 -23.78 -14.48 2.60
N GLY B 698 -24.60 -15.32 1.93
CA GLY B 698 -24.22 -15.91 0.63
C GLY B 698 -25.22 -15.69 -0.49
N THR B 699 -25.31 -16.64 -1.41
CA THR B 699 -26.14 -16.48 -2.64
C THR B 699 -27.63 -16.65 -2.32
N SER B 700 -27.99 -17.12 -1.11
CA SER B 700 -29.38 -17.37 -0.70
C SER B 700 -29.51 -17.41 0.83
N THR B 701 -30.69 -17.81 1.32
CA THR B 701 -30.99 -18.10 2.75
C THR B 701 -30.95 -19.61 2.98
N TYR B 702 -30.73 -20.41 1.92
CA TYR B 702 -30.68 -21.89 1.96
C TYR B 702 -29.23 -22.40 1.84
N ASP B 703 -28.35 -21.67 1.15
CA ASP B 703 -26.91 -22.01 1.03
C ASP B 703 -26.20 -21.61 2.34
N GLY B 704 -26.45 -20.39 2.81
CA GLY B 704 -25.79 -19.80 3.99
C GLY B 704 -26.17 -20.53 5.27
N LEU B 705 -27.47 -20.80 5.45
CA LEU B 705 -28.04 -21.59 6.58
C LEU B 705 -27.42 -23.00 6.54
N SER B 706 -27.53 -23.68 5.40
CA SER B 706 -27.06 -25.09 5.20
C SER B 706 -25.59 -25.24 5.60
N LEU B 707 -24.75 -24.29 5.20
CA LEU B 707 -23.31 -24.23 5.59
C LEU B 707 -23.21 -23.93 7.10
N ALA B 708 -23.88 -22.86 7.55
CA ALA B 708 -23.92 -22.42 8.96
C ALA B 708 -24.35 -23.58 9.86
N TRP B 709 -25.36 -24.35 9.44
CA TRP B 709 -25.89 -25.55 10.11
C TRP B 709 -24.77 -26.60 10.26
N ALA B 710 -24.04 -26.86 9.17
CA ALA B 710 -22.95 -27.86 9.08
C ALA B 710 -21.73 -27.40 9.90
N VAL B 711 -21.41 -26.11 9.84
CA VAL B 711 -20.27 -25.48 10.57
C VAL B 711 -20.52 -25.59 12.08
N ALA B 712 -21.71 -25.20 12.53
CA ALA B 712 -22.16 -25.25 13.95
C ALA B 712 -22.16 -26.69 14.44
N GLU B 713 -22.68 -27.62 13.63
CA GLU B 713 -22.66 -29.08 13.88
C GLU B 713 -21.22 -29.53 14.07
N ASN B 714 -20.35 -29.26 13.08
CA ASN B 714 -18.92 -29.67 13.05
C ASN B 714 -18.24 -29.28 14.36
N LEU B 715 -18.38 -28.01 14.77
CA LEU B 715 -17.67 -27.39 15.91
C LEU B 715 -18.29 -27.84 17.24
N ALA B 716 -19.49 -28.43 17.21
CA ALA B 716 -20.20 -28.99 18.39
C ALA B 716 -20.12 -30.52 18.39
N ASN B 717 -20.16 -31.14 17.20
CA ASN B 717 -20.20 -32.63 17.01
C ASN B 717 -18.77 -33.18 16.99
N LYS B 718 -17.92 -32.66 16.09
CA LYS B 718 -16.59 -33.24 15.76
C LYS B 718 -15.50 -32.55 16.59
N ILE B 719 -15.28 -31.25 16.38
CA ILE B 719 -14.15 -30.49 16.98
C ILE B 719 -14.47 -30.23 18.46
N LYS B 720 -15.71 -29.83 18.75
CA LYS B 720 -16.19 -29.52 20.13
C LYS B 720 -15.39 -28.30 20.65
N ALA B 721 -15.09 -27.36 19.75
CA ALA B 721 -14.25 -26.17 20.01
C ALA B 721 -15.08 -25.04 20.61
N LEU B 722 -14.45 -24.15 21.38
CA LEU B 722 -15.06 -22.89 21.88
C LEU B 722 -15.45 -22.02 20.68
N THR B 723 -16.75 -21.90 20.41
CA THR B 723 -17.30 -21.17 19.23
C THR B 723 -18.33 -20.14 19.69
N LEU B 724 -18.27 -18.91 19.12
CA LEU B 724 -19.19 -17.77 19.39
C LEU B 724 -19.77 -17.39 18.02
N PHE B 725 -20.99 -17.90 17.70
CA PHE B 725 -21.65 -17.83 16.37
C PHE B 725 -22.68 -16.70 16.23
N ALA B 726 -22.28 -15.43 16.17
CA ALA B 726 -23.13 -14.25 15.89
C ALA B 726 -23.74 -14.42 14.49
N THR B 727 -25.07 -14.55 14.40
CA THR B 727 -25.81 -14.86 13.15
C THR B 727 -27.22 -14.27 13.22
N HIS B 728 -27.85 -14.07 12.05
CA HIS B 728 -29.27 -13.63 11.90
C HIS B 728 -30.17 -14.84 11.70
N TYR B 729 -29.58 -16.02 11.47
CA TYR B 729 -30.31 -17.27 11.13
C TYR B 729 -31.01 -17.79 12.38
N PHE B 730 -32.27 -17.37 12.56
CA PHE B 730 -33.20 -17.78 13.64
C PHE B 730 -33.57 -19.26 13.48
N GLU B 731 -33.37 -19.82 12.27
CA GLU B 731 -33.61 -21.26 11.96
C GLU B 731 -32.55 -22.12 12.66
N LEU B 732 -31.35 -21.57 12.89
CA LEU B 732 -30.22 -22.26 13.58
C LEU B 732 -30.48 -22.34 15.09
N THR B 733 -31.52 -21.62 15.61
CA THR B 733 -31.94 -21.63 17.05
C THR B 733 -32.55 -22.99 17.38
N GLN B 734 -32.65 -23.90 16.41
CA GLN B 734 -33.15 -25.29 16.59
C GLN B 734 -31.97 -26.24 16.78
N LEU B 735 -30.74 -25.71 16.96
CA LEU B 735 -29.49 -26.50 17.15
C LEU B 735 -29.24 -26.82 18.63
N PRO B 736 -29.55 -25.95 19.61
CA PRO B 736 -29.40 -26.31 21.02
C PRO B 736 -30.18 -27.59 21.40
N GLU B 737 -31.32 -27.83 20.76
CA GLU B 737 -32.17 -29.05 20.96
C GLU B 737 -31.61 -30.21 20.12
N LYS B 738 -30.99 -29.90 18.97
CA LYS B 738 -30.39 -30.90 18.05
C LYS B 738 -29.03 -31.35 18.59
N MET B 739 -28.19 -30.39 19.00
CA MET B 739 -26.75 -30.59 19.33
C MET B 739 -26.55 -30.59 20.85
N GLU B 740 -25.41 -31.14 21.30
CA GLU B 740 -24.95 -31.13 22.71
C GLU B 740 -23.76 -30.17 22.84
N GLY B 741 -23.84 -29.23 23.79
CA GLY B 741 -22.84 -28.18 24.03
C GLY B 741 -23.36 -26.80 23.67
N VAL B 742 -24.29 -26.73 22.72
CA VAL B 742 -24.83 -25.46 22.13
C VAL B 742 -25.85 -24.86 23.11
N ALA B 743 -25.94 -23.53 23.16
CA ALA B 743 -26.94 -22.77 23.96
C ALA B 743 -27.48 -21.56 23.18
N ASN B 744 -28.81 -21.39 23.21
CA ASN B 744 -29.47 -20.24 22.55
C ASN B 744 -29.32 -18.99 23.43
N VAL B 745 -28.76 -17.91 22.89
CA VAL B 745 -28.68 -16.54 23.50
C VAL B 745 -29.10 -15.50 22.46
N HIS B 746 -29.55 -14.33 22.92
CA HIS B 746 -30.01 -13.21 22.04
C HIS B 746 -29.89 -11.87 22.76
N LEU B 747 -29.84 -10.79 21.97
CA LEU B 747 -29.71 -9.38 22.45
C LEU B 747 -31.10 -8.73 22.48
N ASP B 748 -31.64 -8.54 23.68
CA ASP B 748 -32.96 -7.89 23.92
C ASP B 748 -32.95 -6.49 23.27
N ALA B 749 -33.95 -6.20 22.46
CA ALA B 749 -34.22 -4.86 21.87
C ALA B 749 -35.73 -4.60 21.88
N LEU B 750 -36.13 -3.44 22.42
CA LEU B 750 -37.56 -3.01 22.51
C LEU B 750 -37.82 -1.94 21.44
N GLU B 751 -38.74 -2.24 20.52
CA GLU B 751 -39.15 -1.37 19.39
C GLU B 751 -40.53 -0.78 19.66
N HIS B 752 -40.67 0.53 19.59
CA HIS B 752 -41.97 1.26 19.66
C HIS B 752 -42.14 2.14 18.42
N GLY B 753 -43.05 1.76 17.53
CA GLY B 753 -43.31 2.44 16.24
C GLY B 753 -42.21 2.17 15.25
N ASP B 754 -41.65 3.23 14.65
CA ASP B 754 -40.53 3.17 13.67
C ASP B 754 -39.19 3.24 14.42
N THR B 755 -39.13 3.97 15.54
CA THR B 755 -37.92 4.10 16.40
C THR B 755 -37.77 2.84 17.27
N ILE B 756 -36.55 2.56 17.72
CA ILE B 756 -36.17 1.32 18.46
C ILE B 756 -35.13 1.65 19.54
N ALA B 757 -35.11 0.84 20.61
CA ALA B 757 -34.08 0.84 21.67
C ALA B 757 -33.49 -0.57 21.79
N PHE B 758 -32.16 -0.68 21.74
CA PHE B 758 -31.39 -1.94 21.95
C PHE B 758 -30.88 -1.95 23.39
N MET B 759 -31.31 -2.94 24.19
CA MET B 759 -30.86 -3.11 25.60
C MET B 759 -29.38 -3.48 25.62
N HIS B 760 -28.85 -4.00 24.51
CA HIS B 760 -27.42 -4.44 24.36
C HIS B 760 -27.07 -5.43 25.47
N SER B 761 -28.08 -6.13 26.00
CA SER B 761 -27.98 -7.04 27.17
C SER B 761 -28.26 -8.48 26.72
N VAL B 762 -27.30 -9.38 26.92
CA VAL B 762 -27.38 -10.81 26.47
C VAL B 762 -28.38 -11.54 27.38
N GLN B 763 -29.43 -12.10 26.78
CA GLN B 763 -30.49 -12.90 27.45
C GLN B 763 -30.52 -14.29 26.82
N ASP B 764 -30.73 -15.33 27.63
CA ASP B 764 -30.75 -16.75 27.19
C ASP B 764 -32.07 -17.01 26.46
N GLY B 765 -32.01 -17.19 25.14
CA GLY B 765 -33.18 -17.33 24.25
C GLY B 765 -32.82 -17.07 22.80
N ALA B 766 -33.77 -16.57 22.01
CA ALA B 766 -33.62 -16.26 20.56
C ALA B 766 -34.30 -14.93 20.23
N ALA B 767 -33.92 -14.30 19.12
CA ALA B 767 -34.43 -12.98 18.66
C ALA B 767 -35.90 -13.13 18.25
N SER B 768 -36.77 -12.25 18.76
CA SER B 768 -38.25 -12.30 18.59
C SER B 768 -38.62 -12.14 17.11
N LYS B 769 -38.09 -11.10 16.44
CA LYS B 769 -38.33 -10.86 14.99
C LYS B 769 -37.23 -9.96 14.40
N SER B 770 -37.40 -9.55 13.14
CA SER B 770 -36.49 -8.66 12.38
C SER B 770 -36.65 -7.21 12.86
N TYR B 771 -35.54 -6.45 12.90
CA TYR B 771 -35.47 -5.07 13.44
C TYR B 771 -34.81 -4.10 12.45
N GLY B 772 -34.43 -4.55 11.26
CA GLY B 772 -33.71 -3.74 10.25
C GLY B 772 -34.58 -2.59 9.78
N LEU B 773 -35.90 -2.84 9.77
CA LEU B 773 -36.97 -1.83 9.50
C LEU B 773 -36.84 -0.69 10.52
N ALA B 774 -36.84 -1.04 11.81
CA ALA B 774 -36.81 -0.13 12.96
C ALA B 774 -35.46 0.61 13.02
N VAL B 775 -34.37 -0.08 12.70
CA VAL B 775 -32.98 0.48 12.67
C VAL B 775 -32.87 1.45 11.48
N ALA B 776 -33.39 1.04 10.31
CA ALA B 776 -33.27 1.78 9.02
C ALA B 776 -33.59 3.26 9.23
N ALA B 777 -34.71 3.57 9.90
CA ALA B 777 -35.16 4.93 10.25
C ALA B 777 -34.14 5.59 11.19
N LEU B 778 -33.63 4.83 12.17
CA LEU B 778 -32.63 5.30 13.18
C LEU B 778 -31.29 5.61 12.49
N ALA B 779 -31.03 5.01 11.32
CA ALA B 779 -29.83 5.25 10.49
C ALA B 779 -30.05 6.49 9.59
N GLY B 780 -31.30 6.84 9.32
CA GLY B 780 -31.68 8.08 8.60
C GLY B 780 -32.41 7.80 7.29
N VAL B 781 -32.52 6.53 6.87
CA VAL B 781 -33.23 6.09 5.63
C VAL B 781 -34.62 6.74 5.62
N PRO B 782 -35.09 7.28 4.47
CA PRO B 782 -36.37 8.00 4.43
C PRO B 782 -37.57 7.14 4.89
N LYS B 783 -38.50 7.76 5.61
CA LYS B 783 -39.72 7.13 6.17
C LYS B 783 -40.60 6.61 5.04
N GLU B 784 -40.45 7.17 3.82
CA GLU B 784 -41.12 6.71 2.58
C GLU B 784 -40.67 5.27 2.27
N VAL B 785 -39.38 4.99 2.42
CA VAL B 785 -38.76 3.64 2.25
C VAL B 785 -39.19 2.75 3.42
N ILE B 786 -39.17 3.29 4.65
CA ILE B 786 -39.50 2.54 5.91
C ILE B 786 -40.96 2.05 5.81
N LYS B 787 -41.89 2.98 5.54
CA LYS B 787 -43.34 2.68 5.36
C LYS B 787 -43.50 1.62 4.26
N ARG B 788 -42.86 1.84 3.10
CA ARG B 788 -42.93 0.92 1.93
C ARG B 788 -42.27 -0.41 2.29
N ALA B 789 -41.25 -0.39 3.16
CA ALA B 789 -40.57 -1.60 3.70
C ALA B 789 -41.57 -2.38 4.57
N ARG B 790 -42.25 -1.69 5.49
CA ARG B 790 -43.26 -2.27 6.41
C ARG B 790 -44.51 -2.71 5.62
N GLN B 791 -44.83 -2.00 4.53
CA GLN B 791 -45.97 -2.32 3.63
C GLN B 791 -45.62 -3.54 2.78
N LYS B 792 -44.36 -3.66 2.33
CA LYS B 792 -43.84 -4.81 1.56
C LYS B 792 -43.53 -5.97 2.51
N LEU B 793 -43.10 -5.67 3.74
CA LEU B 793 -42.79 -6.65 4.81
C LEU B 793 -44.00 -7.58 5.01
N ARG B 794 -45.16 -7.00 5.30
CA ARG B 794 -46.40 -7.72 5.70
C ARG B 794 -47.02 -8.45 4.49
N GLU B 795 -46.62 -8.07 3.27
CA GLU B 795 -46.99 -8.81 2.02
C GLU B 795 -46.11 -10.06 1.90
N LEU B 796 -44.88 -10.01 2.43
CA LEU B 796 -43.90 -11.13 2.42
C LEU B 796 -44.03 -11.97 3.70
N GLU B 797 -44.29 -11.33 4.84
CA GLU B 797 -44.45 -12.00 6.17
C GLU B 797 -45.76 -12.79 6.22
N SER B 798 -46.73 -12.45 5.36
CA SER B 798 -48.04 -13.16 5.22
C SER B 798 -47.80 -14.56 4.66
N ILE B 799 -46.73 -14.76 3.88
CA ILE B 799 -46.28 -16.08 3.37
C ILE B 799 -45.61 -16.84 4.53
N SER B 800 -44.64 -16.20 5.18
CA SER B 800 -43.79 -16.78 6.25
C SER B 800 -43.47 -15.71 7.31
N VAL C 40 12.38 -31.37 -28.23
CA VAL C 40 11.85 -30.07 -27.68
C VAL C 40 12.48 -29.83 -26.30
N GLU C 41 13.80 -29.93 -26.20
CA GLU C 41 14.57 -29.79 -24.93
C GLU C 41 14.61 -28.32 -24.49
N ARG C 42 14.78 -27.39 -25.43
CA ARG C 42 14.85 -25.93 -25.14
C ARG C 42 13.44 -25.43 -24.83
N PRO C 43 13.24 -24.58 -23.80
CA PRO C 43 11.93 -24.00 -23.52
C PRO C 43 11.42 -23.16 -24.71
N ALA C 44 12.34 -22.51 -25.44
CA ALA C 44 12.08 -21.69 -26.64
C ALA C 44 11.45 -22.54 -27.76
N SER C 45 11.98 -23.75 -27.97
CA SER C 45 11.49 -24.73 -28.98
C SER C 45 10.06 -25.15 -28.64
N VAL C 46 9.77 -25.37 -27.35
CA VAL C 46 8.41 -25.68 -26.83
C VAL C 46 7.50 -24.48 -27.13
N VAL C 47 7.96 -23.27 -26.79
CA VAL C 47 7.25 -21.98 -27.06
C VAL C 47 6.90 -21.93 -28.56
N LYS C 48 7.87 -22.23 -29.43
CA LYS C 48 7.70 -22.24 -30.91
C LYS C 48 6.54 -23.17 -31.29
N GLU C 49 6.52 -24.39 -30.73
CA GLU C 49 5.46 -25.41 -30.99
C GLU C 49 4.09 -24.88 -30.56
N LEU C 50 4.02 -24.25 -29.37
CA LEU C 50 2.75 -23.75 -28.77
C LEU C 50 2.20 -22.59 -29.60
N VAL C 51 3.07 -21.72 -30.11
CA VAL C 51 2.69 -20.57 -30.98
C VAL C 51 2.21 -21.11 -32.33
N GLU C 52 2.91 -22.11 -32.87
CA GLU C 52 2.53 -22.82 -34.13
C GLU C 52 1.12 -23.42 -33.98
N ASN C 53 0.79 -23.94 -32.80
CA ASN C 53 -0.55 -24.48 -32.46
C ASN C 53 -1.57 -23.32 -32.36
N SER C 54 -1.13 -22.14 -31.92
CA SER C 54 -1.94 -20.90 -31.83
C SER C 54 -2.17 -20.32 -33.24
N LEU C 55 -1.19 -20.47 -34.14
CA LEU C 55 -1.31 -20.05 -35.57
C LEU C 55 -2.27 -20.99 -36.30
N ASP C 56 -2.26 -22.29 -35.96
CA ASP C 56 -3.19 -23.32 -36.50
C ASP C 56 -4.62 -22.96 -36.09
N ALA C 57 -4.81 -22.51 -34.85
CA ALA C 57 -6.10 -21.98 -34.33
C ALA C 57 -6.48 -20.70 -35.09
N GLY C 58 -5.48 -19.95 -35.55
CA GLY C 58 -5.65 -18.71 -36.33
C GLY C 58 -5.84 -17.51 -35.43
N ALA C 59 -5.27 -17.56 -34.22
CA ALA C 59 -5.41 -16.54 -33.15
C ALA C 59 -4.72 -15.24 -33.59
N THR C 60 -5.39 -14.11 -33.38
CA THR C 60 -4.88 -12.74 -33.64
C THR C 60 -4.41 -12.10 -32.33
N ARG C 61 -4.58 -12.80 -31.20
CA ARG C 61 -4.09 -12.41 -29.85
C ARG C 61 -3.31 -13.58 -29.24
N ILE C 62 -2.01 -13.39 -28.97
CA ILE C 62 -1.13 -14.35 -28.23
C ILE C 62 -0.55 -13.63 -27.01
N ASP C 63 -0.73 -14.23 -25.83
CA ASP C 63 -0.10 -13.79 -24.55
C ASP C 63 0.70 -14.96 -23.97
N ILE C 64 2.01 -14.79 -23.79
CA ILE C 64 2.95 -15.84 -23.33
C ILE C 64 3.41 -15.49 -21.91
N ASP C 65 3.22 -16.42 -20.96
CA ASP C 65 3.61 -16.27 -19.53
C ASP C 65 4.82 -17.17 -19.25
N ILE C 66 5.76 -16.62 -18.47
CA ILE C 66 7.03 -17.32 -18.15
C ILE C 66 7.30 -17.19 -16.65
N GLU C 67 7.71 -18.26 -15.99
CA GLU C 67 8.09 -18.29 -14.55
C GLU C 67 9.47 -18.95 -14.40
N ARG C 68 10.35 -18.34 -13.57
CA ARG C 68 11.70 -18.89 -13.29
C ARG C 68 12.47 -19.16 -14.60
N GLY C 69 12.57 -18.14 -15.45
CA GLY C 69 13.34 -18.28 -16.71
C GLY C 69 12.53 -19.02 -17.76
N GLY C 70 11.25 -19.29 -17.48
CA GLY C 70 10.38 -19.98 -18.44
C GLY C 70 10.31 -21.47 -18.17
N ALA C 71 10.75 -21.91 -16.99
CA ALA C 71 10.79 -23.37 -16.74
C ALA C 71 9.51 -23.81 -16.01
N LYS C 72 9.03 -23.02 -15.05
CA LYS C 72 7.88 -23.43 -14.19
C LYS C 72 6.54 -23.22 -14.90
N LEU C 73 6.39 -22.13 -15.66
CA LEU C 73 5.12 -21.77 -16.37
C LEU C 73 5.41 -21.38 -17.82
N ILE C 74 4.64 -21.92 -18.76
CA ILE C 74 4.61 -21.49 -20.20
C ILE C 74 3.15 -21.39 -20.65
N ARG C 75 2.41 -20.42 -20.11
CA ARG C 75 0.96 -20.20 -20.40
C ARG C 75 0.82 -19.33 -21.66
N ILE C 76 0.21 -19.87 -22.72
CA ILE C 76 -0.22 -19.13 -23.93
C ILE C 76 -1.76 -19.22 -24.02
N ARG C 77 -2.43 -18.06 -23.97
CA ARG C 77 -3.89 -17.92 -24.23
C ARG C 77 -4.07 -17.37 -25.65
N ASP C 78 -4.96 -17.98 -26.44
CA ASP C 78 -5.21 -17.61 -27.86
C ASP C 78 -6.72 -17.47 -28.07
N ASN C 79 -7.11 -16.60 -29.03
CA ASN C 79 -8.53 -16.27 -29.34
C ASN C 79 -8.93 -16.93 -30.68
N GLY C 80 -8.17 -17.93 -31.13
CA GLY C 80 -8.47 -18.59 -32.42
C GLY C 80 -9.60 -19.59 -32.31
N SER C 81 -9.62 -20.59 -33.20
CA SER C 81 -10.65 -21.65 -33.12
C SER C 81 -10.48 -22.42 -31.82
N GLY C 82 -11.59 -22.71 -31.14
CA GLY C 82 -11.52 -23.43 -29.85
C GLY C 82 -11.77 -24.92 -30.04
N ILE C 83 -10.75 -25.75 -29.83
CA ILE C 83 -10.91 -27.22 -30.04
C ILE C 83 -11.96 -27.75 -29.04
N LYS C 84 -12.83 -28.65 -29.50
CA LYS C 84 -13.95 -29.23 -28.71
C LYS C 84 -13.40 -30.08 -27.56
N LYS C 85 -14.23 -30.33 -26.55
CA LYS C 85 -13.90 -31.12 -25.33
C LYS C 85 -13.40 -32.52 -25.72
N ASP C 86 -13.93 -33.08 -26.80
CA ASP C 86 -13.46 -34.36 -27.41
C ASP C 86 -12.07 -34.13 -28.02
N GLU C 87 -11.89 -33.02 -28.76
CA GLU C 87 -10.62 -32.64 -29.42
C GLU C 87 -9.56 -32.29 -28.38
N LEU C 88 -9.98 -31.84 -27.18
CA LEU C 88 -9.08 -31.57 -26.02
C LEU C 88 -8.58 -32.91 -25.45
N ALA C 89 -9.47 -33.92 -25.37
CA ALA C 89 -9.21 -35.25 -24.77
C ALA C 89 -8.18 -36.03 -25.63
N LEU C 90 -8.31 -35.97 -26.96
CA LEU C 90 -7.41 -36.71 -27.89
C LEU C 90 -6.08 -35.97 -28.05
N ALA C 91 -6.07 -34.64 -27.91
CA ALA C 91 -4.84 -33.80 -27.91
C ALA C 91 -4.03 -34.08 -26.64
N LEU C 92 -4.72 -34.34 -25.52
CA LEU C 92 -4.11 -34.72 -24.21
C LEU C 92 -3.48 -36.11 -24.34
N ALA C 93 -4.20 -37.07 -24.93
CA ALA C 93 -3.80 -38.49 -25.09
C ALA C 93 -2.53 -38.59 -25.93
N ARG C 115 -1.48 -31.89 -34.81
CA ARG C 115 -1.00 -30.96 -33.76
C ARG C 115 -1.37 -31.48 -32.36
N GLY C 116 -2.51 -32.19 -32.23
CA GLY C 116 -2.95 -32.83 -30.98
C GLY C 116 -1.90 -33.75 -30.38
N GLU C 117 -1.16 -34.48 -31.23
CA GLU C 117 -0.12 -35.45 -30.80
C GLU C 117 1.07 -34.71 -30.18
N ALA C 118 1.44 -33.55 -30.74
CA ALA C 118 2.53 -32.68 -30.23
C ALA C 118 2.17 -32.12 -28.84
N LEU C 119 0.87 -31.86 -28.61
CA LEU C 119 0.34 -31.43 -27.28
C LEU C 119 0.43 -32.60 -26.30
N ALA C 120 0.14 -33.83 -26.76
CA ALA C 120 0.24 -35.09 -25.98
C ALA C 120 1.70 -35.32 -25.55
N SER C 121 2.66 -34.97 -26.42
CA SER C 121 4.12 -35.12 -26.17
C SER C 121 4.54 -34.22 -24.99
N ILE C 122 4.06 -32.99 -24.95
CA ILE C 122 4.45 -32.06 -23.84
C ILE C 122 3.66 -32.47 -22.59
N SER C 123 2.44 -32.97 -22.78
CA SER C 123 1.61 -33.43 -21.63
C SER C 123 2.26 -34.64 -20.93
N SER C 124 2.86 -35.57 -21.68
CA SER C 124 3.59 -36.69 -21.01
C SER C 124 4.84 -36.17 -20.29
N VAL C 125 5.64 -35.33 -20.94
CA VAL C 125 6.91 -34.82 -20.33
C VAL C 125 6.63 -33.90 -19.15
N SER C 126 5.66 -32.97 -19.27
CA SER C 126 5.33 -31.94 -18.26
C SER C 126 3.87 -32.09 -17.86
N ARG C 127 3.38 -31.46 -16.80
CA ARG C 127 1.93 -31.46 -16.48
C ARG C 127 1.26 -30.31 -17.24
N LEU C 128 1.10 -30.46 -18.56
CA LEU C 128 0.51 -29.39 -19.39
C LEU C 128 -0.99 -29.30 -19.15
N THR C 129 -1.48 -28.12 -18.75
CA THR C 129 -2.94 -27.91 -18.59
C THR C 129 -3.44 -27.05 -19.76
N LEU C 130 -4.30 -27.61 -20.61
CA LEU C 130 -4.86 -26.91 -21.80
C LEU C 130 -6.37 -26.76 -21.65
N THR C 131 -6.84 -25.50 -21.62
CA THR C 131 -8.28 -25.13 -21.53
C THR C 131 -8.66 -24.41 -22.83
N SER C 132 -9.68 -24.91 -23.52
CA SER C 132 -10.18 -24.37 -24.81
C SER C 132 -11.71 -24.25 -24.77
N ARG C 133 -12.25 -23.05 -25.02
CA ARG C 133 -13.70 -22.81 -25.21
C ARG C 133 -14.02 -22.92 -26.71
N THR C 134 -15.03 -23.72 -27.05
CA THR C 134 -15.53 -23.94 -28.43
C THR C 134 -16.25 -22.68 -28.90
N ALA C 135 -16.31 -22.43 -30.20
CA ALA C 135 -17.05 -21.31 -30.82
C ALA C 135 -18.52 -21.39 -30.42
N GLU C 136 -19.08 -22.60 -30.40
CA GLU C 136 -20.39 -22.94 -29.78
C GLU C 136 -20.35 -22.54 -28.31
N GLN C 137 -21.28 -21.69 -27.86
CA GLN C 137 -21.37 -21.24 -26.44
C GLN C 137 -21.31 -22.47 -25.53
N GLN C 138 -20.30 -22.51 -24.66
CA GLN C 138 -19.92 -23.71 -23.86
C GLN C 138 -18.89 -23.28 -22.80
N GLU C 139 -18.88 -23.96 -21.65
CA GLU C 139 -17.75 -23.89 -20.69
C GLU C 139 -16.49 -24.41 -21.39
N ALA C 140 -15.36 -23.71 -21.27
CA ALA C 140 -14.03 -24.20 -21.68
C ALA C 140 -13.72 -25.47 -20.89
N TRP C 141 -13.01 -26.43 -21.49
CA TRP C 141 -12.69 -27.74 -20.86
C TRP C 141 -11.17 -27.84 -20.62
N GLN C 142 -10.79 -27.91 -19.34
CA GLN C 142 -9.39 -27.79 -18.84
C GLN C 142 -8.85 -29.18 -18.52
N ALA C 143 -7.87 -29.66 -19.31
CA ALA C 143 -7.23 -31.00 -19.19
C ALA C 143 -5.86 -30.85 -18.51
N TYR C 144 -5.77 -31.20 -17.22
CA TYR C 144 -4.53 -31.12 -16.41
C TYR C 144 -3.59 -32.27 -16.79
N ALA C 145 -2.32 -32.16 -16.39
CA ALA C 145 -1.23 -33.15 -16.64
C ALA C 145 -1.04 -33.32 -18.16
N VAL C 152 -4.30 -36.56 -15.42
CA VAL C 152 -4.89 -36.42 -16.80
C VAL C 152 -6.40 -36.18 -16.66
N THR C 153 -6.77 -35.05 -16.06
CA THR C 153 -8.18 -34.70 -15.69
C THR C 153 -8.70 -33.55 -16.55
N VAL C 154 -9.78 -33.80 -17.29
CA VAL C 154 -10.52 -32.79 -18.11
C VAL C 154 -11.81 -32.43 -17.37
N LYS C 155 -12.03 -31.15 -17.09
CA LYS C 155 -13.20 -30.63 -16.33
C LYS C 155 -13.51 -29.21 -16.82
N PRO C 156 -14.72 -28.65 -16.52
CA PRO C 156 -15.12 -27.35 -17.04
C PRO C 156 -14.22 -26.21 -16.56
N ALA C 157 -14.08 -25.16 -17.38
CA ALA C 157 -13.24 -23.97 -17.11
C ALA C 157 -13.87 -22.73 -17.76
N ALA C 158 -13.38 -21.54 -17.38
CA ALA C 158 -13.83 -20.22 -17.87
C ALA C 158 -12.73 -19.59 -18.74
N HIS C 159 -13.04 -19.43 -20.01
CA HIS C 159 -12.09 -18.82 -20.97
C HIS C 159 -12.89 -18.30 -22.19
N PRO C 160 -12.53 -17.20 -22.90
CA PRO C 160 -13.30 -16.74 -24.06
C PRO C 160 -13.14 -17.73 -25.21
N VAL C 161 -13.86 -17.53 -26.32
CA VAL C 161 -13.77 -18.56 -27.40
C VAL C 161 -12.29 -18.66 -27.80
N GLY C 162 -11.74 -19.86 -27.86
CA GLY C 162 -10.32 -20.01 -28.16
C GLY C 162 -9.66 -21.14 -27.38
N THR C 163 -8.32 -21.25 -27.46
CA THR C 163 -7.54 -22.32 -26.80
C THR C 163 -6.46 -21.66 -25.93
N THR C 164 -6.24 -22.16 -24.71
CA THR C 164 -5.14 -21.76 -23.80
C THR C 164 -4.28 -22.98 -23.51
N LEU C 165 -2.95 -22.85 -23.70
CA LEU C 165 -1.95 -23.92 -23.48
C LEU C 165 -1.02 -23.51 -22.33
N GLU C 166 -1.32 -23.97 -21.10
CA GLU C 166 -0.53 -23.68 -19.86
C GLU C 166 0.39 -24.88 -19.69
N VAL C 167 1.60 -24.71 -19.15
CA VAL C 167 2.59 -25.81 -18.95
C VAL C 167 3.09 -25.71 -17.51
N LEU C 168 3.24 -26.82 -16.77
CA LEU C 168 3.88 -26.82 -15.43
C LEU C 168 5.38 -27.00 -15.69
N ASP C 169 6.23 -27.25 -14.68
CA ASP C 169 7.68 -27.36 -14.95
C ASP C 169 7.86 -28.24 -16.17
N LEU C 170 8.39 -27.69 -17.27
CA LEU C 170 8.54 -28.43 -18.55
C LEU C 170 9.15 -29.79 -18.24
N PHE C 171 10.15 -29.84 -17.34
CA PHE C 171 10.87 -31.09 -16.98
C PHE C 171 10.18 -31.75 -15.78
N TYR C 172 8.99 -32.32 -15.92
CA TYR C 172 8.31 -33.04 -14.80
C TYR C 172 9.01 -34.40 -14.61
N ASN C 173 9.62 -35.00 -15.65
CA ASN C 173 10.22 -36.36 -15.54
C ASN C 173 11.58 -36.43 -16.27
N THR C 174 12.38 -35.35 -16.26
CA THR C 174 13.71 -35.31 -16.96
C THR C 174 14.74 -34.45 -16.20
N PRO C 175 15.51 -34.96 -15.22
CA PRO C 175 16.62 -34.19 -14.59
C PRO C 175 17.74 -33.90 -15.58
N ALA C 176 17.89 -34.67 -16.65
CA ALA C 176 18.86 -34.41 -17.75
C ALA C 176 18.48 -33.14 -18.51
N ARG C 177 17.17 -32.91 -18.76
CA ARG C 177 16.66 -31.72 -19.50
C ARG C 177 16.84 -30.46 -18.65
N ARG C 178 16.85 -30.60 -17.32
CA ARG C 178 17.13 -29.51 -16.34
C ARG C 178 18.61 -29.13 -16.42
N LYS C 179 19.48 -30.13 -16.53
CA LYS C 179 20.95 -29.97 -16.78
C LYS C 179 21.15 -29.36 -18.17
N PHE C 180 20.28 -29.69 -19.13
CA PHE C 180 20.38 -29.12 -20.51
C PHE C 180 19.90 -27.67 -20.52
N LEU C 181 19.12 -27.25 -19.52
CA LEU C 181 18.58 -25.87 -19.48
C LEU C 181 19.83 -25.01 -19.26
N ARG C 182 19.95 -23.90 -20.00
CA ARG C 182 21.16 -23.03 -19.86
C ARG C 182 20.71 -21.79 -19.07
N THR C 183 21.14 -21.70 -17.79
CA THR C 183 20.74 -20.58 -16.89
C THR C 183 19.23 -20.29 -16.79
N GLU C 184 18.86 -19.02 -16.62
CA GLU C 184 17.42 -18.64 -16.61
C GLU C 184 17.18 -17.50 -17.59
N LYS C 185 18.19 -16.65 -17.82
CA LYS C 185 17.98 -15.45 -18.68
C LYS C 185 18.41 -15.76 -20.13
N THR C 186 19.54 -16.42 -20.31
CA THR C 186 20.05 -16.76 -21.67
C THR C 186 19.01 -17.59 -22.41
N GLU C 187 18.34 -18.52 -21.72
CA GLU C 187 17.27 -19.38 -22.31
C GLU C 187 16.01 -18.54 -22.55
N PHE C 188 15.74 -17.55 -21.69
CA PHE C 188 14.63 -16.58 -21.91
C PHE C 188 14.95 -15.71 -23.14
N ASN C 189 16.22 -15.34 -23.31
CA ASN C 189 16.71 -14.58 -24.50
C ASN C 189 16.49 -15.42 -25.76
N HIS C 190 16.60 -16.75 -25.64
CA HIS C 190 16.29 -17.72 -26.72
C HIS C 190 14.77 -17.79 -26.94
N ILE C 191 13.98 -17.74 -25.86
CA ILE C 191 12.49 -17.65 -25.91
C ILE C 191 12.11 -16.35 -26.61
N ASP C 192 12.75 -15.23 -26.24
CA ASP C 192 12.53 -13.89 -26.84
C ASP C 192 12.81 -13.95 -28.35
N GLU C 193 13.93 -14.58 -28.74
CA GLU C 193 14.39 -14.71 -30.15
C GLU C 193 13.30 -15.39 -30.99
N ILE C 194 12.79 -16.55 -30.52
CA ILE C 194 11.70 -17.33 -31.19
C ILE C 194 10.47 -16.43 -31.35
N ILE C 195 10.03 -15.80 -30.25
CA ILE C 195 8.85 -14.88 -30.20
C ILE C 195 9.24 -13.75 -31.16
N ARG C 196 10.49 -13.26 -31.18
CA ARG C 196 10.91 -12.09 -32.00
C ARG C 196 10.75 -12.48 -33.47
N ARG C 197 11.25 -13.65 -33.89
CA ARG C 197 11.08 -14.18 -35.27
C ARG C 197 9.67 -14.45 -35.78
N ILE C 198 8.80 -15.06 -34.98
CA ILE C 198 7.42 -15.40 -35.44
C ILE C 198 6.61 -14.11 -35.58
N ALA C 199 6.86 -13.13 -34.69
CA ALA C 199 6.14 -11.83 -34.69
C ALA C 199 6.33 -11.12 -36.04
N LEU C 200 7.56 -11.14 -36.58
CA LEU C 200 7.90 -10.53 -37.90
C LEU C 200 7.13 -11.25 -39.01
N ALA C 201 7.15 -12.59 -39.00
CA ALA C 201 6.45 -13.47 -39.97
C ALA C 201 4.95 -13.16 -39.96
N ARG C 202 4.36 -13.01 -38.76
CA ARG C 202 2.90 -12.81 -38.55
C ARG C 202 2.68 -11.53 -37.74
N PHE C 203 2.70 -10.37 -38.41
CA PHE C 203 2.34 -9.04 -37.85
C PHE C 203 0.87 -9.03 -37.43
N ASP C 204 0.05 -9.85 -38.11
CA ASP C 204 -1.43 -9.97 -37.93
C ASP C 204 -1.78 -10.33 -36.48
N VAL C 205 -1.02 -11.22 -35.84
CA VAL C 205 -1.31 -11.74 -34.46
C VAL C 205 -0.54 -10.91 -33.44
N THR C 206 -1.27 -10.31 -32.48
CA THR C 206 -0.72 -9.60 -31.29
C THR C 206 0.07 -10.60 -30.45
N ILE C 207 1.27 -10.24 -30.00
CA ILE C 207 2.10 -11.07 -29.06
C ILE C 207 2.55 -10.20 -27.89
N ASN C 208 2.14 -10.58 -26.67
CA ASN C 208 2.54 -9.93 -25.39
C ASN C 208 3.42 -10.90 -24.60
N LEU C 209 4.69 -10.56 -24.38
CA LEU C 209 5.71 -11.41 -23.73
C LEU C 209 5.96 -10.93 -22.29
N SER C 210 5.94 -11.86 -21.33
CA SER C 210 6.16 -11.58 -19.88
C SER C 210 7.20 -12.56 -19.30
N HIS C 211 8.29 -12.04 -18.73
CA HIS C 211 9.39 -12.79 -18.09
C HIS C 211 9.20 -12.78 -16.56
N ASN C 212 9.05 -13.96 -15.96
CA ASN C 212 8.86 -14.15 -14.48
C ASN C 212 7.57 -13.43 -14.07
N GLY C 213 6.58 -13.38 -14.97
CA GLY C 213 5.28 -12.70 -14.78
C GLY C 213 5.36 -11.20 -15.02
N LYS C 214 6.48 -10.69 -15.55
CA LYS C 214 6.70 -9.25 -15.86
C LYS C 214 6.75 -9.07 -17.38
N ILE C 215 5.74 -8.40 -17.96
CA ILE C 215 5.67 -8.09 -19.42
C ILE C 215 6.96 -7.37 -19.84
N VAL C 216 7.69 -7.93 -20.82
CA VAL C 216 8.97 -7.39 -21.36
C VAL C 216 8.67 -6.64 -22.66
N ARG C 217 7.90 -7.24 -23.58
CA ARG C 217 7.65 -6.72 -24.94
C ARG C 217 6.14 -6.67 -25.23
N GLN C 218 5.70 -5.59 -25.88
CA GLN C 218 4.30 -5.33 -26.30
C GLN C 218 4.27 -5.20 -27.83
N TYR C 219 4.26 -6.34 -28.53
CA TYR C 219 4.05 -6.43 -30.00
C TYR C 219 2.54 -6.32 -30.28
N ARG C 220 2.16 -5.36 -31.12
CA ARG C 220 0.74 -4.97 -31.36
C ARG C 220 0.30 -5.44 -32.77
N ALA C 221 -0.78 -6.20 -32.85
CA ALA C 221 -1.39 -6.71 -34.11
C ALA C 221 -1.52 -5.56 -35.11
N VAL C 222 -0.93 -5.69 -36.29
CA VAL C 222 -0.93 -4.66 -37.36
C VAL C 222 -1.96 -5.06 -38.41
N PRO C 223 -2.97 -4.20 -38.69
CA PRO C 223 -3.91 -4.46 -39.78
C PRO C 223 -3.22 -4.22 -41.13
N GLU C 224 -3.74 -4.82 -42.21
CA GLU C 224 -3.20 -4.65 -43.59
C GLU C 224 -3.29 -3.16 -43.96
N GLY C 225 -2.15 -2.53 -44.27
CA GLY C 225 -2.03 -1.08 -44.50
C GLY C 225 -1.61 -0.35 -43.24
N GLY C 226 -1.60 -1.03 -42.09
CA GLY C 226 -1.12 -0.51 -40.80
C GLY C 226 0.39 -0.40 -40.77
N GLN C 227 0.94 0.24 -39.74
CA GLN C 227 2.41 0.48 -39.60
C GLN C 227 3.07 -0.82 -39.14
N LYS C 228 3.48 -1.65 -40.11
CA LYS C 228 4.26 -2.90 -39.89
C LYS C 228 5.64 -2.51 -39.33
N GLU C 229 6.14 -1.34 -39.75
CA GLU C 229 7.47 -0.77 -39.40
C GLU C 229 7.52 -0.46 -37.90
N ARG C 230 6.42 0.03 -37.32
CA ARG C 230 6.31 0.38 -35.88
C ARG C 230 6.57 -0.86 -35.04
N ARG C 231 5.82 -1.94 -35.30
CA ARG C 231 5.97 -3.25 -34.61
C ARG C 231 7.35 -3.83 -34.91
N LEU C 232 7.76 -3.83 -36.19
CA LEU C 232 9.12 -4.21 -36.64
C LEU C 232 10.16 -3.49 -35.77
N GLY C 233 9.98 -2.18 -35.57
CA GLY C 233 10.83 -1.32 -34.72
C GLY C 233 10.84 -1.81 -33.27
N ALA C 234 9.68 -2.24 -32.75
CA ALA C 234 9.53 -2.80 -31.39
C ALA C 234 10.22 -4.16 -31.30
N ILE C 235 10.11 -4.98 -32.34
CA ILE C 235 10.64 -6.39 -32.38
C ILE C 235 12.18 -6.36 -32.38
N LEU C 236 12.79 -5.55 -33.25
CA LEU C 236 14.25 -5.57 -33.55
C LEU C 236 14.95 -4.32 -33.01
N GLY C 237 14.24 -3.48 -32.24
CA GLY C 237 14.78 -2.21 -31.69
C GLY C 237 14.69 -1.08 -32.69
N THR C 238 14.67 0.16 -32.20
CA THR C 238 14.47 1.41 -32.99
C THR C 238 15.64 1.61 -33.96
N ALA C 239 16.86 1.22 -33.55
CA ALA C 239 18.11 1.41 -34.31
C ALA C 239 18.07 0.62 -35.63
N PHE C 240 17.44 -0.56 -35.63
CA PHE C 240 17.24 -1.39 -36.86
C PHE C 240 16.30 -0.66 -37.82
N LEU C 241 15.13 -0.23 -37.31
CA LEU C 241 14.07 0.46 -38.08
C LEU C 241 14.65 1.68 -38.81
N GLU C 242 15.47 2.47 -38.13
CA GLU C 242 16.12 3.70 -38.67
C GLU C 242 17.01 3.31 -39.86
N GLN C 243 17.88 2.31 -39.65
CA GLN C 243 18.80 1.77 -40.70
C GLN C 243 17.99 1.05 -41.78
N ALA C 244 16.92 0.35 -41.40
CA ALA C 244 16.07 -0.48 -42.29
C ALA C 244 15.46 0.38 -43.41
N LEU C 245 15.71 0.00 -44.66
CA LEU C 245 15.13 0.61 -45.89
C LEU C 245 14.11 -0.39 -46.46
N ALA C 246 12.85 0.03 -46.60
CA ALA C 246 11.74 -0.82 -47.11
C ALA C 246 12.08 -1.35 -48.50
N ILE C 247 12.19 -2.68 -48.60
CA ILE C 247 12.54 -3.35 -49.90
C ILE C 247 11.39 -4.26 -50.33
N GLU C 248 10.72 -3.91 -51.42
CA GLU C 248 9.60 -4.68 -52.03
C GLU C 248 9.90 -4.87 -53.52
N TRP C 249 10.43 -6.05 -53.89
CA TRP C 249 10.92 -6.39 -55.25
C TRP C 249 10.12 -7.58 -55.80
N GLN C 250 9.44 -7.43 -56.94
CA GLN C 250 8.72 -8.58 -57.58
C GLN C 250 9.28 -8.80 -58.99
N HIS C 251 9.96 -9.93 -59.23
CA HIS C 251 10.47 -10.31 -60.57
C HIS C 251 9.55 -11.41 -61.11
N GLY C 252 8.57 -11.08 -61.96
CA GLY C 252 7.59 -12.05 -62.47
C GLY C 252 6.79 -12.71 -61.34
N ASP C 253 6.89 -14.03 -61.15
CA ASP C 253 6.13 -14.78 -60.11
C ASP C 253 6.74 -14.54 -58.73
N LEU C 254 8.06 -14.30 -58.68
CA LEU C 254 8.84 -14.18 -57.41
C LEU C 254 8.50 -12.81 -56.77
N THR C 255 7.97 -12.83 -55.54
CA THR C 255 7.48 -11.62 -54.81
C THR C 255 8.21 -11.49 -53.47
N LEU C 256 9.04 -10.45 -53.33
CA LEU C 256 9.83 -10.14 -52.11
C LEU C 256 9.29 -8.86 -51.46
N ARG C 257 8.99 -8.92 -50.16
CA ARG C 257 8.53 -7.77 -49.32
C ARG C 257 9.31 -7.81 -47.99
N GLY C 258 9.74 -6.65 -47.49
CA GLY C 258 10.43 -6.54 -46.19
C GLY C 258 11.26 -5.27 -46.06
N TRP C 259 12.24 -5.29 -45.15
CA TRP C 259 13.14 -4.16 -44.82
C TRP C 259 14.58 -4.65 -44.67
N VAL C 260 15.54 -3.93 -45.27
CA VAL C 260 16.99 -4.25 -45.20
C VAL C 260 17.74 -3.05 -44.63
N ALA C 261 18.49 -3.23 -43.54
CA ALA C 261 19.26 -2.18 -42.85
C ALA C 261 20.37 -1.65 -43.76
N ASP C 262 20.61 -0.34 -43.73
CA ASP C 262 21.62 0.36 -44.59
C ASP C 262 23.02 -0.07 -44.16
N PRO C 263 23.82 -0.69 -45.06
CA PRO C 263 25.10 -1.31 -44.67
C PRO C 263 26.14 -0.38 -44.02
N ASN C 264 26.25 0.87 -44.50
CA ASN C 264 27.32 1.82 -44.10
C ASN C 264 27.22 2.15 -42.60
N HIS C 265 26.01 2.41 -42.10
CA HIS C 265 25.75 2.86 -40.70
C HIS C 265 25.14 1.72 -39.86
N THR C 266 25.03 0.51 -40.42
CA THR C 266 24.51 -0.70 -39.71
C THR C 266 25.44 -1.03 -38.54
N THR C 267 24.89 -1.17 -37.33
CA THR C 267 25.62 -1.55 -36.10
C THR C 267 25.78 -3.08 -36.11
N PRO C 268 26.75 -3.66 -35.37
CA PRO C 268 26.95 -5.11 -35.36
C PRO C 268 25.70 -5.90 -34.95
N ALA C 269 24.96 -5.41 -33.96
CA ALA C 269 23.72 -6.03 -33.43
C ALA C 269 22.63 -6.06 -34.49
N LEU C 270 22.55 -5.02 -35.34
CA LEU C 270 21.61 -4.94 -36.48
C LEU C 270 22.04 -5.93 -37.56
N ALA C 271 23.36 -6.04 -37.78
CA ALA C 271 24.00 -6.98 -38.75
C ALA C 271 23.73 -8.43 -38.34
N GLU C 272 23.67 -8.71 -37.04
CA GLU C 272 23.33 -10.05 -36.48
C GLU C 272 21.86 -10.37 -36.79
N ILE C 273 20.98 -9.36 -36.74
CA ILE C 273 19.53 -9.48 -37.05
C ILE C 273 19.37 -9.58 -38.58
N GLN C 274 19.24 -10.80 -39.09
CA GLN C 274 19.05 -11.11 -40.53
C GLN C 274 18.06 -12.26 -40.67
N TYR C 275 16.80 -12.02 -40.28
CA TYR C 275 15.72 -13.04 -40.19
C TYR C 275 14.94 -13.07 -41.50
N PHE C 276 15.28 -14.03 -42.36
CA PHE C 276 14.68 -14.22 -43.72
C PHE C 276 13.54 -15.23 -43.63
N TYR C 277 12.34 -14.81 -44.03
CA TYR C 277 11.10 -15.62 -44.00
C TYR C 277 10.66 -15.94 -45.43
N VAL C 278 10.59 -17.23 -45.76
CA VAL C 278 10.11 -17.75 -47.07
C VAL C 278 8.71 -18.34 -46.85
N ASN C 279 7.68 -17.69 -47.42
CA ASN C 279 6.24 -18.06 -47.27
C ASN C 279 5.84 -17.96 -45.80
N GLY C 280 6.37 -16.95 -45.08
CA GLY C 280 6.09 -16.71 -43.65
C GLY C 280 6.64 -17.81 -42.76
N ARG C 281 7.72 -18.47 -43.18
CA ARG C 281 8.48 -19.49 -42.40
C ARG C 281 9.95 -19.08 -42.38
N MET C 282 10.52 -18.90 -41.18
CA MET C 282 11.94 -18.47 -40.97
C MET C 282 12.88 -19.51 -41.60
N MET C 283 13.72 -19.08 -42.54
CA MET C 283 14.74 -19.92 -43.22
C MET C 283 16.09 -19.19 -43.25
N ARG C 284 17.15 -19.81 -42.73
CA ARG C 284 18.53 -19.29 -42.77
C ARG C 284 19.37 -20.15 -43.71
N ASP C 285 19.94 -19.55 -44.76
CA ASP C 285 20.87 -20.19 -45.72
C ASP C 285 22.16 -19.34 -45.80
N ARG C 286 23.31 -19.96 -45.55
CA ARG C 286 24.65 -19.31 -45.60
C ARG C 286 24.88 -18.66 -46.97
N LEU C 287 24.44 -19.33 -48.04
CA LEU C 287 24.59 -18.85 -49.44
C LEU C 287 23.71 -17.62 -49.68
N ILE C 288 22.48 -17.63 -49.17
CA ILE C 288 21.56 -16.45 -49.21
C ILE C 288 22.20 -15.30 -48.44
N ASN C 289 22.73 -15.59 -47.23
CA ASN C 289 23.47 -14.62 -46.39
C ASN C 289 24.67 -14.09 -47.20
N HIS C 290 25.44 -14.97 -47.83
CA HIS C 290 26.62 -14.65 -48.68
C HIS C 290 26.23 -13.71 -49.82
N ALA C 291 25.07 -13.94 -50.44
CA ALA C 291 24.52 -13.13 -51.56
C ALA C 291 24.20 -11.72 -51.07
N ILE C 292 23.60 -11.58 -49.88
CA ILE C 292 23.27 -10.28 -49.24
C ILE C 292 24.59 -9.63 -48.76
N ARG C 293 25.51 -10.46 -48.25
CA ARG C 293 26.85 -10.03 -47.75
C ARG C 293 27.68 -9.51 -48.92
N GLN C 294 27.58 -10.14 -50.09
CA GLN C 294 28.23 -9.71 -51.36
C GLN C 294 27.70 -8.32 -51.74
N ALA C 295 26.38 -8.13 -51.69
CA ALA C 295 25.68 -6.87 -52.02
C ALA C 295 26.10 -5.77 -51.03
N TYR C 296 26.29 -6.14 -49.75
CA TYR C 296 26.83 -5.26 -48.68
C TYR C 296 28.28 -4.89 -49.00
N GLU C 297 29.05 -5.86 -49.51
CA GLU C 297 30.48 -5.70 -49.88
C GLU C 297 30.60 -4.90 -51.18
N ASP C 298 29.54 -4.88 -51.99
CA ASP C 298 29.55 -4.08 -53.25
C ASP C 298 29.37 -2.61 -52.90
N LYS C 299 28.41 -2.29 -52.03
CA LYS C 299 28.14 -0.90 -51.59
C LYS C 299 29.46 -0.27 -51.14
N LEU C 300 30.11 -0.84 -50.11
CA LEU C 300 31.36 -0.27 -49.52
C LEU C 300 32.35 -1.40 -49.26
N GLY C 301 33.65 -1.10 -49.25
CA GLY C 301 34.71 -2.11 -49.05
C GLY C 301 34.51 -2.95 -47.81
N ALA C 302 34.18 -2.35 -46.65
CA ALA C 302 34.09 -3.13 -45.39
C ALA C 302 33.03 -4.24 -45.54
N ASP C 303 33.34 -5.43 -45.02
CA ASP C 303 32.41 -6.58 -45.16
C ASP C 303 31.72 -6.85 -43.83
N GLN C 304 30.53 -6.28 -43.63
CA GLN C 304 29.76 -6.49 -42.37
C GLN C 304 28.65 -7.52 -42.64
N GLN C 305 28.16 -8.20 -41.59
CA GLN C 305 27.12 -9.24 -41.69
C GLN C 305 25.87 -8.62 -42.31
N PRO C 306 25.20 -9.32 -43.26
CA PRO C 306 23.98 -8.80 -43.89
C PRO C 306 22.84 -8.70 -42.85
N ALA C 307 22.09 -7.60 -42.89
CA ALA C 307 20.94 -7.30 -42.01
C ALA C 307 19.69 -7.13 -42.86
N PHE C 308 18.87 -8.19 -42.97
CA PHE C 308 17.68 -8.25 -43.87
C PHE C 308 16.56 -9.06 -43.22
N VAL C 309 15.35 -8.47 -43.18
CA VAL C 309 14.06 -9.14 -42.82
C VAL C 309 13.15 -9.06 -44.04
N LEU C 310 12.87 -10.20 -44.68
CA LEU C 310 12.15 -10.29 -45.98
C LEU C 310 11.14 -11.43 -45.96
N TYR C 311 10.08 -11.31 -46.77
CA TYR C 311 8.99 -12.31 -46.96
C TYR C 311 8.86 -12.62 -48.46
N LEU C 312 9.35 -13.79 -48.87
CA LEU C 312 9.47 -14.22 -50.29
C LEU C 312 8.62 -15.48 -50.51
N GLU C 313 7.89 -15.52 -51.64
CA GLU C 313 7.00 -16.66 -52.02
C GLU C 313 7.61 -17.36 -53.25
N ILE C 314 8.23 -18.53 -53.06
CA ILE C 314 8.92 -19.32 -54.12
C ILE C 314 8.81 -20.81 -53.76
N SER C 335 14.29 -22.61 -57.10
CA SER C 335 14.74 -22.17 -55.75
C SER C 335 16.12 -21.51 -55.83
N ARG C 336 17.04 -22.05 -56.62
CA ARG C 336 18.43 -21.54 -56.78
C ARG C 336 18.45 -20.34 -57.74
N LEU C 337 17.56 -20.31 -58.75
CA LEU C 337 17.42 -19.20 -59.72
C LEU C 337 16.82 -17.99 -58.98
N VAL C 338 15.93 -18.27 -58.03
CA VAL C 338 15.34 -17.27 -57.08
C VAL C 338 16.51 -16.58 -56.36
N HIS C 339 17.36 -17.36 -55.69
CA HIS C 339 18.55 -16.87 -54.95
C HIS C 339 19.37 -15.92 -55.83
N ASP C 340 19.52 -16.22 -57.14
CA ASP C 340 20.25 -15.32 -58.08
C ASP C 340 19.50 -13.99 -58.15
N PHE C 341 18.17 -13.99 -58.10
CA PHE C 341 17.32 -12.77 -58.13
C PHE C 341 17.01 -12.28 -56.70
N ILE C 342 17.47 -12.97 -55.65
CA ILE C 342 17.40 -12.44 -54.26
C ILE C 342 18.60 -11.49 -54.22
N TYR C 343 19.71 -11.83 -54.84
CA TYR C 343 20.95 -10.99 -54.86
C TYR C 343 20.67 -9.71 -55.65
N GLN C 344 20.22 -9.85 -56.90
CA GLN C 344 19.97 -8.72 -57.84
C GLN C 344 18.82 -7.86 -57.31
N GLY C 345 17.74 -8.50 -56.84
CA GLY C 345 16.54 -7.83 -56.28
C GLY C 345 16.88 -6.98 -55.07
N VAL C 346 17.75 -7.49 -54.19
CA VAL C 346 18.22 -6.79 -52.96
C VAL C 346 19.22 -5.69 -53.36
N LEU C 347 20.16 -6.01 -54.26
CA LEU C 347 21.25 -5.10 -54.73
C LEU C 347 20.63 -3.82 -55.33
N SER C 348 19.60 -3.98 -56.17
CA SER C 348 18.91 -2.88 -56.90
C SER C 348 18.26 -1.91 -55.90
N VAL C 349 17.64 -2.42 -54.84
CA VAL C 349 17.00 -1.61 -53.77
C VAL C 349 18.11 -0.96 -52.91
N LEU C 350 19.13 -1.74 -52.53
CA LEU C 350 20.27 -1.27 -51.70
C LEU C 350 20.97 -0.09 -52.40
N GLN C 351 21.25 -0.23 -53.70
CA GLN C 351 21.89 0.82 -54.55
C GLN C 351 20.80 1.53 -55.37
PG ANP F . -18.65 -12.24 -3.27
O1G ANP F . -18.57 -13.34 -2.26
O2G ANP F . -19.96 -11.58 -2.96
O3G ANP F . -17.53 -11.27 -2.99
PB ANP F . -18.79 -12.02 -6.15
O1B ANP F . -19.18 -12.73 -7.42
O2B ANP F . -19.79 -11.03 -5.64
N3B ANP F . -18.47 -12.86 -4.77
PA ANP F . -16.22 -11.37 -7.54
O1A ANP F . -16.82 -11.94 -8.78
O2A ANP F . -15.66 -10.01 -7.61
O3A ANP F . -17.34 -11.37 -6.38
O5' ANP F . -15.10 -12.40 -7.02
C5' ANP F . -13.76 -12.29 -7.61
C4' ANP F . -13.29 -13.64 -8.12
O4' ANP F . -13.88 -13.92 -9.41
C3' ANP F . -11.78 -13.78 -8.36
O3' ANP F . -11.37 -15.13 -8.24
C2' ANP F . -11.65 -13.28 -9.80
O2' ANP F . -10.48 -13.78 -10.44
C1' ANP F . -12.91 -13.86 -10.43
N9 ANP F . -13.46 -13.07 -11.53
C8 ANP F . -14.45 -12.14 -11.44
N7 ANP F . -14.78 -11.62 -12.61
C5 ANP F . -13.93 -12.27 -13.51
C6 ANP F . -13.81 -12.17 -14.91
N6 ANP F . -14.55 -11.37 -15.66
N1 ANP F . -12.89 -12.97 -15.50
C2 ANP F . -12.16 -13.79 -14.73
N3 ANP F . -12.20 -13.97 -13.42
C4 ANP F . -13.12 -13.17 -12.86
PG ANP G . -23.16 -7.54 12.79
O1G ANP G . -23.61 -8.93 13.12
O2G ANP G . -22.00 -7.63 11.82
O3G ANP G . -24.30 -6.82 12.10
PB ANP G . -23.69 -6.24 15.33
O1B ANP G . -25.11 -6.62 15.06
O2B ANP G . -23.16 -6.44 16.72
N3B ANP G . -22.70 -6.74 14.14
PA ANP G . -22.28 -3.72 15.73
O1A ANP G . -21.00 -4.51 15.64
O2A ANP G . -22.34 -2.42 14.99
O3A ANP G . -23.47 -4.66 15.21
O5' ANP G . -22.67 -3.50 17.26
C5' ANP G . -23.73 -2.57 17.63
C4' ANP G . -23.17 -1.27 18.15
O4' ANP G . -23.58 -1.13 19.54
C3' ANP G . -21.65 -1.04 18.17
O3' ANP G . -21.36 0.32 17.89
C2' ANP G . -21.28 -1.41 19.60
O2' ANP G . -20.04 -0.85 19.98
C1' ANP G . -22.48 -0.80 20.35
N9 ANP G . -22.73 -1.28 21.72
C8 ANP G . -22.31 -2.44 22.32
N7 ANP G . -22.70 -2.54 23.57
C5 ANP G . -23.41 -1.38 23.81
C6 ANP G . -24.08 -0.88 24.94
N6 ANP G . -24.12 -1.52 26.11
N1 ANP G . -24.68 0.32 24.83
C2 ANP G . -24.61 0.97 23.67
N3 ANP G . -24.03 0.59 22.53
C4 ANP G . -23.45 -0.60 22.67
#